data_8DOT
# 
_entry.id   8DOT 
# 
_audit_conform.dict_name       mmcif_pdbx.dic 
_audit_conform.dict_version    5.379 
_audit_conform.dict_location   http://mmcif.pdb.org/dictionaries/ascii/mmcif_pdbx.dic 
# 
loop_
_database_2.database_id 
_database_2.database_code 
_database_2.pdbx_database_accession 
_database_2.pdbx_DOI 
PDB   8DOT         pdb_00008dot 10.2210/pdb8dot/pdb 
WWPDB D_1000267090 ?            ?                   
# 
_pdbx_database_status.status_code                     REL 
_pdbx_database_status.status_code_sf                  REL 
_pdbx_database_status.status_code_mr                  ? 
_pdbx_database_status.entry_id                        8DOT 
_pdbx_database_status.recvd_initial_deposition_date   2022-07-14 
_pdbx_database_status.SG_entry                        N 
_pdbx_database_status.deposit_site                    RCSB 
_pdbx_database_status.process_site                    RCSB 
_pdbx_database_status.status_code_cs                  ? 
_pdbx_database_status.status_code_nmr_data            ? 
_pdbx_database_status.methods_development_category    ? 
_pdbx_database_status.pdb_format_compatible           Y 
# 
loop_
_audit_author.name 
_audit_author.pdbx_ordinal 
_audit_author.identifier_ORCID 
'Huard, D.J.E.'   1 0000-0003-0891-4360 
'Lieberman, R.L.' 2 0000-0001-9345-3735 
'Glass, J.B.'     3 0000-0003-0775-2486 
# 
_citation.abstract                  ? 
_citation.abstract_id_CAS           ? 
_citation.book_id_ISBN              ? 
_citation.book_publisher            ? 
_citation.book_publisher_city       ? 
_citation.book_title                ? 
_citation.coordinate_linkage        ? 
_citation.country                   UK 
_citation.database_id_Medline       ? 
_citation.details                   ? 
_citation.id                        primary 
_citation.journal_abbrev            'Pnas Nexus' 
_citation.journal_id_ASTM           ? 
_citation.journal_id_CSD            ? 
_citation.journal_id_ISSN           2752-6542 
_citation.journal_full              ? 
_citation.journal_issue             ? 
_citation.journal_volume            2 
_citation.language                  ? 
_citation.page_first                pgad268 
_citation.page_last                 pgad268 
_citation.title                     
'Molecular basis for inhibition of methane clathrate growth by a deep subsurface bacterial protein.' 
_citation.year                      2023 
_citation.database_id_CSD           ? 
_citation.pdbx_database_id_DOI      10.1093/pnasnexus/pgad268 
_citation.pdbx_database_id_PubMed   37644917 
_citation.pdbx_database_id_patent   ? 
_citation.unpublished_flag          ? 
# 
loop_
_citation_author.citation_id 
_citation_author.name 
_citation_author.ordinal 
_citation_author.identifier_ORCID 
primary 'Huard, D.J.E.'   1  0000-0003-0891-4360 
primary 'Johnson, A.M.'   2  0000-0002-6264-1108 
primary 'Fan, Z.'         3  0000-0001-9157-4613 
primary 'Kenney, L.G.'    4  0000-0002-2580-2056 
primary 'Xu, M.'          5  0000-0002-6949-1181 
primary 'Drori, R.'       6  0000-0002-6436-5602 
primary 'Gumbart, J.C.'   7  0000-0002-1510-7842 
primary 'Dai, S.'         8  0000-0003-0221-3993 
primary 'Lieberman, R.L.' 9  0000-0001-9345-3735 
primary 'Glass, J.B.'     10 0000-0003-0775-2486 
# 
_cell.angle_alpha                  90.000 
_cell.angle_alpha_esd              ? 
_cell.angle_beta                   90.000 
_cell.angle_beta_esd               ? 
_cell.angle_gamma                  90.000 
_cell.angle_gamma_esd              ? 
_cell.entry_id                     8DOT 
_cell.details                      ? 
_cell.formula_units_Z              ? 
_cell.length_a                     79.050 
_cell.length_a_esd                 ? 
_cell.length_b                     79.050 
_cell.length_b_esd                 ? 
_cell.length_c                     109.100 
_cell.length_c_esd                 ? 
_cell.volume                       681755.263 
_cell.volume_esd                   ? 
_cell.Z_PDB                        8 
_cell.reciprocal_angle_alpha       ? 
_cell.reciprocal_angle_beta        ? 
_cell.reciprocal_angle_gamma       ? 
_cell.reciprocal_angle_alpha_esd   ? 
_cell.reciprocal_angle_beta_esd    ? 
_cell.reciprocal_angle_gamma_esd   ? 
_cell.reciprocal_length_a          ? 
_cell.reciprocal_length_b          ? 
_cell.reciprocal_length_c          ? 
_cell.reciprocal_length_a_esd      ? 
_cell.reciprocal_length_b_esd      ? 
_cell.reciprocal_length_c_esd      ? 
_cell.pdbx_unique_axis             ? 
_cell.pdbx_esd_method              ? 
# 
_symmetry.entry_id                         8DOT 
_symmetry.cell_setting                     ? 
_symmetry.Int_Tables_number                96 
_symmetry.space_group_name_Hall            'P 4nw 2abw' 
_symmetry.space_group_name_H-M             'P 43 21 2' 
_symmetry.pdbx_full_space_group_name_H-M   ? 
# 
loop_
_entity.id 
_entity.type 
_entity.src_method 
_entity.pdbx_description 
_entity.formula_weight 
_entity.pdbx_number_of_molecules 
_entity.pdbx_ec 
_entity.pdbx_mutation 
_entity.pdbx_fragment 
_entity.details 
1 polymer     man 'methane clathrate binding protein' 47183.254 1 ? ? ? ? 
2 non-polymer syn 'TETRAETHYLENE GLYCOL'              194.226   1 ? ? ? ? 
# 
_entity_poly.entity_id                      1 
_entity_poly.type                           'polypeptide(L)' 
_entity_poly.nstd_linkage                   no 
_entity_poly.nstd_monomer                   no 
_entity_poly.pdbx_seq_one_letter_code       
;MAEQSVTLQPGESKVVSFEATPHEARAYQVSVDGLTGSFEAIGATVAEIEAAAELEAEAAQAEAAQIAAEAAASPWALTA
EELAAYRETIGGVLTAAGIPVIPGIEGAISKSEIIALIQTTTGLENIWEQYAAYENAPRIDPTGLSEEAAARARMLNMMR
QAASSRSILVRAASAIFIAQQQAGLPFETVKQIIDRLNAEAKADPDSTAGQVRRDYVEQTAAQQAAAWTARNLEWATYLA
KVRGITVAEVTAAYAANAARHGGYYQFELHPPPPPYIPPEAAQIAEEAAAAQAEAARAAQAEAEAAQAAQEAAAAQAEAE
AAQIAAKAEAAQSEAARAAAAQATAEAKARAERVAAEMAAVREAAQRAEEAAAAAQAEAARAAAAQATAEAKARAERVAA
EMAAVREAVQRAEAAAAAQAAAQAAAQAEAARAAAAKTQAEIEAAMKEILEKWGGARW
;
_entity_poly.pdbx_seq_one_letter_code_can   
;MAEQSVTLQPGESKVVSFEATPHEARAYQVSVDGLTGSFEAIGATVAEIEAAAELEAEAAQAEAAQIAAEAAASPWALTA
EELAAYRETIGGVLTAAGIPVIPGIEGAISKSEIIALIQTTTGLENIWEQYAAYENAPRIDPTGLSEEAAARARMLNMMR
QAASSRSILVRAASAIFIAQQQAGLPFETVKQIIDRLNAEAKADPDSTAGQVRRDYVEQTAAQQAAAWTARNLEWATYLA
KVRGITVAEVTAAYAANAARHGGYYQFELHPPPPPYIPPEAAQIAEEAAAAQAEAARAAQAEAEAAQAAQEAAAAQAEAE
AAQIAAKAEAAQSEAARAAAAQATAEAKARAERVAAEMAAVREAAQRAEEAAAAAQAEAARAAAAQATAEAKARAERVAA
EMAAVREAVQRAEAAAAAQAAAQAAAQAEAARAAAAKTQAEIEAAMKEILEKWGGARW
;
_entity_poly.pdbx_strand_id                 A 
_entity_poly.pdbx_target_identifier         ? 
# 
loop_
_entity_poly_seq.entity_id 
_entity_poly_seq.num 
_entity_poly_seq.mon_id 
_entity_poly_seq.hetero 
1 1   MET n 
1 2   ALA n 
1 3   GLU n 
1 4   GLN n 
1 5   SER n 
1 6   VAL n 
1 7   THR n 
1 8   LEU n 
1 9   GLN n 
1 10  PRO n 
1 11  GLY n 
1 12  GLU n 
1 13  SER n 
1 14  LYS n 
1 15  VAL n 
1 16  VAL n 
1 17  SER n 
1 18  PHE n 
1 19  GLU n 
1 20  ALA n 
1 21  THR n 
1 22  PRO n 
1 23  HIS n 
1 24  GLU n 
1 25  ALA n 
1 26  ARG n 
1 27  ALA n 
1 28  TYR n 
1 29  GLN n 
1 30  VAL n 
1 31  SER n 
1 32  VAL n 
1 33  ASP n 
1 34  GLY n 
1 35  LEU n 
1 36  THR n 
1 37  GLY n 
1 38  SER n 
1 39  PHE n 
1 40  GLU n 
1 41  ALA n 
1 42  ILE n 
1 43  GLY n 
1 44  ALA n 
1 45  THR n 
1 46  VAL n 
1 47  ALA n 
1 48  GLU n 
1 49  ILE n 
1 50  GLU n 
1 51  ALA n 
1 52  ALA n 
1 53  ALA n 
1 54  GLU n 
1 55  LEU n 
1 56  GLU n 
1 57  ALA n 
1 58  GLU n 
1 59  ALA n 
1 60  ALA n 
1 61  GLN n 
1 62  ALA n 
1 63  GLU n 
1 64  ALA n 
1 65  ALA n 
1 66  GLN n 
1 67  ILE n 
1 68  ALA n 
1 69  ALA n 
1 70  GLU n 
1 71  ALA n 
1 72  ALA n 
1 73  ALA n 
1 74  SER n 
1 75  PRO n 
1 76  TRP n 
1 77  ALA n 
1 78  LEU n 
1 79  THR n 
1 80  ALA n 
1 81  GLU n 
1 82  GLU n 
1 83  LEU n 
1 84  ALA n 
1 85  ALA n 
1 86  TYR n 
1 87  ARG n 
1 88  GLU n 
1 89  THR n 
1 90  ILE n 
1 91  GLY n 
1 92  GLY n 
1 93  VAL n 
1 94  LEU n 
1 95  THR n 
1 96  ALA n 
1 97  ALA n 
1 98  GLY n 
1 99  ILE n 
1 100 PRO n 
1 101 VAL n 
1 102 ILE n 
1 103 PRO n 
1 104 GLY n 
1 105 ILE n 
1 106 GLU n 
1 107 GLY n 
1 108 ALA n 
1 109 ILE n 
1 110 SER n 
1 111 LYS n 
1 112 SER n 
1 113 GLU n 
1 114 ILE n 
1 115 ILE n 
1 116 ALA n 
1 117 LEU n 
1 118 ILE n 
1 119 GLN n 
1 120 THR n 
1 121 THR n 
1 122 THR n 
1 123 GLY n 
1 124 LEU n 
1 125 GLU n 
1 126 ASN n 
1 127 ILE n 
1 128 TRP n 
1 129 GLU n 
1 130 GLN n 
1 131 TYR n 
1 132 ALA n 
1 133 ALA n 
1 134 TYR n 
1 135 GLU n 
1 136 ASN n 
1 137 ALA n 
1 138 PRO n 
1 139 ARG n 
1 140 ILE n 
1 141 ASP n 
1 142 PRO n 
1 143 THR n 
1 144 GLY n 
1 145 LEU n 
1 146 SER n 
1 147 GLU n 
1 148 GLU n 
1 149 ALA n 
1 150 ALA n 
1 151 ALA n 
1 152 ARG n 
1 153 ALA n 
1 154 ARG n 
1 155 MET n 
1 156 LEU n 
1 157 ASN n 
1 158 MET n 
1 159 MET n 
1 160 ARG n 
1 161 GLN n 
1 162 ALA n 
1 163 ALA n 
1 164 SER n 
1 165 SER n 
1 166 ARG n 
1 167 SER n 
1 168 ILE n 
1 169 LEU n 
1 170 VAL n 
1 171 ARG n 
1 172 ALA n 
1 173 ALA n 
1 174 SER n 
1 175 ALA n 
1 176 ILE n 
1 177 PHE n 
1 178 ILE n 
1 179 ALA n 
1 180 GLN n 
1 181 GLN n 
1 182 GLN n 
1 183 ALA n 
1 184 GLY n 
1 185 LEU n 
1 186 PRO n 
1 187 PHE n 
1 188 GLU n 
1 189 THR n 
1 190 VAL n 
1 191 LYS n 
1 192 GLN n 
1 193 ILE n 
1 194 ILE n 
1 195 ASP n 
1 196 ARG n 
1 197 LEU n 
1 198 ASN n 
1 199 ALA n 
1 200 GLU n 
1 201 ALA n 
1 202 LYS n 
1 203 ALA n 
1 204 ASP n 
1 205 PRO n 
1 206 ASP n 
1 207 SER n 
1 208 THR n 
1 209 ALA n 
1 210 GLY n 
1 211 GLN n 
1 212 VAL n 
1 213 ARG n 
1 214 ARG n 
1 215 ASP n 
1 216 TYR n 
1 217 VAL n 
1 218 GLU n 
1 219 GLN n 
1 220 THR n 
1 221 ALA n 
1 222 ALA n 
1 223 GLN n 
1 224 GLN n 
1 225 ALA n 
1 226 ALA n 
1 227 ALA n 
1 228 TRP n 
1 229 THR n 
1 230 ALA n 
1 231 ARG n 
1 232 ASN n 
1 233 LEU n 
1 234 GLU n 
1 235 TRP n 
1 236 ALA n 
1 237 THR n 
1 238 TYR n 
1 239 LEU n 
1 240 ALA n 
1 241 LYS n 
1 242 VAL n 
1 243 ARG n 
1 244 GLY n 
1 245 ILE n 
1 246 THR n 
1 247 VAL n 
1 248 ALA n 
1 249 GLU n 
1 250 VAL n 
1 251 THR n 
1 252 ALA n 
1 253 ALA n 
1 254 TYR n 
1 255 ALA n 
1 256 ALA n 
1 257 ASN n 
1 258 ALA n 
1 259 ALA n 
1 260 ARG n 
1 261 HIS n 
1 262 GLY n 
1 263 GLY n 
1 264 TYR n 
1 265 TYR n 
1 266 GLN n 
1 267 PHE n 
1 268 GLU n 
1 269 LEU n 
1 270 HIS n 
1 271 PRO n 
1 272 PRO n 
1 273 PRO n 
1 274 PRO n 
1 275 PRO n 
1 276 TYR n 
1 277 ILE n 
1 278 PRO n 
1 279 PRO n 
1 280 GLU n 
1 281 ALA n 
1 282 ALA n 
1 283 GLN n 
1 284 ILE n 
1 285 ALA n 
1 286 GLU n 
1 287 GLU n 
1 288 ALA n 
1 289 ALA n 
1 290 ALA n 
1 291 ALA n 
1 292 GLN n 
1 293 ALA n 
1 294 GLU n 
1 295 ALA n 
1 296 ALA n 
1 297 ARG n 
1 298 ALA n 
1 299 ALA n 
1 300 GLN n 
1 301 ALA n 
1 302 GLU n 
1 303 ALA n 
1 304 GLU n 
1 305 ALA n 
1 306 ALA n 
1 307 GLN n 
1 308 ALA n 
1 309 ALA n 
1 310 GLN n 
1 311 GLU n 
1 312 ALA n 
1 313 ALA n 
1 314 ALA n 
1 315 ALA n 
1 316 GLN n 
1 317 ALA n 
1 318 GLU n 
1 319 ALA n 
1 320 GLU n 
1 321 ALA n 
1 322 ALA n 
1 323 GLN n 
1 324 ILE n 
1 325 ALA n 
1 326 ALA n 
1 327 LYS n 
1 328 ALA n 
1 329 GLU n 
1 330 ALA n 
1 331 ALA n 
1 332 GLN n 
1 333 SER n 
1 334 GLU n 
1 335 ALA n 
1 336 ALA n 
1 337 ARG n 
1 338 ALA n 
1 339 ALA n 
1 340 ALA n 
1 341 ALA n 
1 342 GLN n 
1 343 ALA n 
1 344 THR n 
1 345 ALA n 
1 346 GLU n 
1 347 ALA n 
1 348 LYS n 
1 349 ALA n 
1 350 ARG n 
1 351 ALA n 
1 352 GLU n 
1 353 ARG n 
1 354 VAL n 
1 355 ALA n 
1 356 ALA n 
1 357 GLU n 
1 358 MET n 
1 359 ALA n 
1 360 ALA n 
1 361 VAL n 
1 362 ARG n 
1 363 GLU n 
1 364 ALA n 
1 365 ALA n 
1 366 GLN n 
1 367 ARG n 
1 368 ALA n 
1 369 GLU n 
1 370 GLU n 
1 371 ALA n 
1 372 ALA n 
1 373 ALA n 
1 374 ALA n 
1 375 ALA n 
1 376 GLN n 
1 377 ALA n 
1 378 GLU n 
1 379 ALA n 
1 380 ALA n 
1 381 ARG n 
1 382 ALA n 
1 383 ALA n 
1 384 ALA n 
1 385 ALA n 
1 386 GLN n 
1 387 ALA n 
1 388 THR n 
1 389 ALA n 
1 390 GLU n 
1 391 ALA n 
1 392 LYS n 
1 393 ALA n 
1 394 ARG n 
1 395 ALA n 
1 396 GLU n 
1 397 ARG n 
1 398 VAL n 
1 399 ALA n 
1 400 ALA n 
1 401 GLU n 
1 402 MET n 
1 403 ALA n 
1 404 ALA n 
1 405 VAL n 
1 406 ARG n 
1 407 GLU n 
1 408 ALA n 
1 409 VAL n 
1 410 GLN n 
1 411 ARG n 
1 412 ALA n 
1 413 GLU n 
1 414 ALA n 
1 415 ALA n 
1 416 ALA n 
1 417 ALA n 
1 418 ALA n 
1 419 GLN n 
1 420 ALA n 
1 421 ALA n 
1 422 ALA n 
1 423 GLN n 
1 424 ALA n 
1 425 ALA n 
1 426 ALA n 
1 427 GLN n 
1 428 ALA n 
1 429 GLU n 
1 430 ALA n 
1 431 ALA n 
1 432 ARG n 
1 433 ALA n 
1 434 ALA n 
1 435 ALA n 
1 436 ALA n 
1 437 LYS n 
1 438 THR n 
1 439 GLN n 
1 440 ALA n 
1 441 GLU n 
1 442 ILE n 
1 443 GLU n 
1 444 ALA n 
1 445 ALA n 
1 446 MET n 
1 447 LYS n 
1 448 GLU n 
1 449 ILE n 
1 450 LEU n 
1 451 GLU n 
1 452 LYS n 
1 453 TRP n 
1 454 GLY n 
1 455 GLY n 
1 456 ALA n 
1 457 ARG n 
1 458 TRP n 
# 
_entity_src_gen.entity_id                          1 
_entity_src_gen.pdbx_src_id                        1 
_entity_src_gen.pdbx_alt_source_flag               sample 
_entity_src_gen.pdbx_seq_type                      'Biological sequence' 
_entity_src_gen.pdbx_beg_seq_num                   1 
_entity_src_gen.pdbx_end_seq_num                   458 
_entity_src_gen.gene_src_common_name               ? 
_entity_src_gen.gene_src_genus                     ? 
_entity_src_gen.pdbx_gene_src_gene                 S12H4_00347 
_entity_src_gen.gene_src_species                   ? 
_entity_src_gen.gene_src_strain                    ? 
_entity_src_gen.gene_src_tissue                    ? 
_entity_src_gen.gene_src_tissue_fraction           ? 
_entity_src_gen.gene_src_details                   ? 
_entity_src_gen.pdbx_gene_src_fragment             ? 
_entity_src_gen.pdbx_gene_src_scientific_name      'marine sediment metagenome' 
_entity_src_gen.pdbx_gene_src_ncbi_taxonomy_id     412755 
_entity_src_gen.pdbx_gene_src_variant              ? 
_entity_src_gen.pdbx_gene_src_cell_line            ? 
_entity_src_gen.pdbx_gene_src_atcc                 ? 
_entity_src_gen.pdbx_gene_src_organ                ? 
_entity_src_gen.pdbx_gene_src_organelle            ? 
_entity_src_gen.pdbx_gene_src_cell                 ? 
_entity_src_gen.pdbx_gene_src_cellular_location    ? 
_entity_src_gen.host_org_common_name               ? 
_entity_src_gen.pdbx_host_org_scientific_name      'Escherichia coli' 
_entity_src_gen.pdbx_host_org_ncbi_taxonomy_id     562 
_entity_src_gen.host_org_genus                     ? 
_entity_src_gen.pdbx_host_org_gene                 ? 
_entity_src_gen.pdbx_host_org_organ                ? 
_entity_src_gen.host_org_species                   ? 
_entity_src_gen.pdbx_host_org_tissue               ? 
_entity_src_gen.pdbx_host_org_tissue_fraction      ? 
_entity_src_gen.pdbx_host_org_strain               ? 
_entity_src_gen.pdbx_host_org_variant              ? 
_entity_src_gen.pdbx_host_org_cell_line            ? 
_entity_src_gen.pdbx_host_org_atcc                 ? 
_entity_src_gen.pdbx_host_org_culture_collection   ? 
_entity_src_gen.pdbx_host_org_cell                 ? 
_entity_src_gen.pdbx_host_org_organelle            ? 
_entity_src_gen.pdbx_host_org_cellular_location    ? 
_entity_src_gen.pdbx_host_org_vector_type          ? 
_entity_src_gen.pdbx_host_org_vector               ? 
_entity_src_gen.host_org_details                   ? 
_entity_src_gen.expression_system_id               ? 
_entity_src_gen.plasmid_name                       ? 
_entity_src_gen.plasmid_details                    ? 
_entity_src_gen.pdbx_description                   ? 
# 
_struct_ref.id                         1 
_struct_ref.db_name                    UNP 
_struct_ref.db_code                    X1QJA1_9ZZZZ 
_struct_ref.pdbx_db_accession          X1QJA1 
_struct_ref.pdbx_db_isoform            ? 
_struct_ref.entity_id                  1 
_struct_ref.pdbx_seq_one_letter_code   
;MAEQSVTLQPGESKVVSFEATPHEARAYQVSVDGLTGSFEAIGATVAEIEAAAELEAEAAQAEAAQIAAEAAASPWALTA
EELAAYRETIGGVLTAAGIPVIPGIEGAISKSEIIALIQTTTGLENIWEQYAAYENAPRIDPTGLSEEAAARARMLNMMR
QAASSRSILVRAASAIFIAQQQAGLPFETVKQIIDRLNAEAKADPDSTAGQVRRDYVEQTAAQQAAAWTARNLEWATYLA
KVRGITVAEVTAAYAANAARHGGYYQFELHPPPPPYIPPEAAQIAEEAAAAQAEAARAAQAEAEAAQAAQEAAAAQAEAE
AAQIAAKAEAAQSEAARAAAAQATAEAKARAERVAAEMAAVREAAQRAEEAAAAAQAEAARAAAAQATAEAKARAERVAA
EMAAVREAVQRAEAAAAAQAAAQAAAQAEAARAAAAKTQAEIEAAMKEILEKWGGARW
;
_struct_ref.pdbx_align_begin           1 
# 
_struct_ref_seq.align_id                      1 
_struct_ref_seq.ref_id                        1 
_struct_ref_seq.pdbx_PDB_id_code              8DOT 
_struct_ref_seq.pdbx_strand_id                A 
_struct_ref_seq.seq_align_beg                 1 
_struct_ref_seq.pdbx_seq_align_beg_ins_code   ? 
_struct_ref_seq.seq_align_end                 458 
_struct_ref_seq.pdbx_seq_align_end_ins_code   ? 
_struct_ref_seq.pdbx_db_accession             X1QJA1 
_struct_ref_seq.db_align_beg                  1 
_struct_ref_seq.pdbx_db_align_beg_ins_code    ? 
_struct_ref_seq.db_align_end                  458 
_struct_ref_seq.pdbx_db_align_end_ins_code    ? 
_struct_ref_seq.pdbx_auth_seq_align_beg       1 
_struct_ref_seq.pdbx_auth_seq_align_end       458 
# 
loop_
_chem_comp.id 
_chem_comp.type 
_chem_comp.mon_nstd_flag 
_chem_comp.name 
_chem_comp.pdbx_synonyms 
_chem_comp.formula 
_chem_comp.formula_weight 
ALA 'L-peptide linking' y ALANINE                ? 'C3 H7 N O2'     89.093  
ARG 'L-peptide linking' y ARGININE               ? 'C6 H15 N4 O2 1' 175.209 
ASN 'L-peptide linking' y ASPARAGINE             ? 'C4 H8 N2 O3'    132.118 
ASP 'L-peptide linking' y 'ASPARTIC ACID'        ? 'C4 H7 N O4'     133.103 
GLN 'L-peptide linking' y GLUTAMINE              ? 'C5 H10 N2 O3'   146.144 
GLU 'L-peptide linking' y 'GLUTAMIC ACID'        ? 'C5 H9 N O4'     147.129 
GLY 'peptide linking'   y GLYCINE                ? 'C2 H5 N O2'     75.067  
HIS 'L-peptide linking' y HISTIDINE              ? 'C6 H10 N3 O2 1' 156.162 
ILE 'L-peptide linking' y ISOLEUCINE             ? 'C6 H13 N O2'    131.173 
LEU 'L-peptide linking' y LEUCINE                ? 'C6 H13 N O2'    131.173 
LYS 'L-peptide linking' y LYSINE                 ? 'C6 H15 N2 O2 1' 147.195 
MET 'L-peptide linking' y METHIONINE             ? 'C5 H11 N O2 S'  149.211 
PG4 non-polymer         . 'TETRAETHYLENE GLYCOL' ? 'C8 H18 O5'      194.226 
PHE 'L-peptide linking' y PHENYLALANINE          ? 'C9 H11 N O2'    165.189 
PRO 'L-peptide linking' y PROLINE                ? 'C5 H9 N O2'     115.130 
SER 'L-peptide linking' y SERINE                 ? 'C3 H7 N O3'     105.093 
THR 'L-peptide linking' y THREONINE              ? 'C4 H9 N O3'     119.119 
TRP 'L-peptide linking' y TRYPTOPHAN             ? 'C11 H12 N2 O2'  204.225 
TYR 'L-peptide linking' y TYROSINE               ? 'C9 H11 N O3'    181.189 
VAL 'L-peptide linking' y VALINE                 ? 'C5 H11 N O2'    117.146 
# 
_exptl.absorpt_coefficient_mu     ? 
_exptl.absorpt_correction_T_max   ? 
_exptl.absorpt_correction_T_min   ? 
_exptl.absorpt_correction_type    ? 
_exptl.absorpt_process_details    ? 
_exptl.entry_id                   8DOT 
_exptl.crystals_number            1 
_exptl.details                    ? 
_exptl.method                     'X-RAY DIFFRACTION' 
_exptl.method_details             ? 
# 
_exptl_crystal.colour                       ? 
_exptl_crystal.density_diffrn               ? 
_exptl_crystal.density_Matthews             1.81 
_exptl_crystal.density_method               ? 
_exptl_crystal.density_percent_sol          31.90 
_exptl_crystal.description                  ? 
_exptl_crystal.F_000                        ? 
_exptl_crystal.id                           1 
_exptl_crystal.preparation                  ? 
_exptl_crystal.size_max                     ? 
_exptl_crystal.size_mid                     ? 
_exptl_crystal.size_min                     ? 
_exptl_crystal.size_rad                     ? 
_exptl_crystal.colour_lustre                ? 
_exptl_crystal.colour_modifier              ? 
_exptl_crystal.colour_primary               ? 
_exptl_crystal.density_meas                 ? 
_exptl_crystal.density_meas_esd             ? 
_exptl_crystal.density_meas_gt              ? 
_exptl_crystal.density_meas_lt              ? 
_exptl_crystal.density_meas_temp            ? 
_exptl_crystal.density_meas_temp_esd        ? 
_exptl_crystal.density_meas_temp_gt         ? 
_exptl_crystal.density_meas_temp_lt         ? 
_exptl_crystal.pdbx_crystal_image_url       ? 
_exptl_crystal.pdbx_crystal_image_format    ? 
_exptl_crystal.pdbx_mosaicity               ? 
_exptl_crystal.pdbx_mosaicity_esd           ? 
_exptl_crystal.pdbx_mosaic_method           ? 
_exptl_crystal.pdbx_mosaic_block_size       ? 
_exptl_crystal.pdbx_mosaic_block_size_esd   ? 
# 
_exptl_crystal_grow.apparatus       ? 
_exptl_crystal_grow.atmosphere      ? 
_exptl_crystal_grow.crystal_id      1 
_exptl_crystal_grow.details         ? 
_exptl_crystal_grow.method          'VAPOR DIFFUSION, SITTING DROP' 
_exptl_crystal_grow.method_ref      ? 
_exptl_crystal_grow.pH              ? 
_exptl_crystal_grow.pressure        ? 
_exptl_crystal_grow.pressure_esd    ? 
_exptl_crystal_grow.seeding         ? 
_exptl_crystal_grow.seeding_ref     ? 
_exptl_crystal_grow.temp            277 
_exptl_crystal_grow.temp_details    ? 
_exptl_crystal_grow.temp_esd        ? 
_exptl_crystal_grow.time            ? 
_exptl_crystal_grow.pdbx_details    '0.16 M sodium acetate trihydrate, 7.5% PEG 8,000 and 20% glycerol' 
_exptl_crystal_grow.pdbx_pH_range   ? 
# 
_diffrn.ambient_environment              ? 
_diffrn.ambient_temp                     100 
_diffrn.ambient_temp_details             ? 
_diffrn.ambient_temp_esd                 ? 
_diffrn.crystal_id                       1 
_diffrn.crystal_support                  ? 
_diffrn.crystal_treatment                ? 
_diffrn.details                          ? 
_diffrn.id                               1 
_diffrn.ambient_pressure                 ? 
_diffrn.ambient_pressure_esd             ? 
_diffrn.ambient_pressure_gt              ? 
_diffrn.ambient_pressure_lt              ? 
_diffrn.ambient_temp_gt                  ? 
_diffrn.ambient_temp_lt                  ? 
_diffrn.pdbx_serial_crystal_experiment   N 
# 
_diffrn_detector.details                      ? 
_diffrn_detector.detector                     PIXEL 
_diffrn_detector.diffrn_id                    1 
_diffrn_detector.type                         'DECTRIS EIGER X 16M' 
_diffrn_detector.area_resol_mean              ? 
_diffrn_detector.dtime                        ? 
_diffrn_detector.pdbx_frames_total            ? 
_diffrn_detector.pdbx_collection_time_total   ? 
_diffrn_detector.pdbx_collection_date         2021-07-28 
_diffrn_detector.pdbx_frequency               ? 
# 
_diffrn_radiation.collimation                      ? 
_diffrn_radiation.diffrn_id                        1 
_diffrn_radiation.filter_edge                      ? 
_diffrn_radiation.inhomogeneity                    ? 
_diffrn_radiation.monochromator                    ? 
_diffrn_radiation.polarisn_norm                    ? 
_diffrn_radiation.polarisn_ratio                   ? 
_diffrn_radiation.probe                            ? 
_diffrn_radiation.type                             ? 
_diffrn_radiation.xray_symbol                      ? 
_diffrn_radiation.wavelength_id                    1 
_diffrn_radiation.pdbx_monochromatic_or_laue_m_l   M 
_diffrn_radiation.pdbx_wavelength_list             ? 
_diffrn_radiation.pdbx_wavelength                  ? 
_diffrn_radiation.pdbx_diffrn_protocol             'SINGLE WAVELENGTH' 
_diffrn_radiation.pdbx_analyzer                    ? 
_diffrn_radiation.pdbx_scattering_type             x-ray 
# 
_diffrn_radiation_wavelength.id           1 
_diffrn_radiation_wavelength.wavelength   1 
_diffrn_radiation_wavelength.wt           1.0 
# 
_diffrn_source.current                     ? 
_diffrn_source.details                     ? 
_diffrn_source.diffrn_id                   1 
_diffrn_source.power                       ? 
_diffrn_source.size                        ? 
_diffrn_source.source                      SYNCHROTRON 
_diffrn_source.target                      ? 
_diffrn_source.type                        'APS BEAMLINE 22-ID' 
_diffrn_source.voltage                     ? 
_diffrn_source.take-off_angle              ? 
_diffrn_source.pdbx_wavelength_list        1 
_diffrn_source.pdbx_wavelength             ? 
_diffrn_source.pdbx_synchrotron_beamline   22-ID 
_diffrn_source.pdbx_synchrotron_site       APS 
# 
_reflns.B_iso_Wilson_estimate                          76.10 
_reflns.entry_id                                       8DOT 
_reflns.data_reduction_details                         ? 
_reflns.data_reduction_method                          ? 
_reflns.d_resolution_high                              3.05 
_reflns.d_resolution_low                               39.05 
_reflns.details                                        ? 
_reflns.limit_h_max                                    ? 
_reflns.limit_h_min                                    ? 
_reflns.limit_k_max                                    ? 
_reflns.limit_k_min                                    ? 
_reflns.limit_l_max                                    ? 
_reflns.limit_l_min                                    ? 
_reflns.number_all                                     ? 
_reflns.number_obs                                     7012 
_reflns.observed_criterion                             ? 
_reflns.observed_criterion_F_max                       ? 
_reflns.observed_criterion_F_min                       ? 
_reflns.observed_criterion_I_max                       ? 
_reflns.observed_criterion_I_min                       ? 
_reflns.observed_criterion_sigma_F                     ? 
_reflns.observed_criterion_sigma_I                     ? 
_reflns.percent_possible_obs                           99.72 
_reflns.R_free_details                                 ? 
_reflns.Rmerge_F_all                                   ? 
_reflns.Rmerge_F_obs                                   ? 
_reflns.Friedel_coverage                               ? 
_reflns.number_gt                                      ? 
_reflns.threshold_expression                           ? 
_reflns.pdbx_redundancy                                25 
_reflns.pdbx_Rmerge_I_obs                              ? 
_reflns.pdbx_Rmerge_I_all                              ? 
_reflns.pdbx_Rsym_value                                ? 
_reflns.pdbx_netI_over_av_sigmaI                       ? 
_reflns.pdbx_netI_over_sigmaI                          25.17 
_reflns.pdbx_res_netI_over_av_sigmaI_2                 ? 
_reflns.pdbx_res_netI_over_sigmaI_2                    ? 
_reflns.pdbx_chi_squared                               ? 
_reflns.pdbx_scaling_rejects                           ? 
_reflns.pdbx_d_res_high_opt                            ? 
_reflns.pdbx_d_res_low_opt                             ? 
_reflns.pdbx_d_res_opt_method                          ? 
_reflns.phase_calculation_details                      ? 
_reflns.pdbx_Rrim_I_all                                ? 
_reflns.pdbx_Rpim_I_all                                ? 
_reflns.pdbx_d_opt                                     ? 
_reflns.pdbx_number_measured_all                       ? 
_reflns.pdbx_diffrn_id                                 1 
_reflns.pdbx_ordinal                                   1 
_reflns.pdbx_CC_half                                   0.999 
_reflns.pdbx_CC_star                                   ? 
_reflns.pdbx_R_split                                   ? 
_reflns.pdbx_aniso_diffraction_limit_axis_1_ortho[1]   ? 
_reflns.pdbx_aniso_diffraction_limit_axis_1_ortho[2]   ? 
_reflns.pdbx_aniso_diffraction_limit_axis_1_ortho[3]   ? 
_reflns.pdbx_aniso_diffraction_limit_axis_2_ortho[1]   ? 
_reflns.pdbx_aniso_diffraction_limit_axis_2_ortho[2]   ? 
_reflns.pdbx_aniso_diffraction_limit_axis_2_ortho[3]   ? 
_reflns.pdbx_aniso_diffraction_limit_axis_3_ortho[1]   ? 
_reflns.pdbx_aniso_diffraction_limit_axis_3_ortho[2]   ? 
_reflns.pdbx_aniso_diffraction_limit_axis_3_ortho[3]   ? 
_reflns.pdbx_aniso_diffraction_limit_1                 ? 
_reflns.pdbx_aniso_diffraction_limit_2                 ? 
_reflns.pdbx_aniso_diffraction_limit_3                 ? 
_reflns.pdbx_aniso_B_tensor_eigenvector_1_ortho[1]     ? 
_reflns.pdbx_aniso_B_tensor_eigenvector_1_ortho[2]     ? 
_reflns.pdbx_aniso_B_tensor_eigenvector_1_ortho[3]     ? 
_reflns.pdbx_aniso_B_tensor_eigenvector_2_ortho[1]     ? 
_reflns.pdbx_aniso_B_tensor_eigenvector_2_ortho[2]     ? 
_reflns.pdbx_aniso_B_tensor_eigenvector_2_ortho[3]     ? 
_reflns.pdbx_aniso_B_tensor_eigenvector_3_ortho[1]     ? 
_reflns.pdbx_aniso_B_tensor_eigenvector_3_ortho[2]     ? 
_reflns.pdbx_aniso_B_tensor_eigenvector_3_ortho[3]     ? 
_reflns.pdbx_aniso_B_tensor_eigenvalue_1               ? 
_reflns.pdbx_aniso_B_tensor_eigenvalue_2               ? 
_reflns.pdbx_aniso_B_tensor_eigenvalue_3               ? 
_reflns.pdbx_orthogonalization_convention              ? 
_reflns.pdbx_percent_possible_ellipsoidal              ? 
_reflns.pdbx_percent_possible_spherical                ? 
_reflns.pdbx_percent_possible_ellipsoidal_anomalous    ? 
_reflns.pdbx_percent_possible_spherical_anomalous      ? 
_reflns.pdbx_redundancy_anomalous                      ? 
_reflns.pdbx_CC_half_anomalous                         ? 
_reflns.pdbx_absDiff_over_sigma_anomalous              ? 
_reflns.pdbx_percent_possible_anomalous                ? 
_reflns.pdbx_observed_signal_threshold                 ? 
_reflns.pdbx_signal_type                               ? 
_reflns.pdbx_signal_details                            ? 
_reflns.pdbx_signal_software_id                        ? 
_reflns.pdbx_CC_split_method                           ? 
# 
_reflns_shell.d_res_high                                    3.05 
_reflns_shell.d_res_low                                     3.159 
_reflns_shell.meanI_over_sigI_all                           ? 
_reflns_shell.meanI_over_sigI_obs                           7.27 
_reflns_shell.number_measured_all                           ? 
_reflns_shell.number_measured_obs                           ? 
_reflns_shell.number_possible                               ? 
_reflns_shell.number_unique_all                             ? 
_reflns_shell.number_unique_obs                             675 
_reflns_shell.percent_possible_all                          ? 
_reflns_shell.percent_possible_obs                          ? 
_reflns_shell.Rmerge_F_all                                  ? 
_reflns_shell.Rmerge_F_obs                                  ? 
_reflns_shell.Rmerge_I_all                                  ? 
_reflns_shell.Rmerge_I_obs                                  ? 
_reflns_shell.meanI_over_sigI_gt                            ? 
_reflns_shell.meanI_over_uI_all                             ? 
_reflns_shell.meanI_over_uI_gt                              ? 
_reflns_shell.number_measured_gt                            ? 
_reflns_shell.number_unique_gt                              ? 
_reflns_shell.percent_possible_gt                           ? 
_reflns_shell.Rmerge_F_gt                                   ? 
_reflns_shell.Rmerge_I_gt                                   ? 
_reflns_shell.pdbx_redundancy                               ? 
_reflns_shell.pdbx_Rsym_value                               ? 
_reflns_shell.pdbx_chi_squared                              ? 
_reflns_shell.pdbx_netI_over_sigmaI_all                     ? 
_reflns_shell.pdbx_netI_over_sigmaI_obs                     ? 
_reflns_shell.pdbx_Rrim_I_all                               ? 
_reflns_shell.pdbx_Rpim_I_all                               ? 
_reflns_shell.pdbx_rejects                                  ? 
_reflns_shell.pdbx_ordinal                                  1 
_reflns_shell.pdbx_diffrn_id                                1 
_reflns_shell.pdbx_CC_half                                  0.989 
_reflns_shell.pdbx_CC_star                                  ? 
_reflns_shell.pdbx_R_split                                  ? 
_reflns_shell.pdbx_percent_possible_ellipsoidal             ? 
_reflns_shell.pdbx_percent_possible_spherical               ? 
_reflns_shell.pdbx_percent_possible_ellipsoidal_anomalous   ? 
_reflns_shell.pdbx_percent_possible_spherical_anomalous     ? 
_reflns_shell.pdbx_redundancy_anomalous                     ? 
_reflns_shell.pdbx_CC_half_anomalous                        ? 
_reflns_shell.pdbx_absDiff_over_sigma_anomalous             ? 
_reflns_shell.pdbx_percent_possible_anomalous               ? 
# 
_refine.aniso_B[1][1]                            ? 
_refine.aniso_B[1][2]                            ? 
_refine.aniso_B[1][3]                            ? 
_refine.aniso_B[2][2]                            ? 
_refine.aniso_B[2][3]                            ? 
_refine.aniso_B[3][3]                            ? 
_refine.B_iso_max                                ? 
_refine.B_iso_mean                               66.12 
_refine.B_iso_min                                ? 
_refine.correlation_coeff_Fo_to_Fc               ? 
_refine.correlation_coeff_Fo_to_Fc_free          ? 
_refine.details                                  ? 
_refine.diff_density_max                         ? 
_refine.diff_density_max_esd                     ? 
_refine.diff_density_min                         ? 
_refine.diff_density_min_esd                     ? 
_refine.diff_density_rms                         ? 
_refine.diff_density_rms_esd                     ? 
_refine.entry_id                                 8DOT 
_refine.pdbx_refine_id                           'X-RAY DIFFRACTION' 
_refine.ls_abs_structure_details                 ? 
_refine.ls_abs_structure_Flack                   ? 
_refine.ls_abs_structure_Flack_esd               ? 
_refine.ls_abs_structure_Rogers                  ? 
_refine.ls_abs_structure_Rogers_esd              ? 
_refine.ls_d_res_high                            3.05 
_refine.ls_d_res_low                             39.05 
_refine.ls_extinction_coef                       ? 
_refine.ls_extinction_coef_esd                   ? 
_refine.ls_extinction_expression                 ? 
_refine.ls_extinction_method                     ? 
_refine.ls_goodness_of_fit_all                   ? 
_refine.ls_goodness_of_fit_all_esd               ? 
_refine.ls_goodness_of_fit_obs                   ? 
_refine.ls_goodness_of_fit_obs_esd               ? 
_refine.ls_hydrogen_treatment                    ? 
_refine.ls_matrix_type                           ? 
_refine.ls_number_constraints                    ? 
_refine.ls_number_parameters                     ? 
_refine.ls_number_reflns_all                     ? 
_refine.ls_number_reflns_obs                     7012 
_refine.ls_number_reflns_R_free                  1243 
_refine.ls_number_reflns_R_work                  11303 
_refine.ls_number_restraints                     ? 
_refine.ls_percent_reflns_obs                    99.79 
_refine.ls_percent_reflns_R_free                 9.91 
_refine.ls_R_factor_all                          ? 
_refine.ls_R_factor_obs                          0.1955 
_refine.ls_R_factor_R_free                       0.2311 
_refine.ls_R_factor_R_free_error                 ? 
_refine.ls_R_factor_R_free_error_details         ? 
_refine.ls_R_factor_R_work                       0.1915 
_refine.ls_R_Fsqd_factor_obs                     ? 
_refine.ls_R_I_factor_obs                        ? 
_refine.ls_redundancy_reflns_all                 ? 
_refine.ls_redundancy_reflns_obs                 ? 
_refine.ls_restrained_S_all                      ? 
_refine.ls_restrained_S_obs                      ? 
_refine.ls_shift_over_esd_max                    ? 
_refine.ls_shift_over_esd_mean                   ? 
_refine.ls_structure_factor_coef                 ? 
_refine.ls_weighting_details                     ? 
_refine.ls_weighting_scheme                      ? 
_refine.ls_wR_factor_all                         ? 
_refine.ls_wR_factor_obs                         ? 
_refine.ls_wR_factor_R_free                      ? 
_refine.ls_wR_factor_R_work                      ? 
_refine.occupancy_max                            ? 
_refine.occupancy_min                            ? 
_refine.solvent_model_details                    'FLAT BULK SOLVENT MODEL' 
_refine.solvent_model_param_bsol                 ? 
_refine.solvent_model_param_ksol                 ? 
_refine.pdbx_R_complete                          ? 
_refine.ls_R_factor_gt                           ? 
_refine.ls_goodness_of_fit_gt                    ? 
_refine.ls_goodness_of_fit_ref                   ? 
_refine.ls_shift_over_su_max                     ? 
_refine.ls_shift_over_su_max_lt                  ? 
_refine.ls_shift_over_su_mean                    ? 
_refine.ls_shift_over_su_mean_lt                 ? 
_refine.pdbx_ls_sigma_I                          ? 
_refine.pdbx_ls_sigma_F                          1.38 
_refine.pdbx_ls_sigma_Fsqd                       ? 
_refine.pdbx_data_cutoff_high_absF               ? 
_refine.pdbx_data_cutoff_high_rms_absF           ? 
_refine.pdbx_data_cutoff_low_absF                ? 
_refine.pdbx_isotropic_thermal_model             ? 
_refine.pdbx_ls_cross_valid_method               'FREE R-VALUE' 
_refine.pdbx_method_to_determine_struct          'MOLECULAR REPLACEMENT' 
_refine.pdbx_starting_model                      alphafold 
_refine.pdbx_stereochemistry_target_values       'GeoStd + Monomer Library + CDL v1.2' 
_refine.pdbx_R_Free_selection_details            ? 
_refine.pdbx_stereochem_target_val_spec_case     ? 
_refine.pdbx_overall_ESU_R                       ? 
_refine.pdbx_overall_ESU_R_Free                  ? 
_refine.pdbx_solvent_vdw_probe_radii             1.1100 
_refine.pdbx_solvent_ion_probe_radii             ? 
_refine.pdbx_solvent_shrinkage_radii             0.9000 
_refine.pdbx_real_space_R                        ? 
_refine.pdbx_density_correlation                 ? 
_refine.pdbx_pd_number_of_powder_patterns        ? 
_refine.pdbx_pd_number_of_points                 ? 
_refine.pdbx_pd_meas_number_of_points            ? 
_refine.pdbx_pd_proc_ls_prof_R_factor            ? 
_refine.pdbx_pd_proc_ls_prof_wR_factor           ? 
_refine.pdbx_pd_Marquardt_correlation_coeff      ? 
_refine.pdbx_pd_Fsqrd_R_factor                   ? 
_refine.pdbx_pd_ls_matrix_band_width             ? 
_refine.pdbx_overall_phase_error                 24.5760 
_refine.pdbx_overall_SU_R_free_Cruickshank_DPI   ? 
_refine.pdbx_overall_SU_R_free_Blow_DPI          ? 
_refine.pdbx_overall_SU_R_Blow_DPI               ? 
_refine.pdbx_TLS_residual_ADP_flag               ? 
_refine.pdbx_diffrn_id                           1 
_refine.overall_SU_B                             ? 
_refine.overall_SU_ML                            0.4425 
_refine.overall_SU_R_Cruickshank_DPI             ? 
_refine.overall_SU_R_free                        ? 
_refine.overall_FOM_free_R_set                   ? 
_refine.overall_FOM_work_R_set                   ? 
_refine.pdbx_average_fsc_overall                 ? 
_refine.pdbx_average_fsc_work                    ? 
_refine.pdbx_average_fsc_free                    ? 
# 
_refine_hist.pdbx_refine_id                   'X-RAY DIFFRACTION' 
_refine_hist.cycle_id                         LAST 
_refine_hist.details                          ? 
_refine_hist.d_res_high                       3.05 
_refine_hist.d_res_low                        39.05 
_refine_hist.number_atoms_solvent             0 
_refine_hist.number_atoms_total               1313 
_refine_hist.number_reflns_all                ? 
_refine_hist.number_reflns_obs                ? 
_refine_hist.number_reflns_R_free             ? 
_refine_hist.number_reflns_R_work             ? 
_refine_hist.R_factor_all                     ? 
_refine_hist.R_factor_obs                     ? 
_refine_hist.R_factor_R_free                  ? 
_refine_hist.R_factor_R_work                  ? 
_refine_hist.pdbx_number_residues_total       ? 
_refine_hist.pdbx_B_iso_mean_ligand           ? 
_refine_hist.pdbx_B_iso_mean_solvent          ? 
_refine_hist.pdbx_number_atoms_protein        1300 
_refine_hist.pdbx_number_atoms_nucleic_acid   0 
_refine_hist.pdbx_number_atoms_ligand         13 
_refine_hist.pdbx_number_atoms_lipid          ? 
_refine_hist.pdbx_number_atoms_carb           ? 
_refine_hist.pdbx_pseudo_atom_details         ? 
# 
loop_
_refine_ls_restr.pdbx_refine_id 
_refine_ls_restr.criterion 
_refine_ls_restr.dev_ideal 
_refine_ls_restr.dev_ideal_target 
_refine_ls_restr.number 
_refine_ls_restr.rejects 
_refine_ls_restr.type 
_refine_ls_restr.weight 
_refine_ls_restr.pdbx_restraint_function 
'X-RAY DIFFRACTION' ? 0.0089  ? 1334 ? f_bond_d           ? ? 
'X-RAY DIFFRACTION' ? 1.1256  ? 1809 ? f_angle_d          ? ? 
'X-RAY DIFFRACTION' ? 0.0576  ? 204  ? f_chiral_restr     ? ? 
'X-RAY DIFFRACTION' ? 0.0109  ? 237  ? f_plane_restr      ? ? 
'X-RAY DIFFRACTION' ? 18.0528 ? 486  ? f_dihedral_angle_d ? ? 
# 
loop_
_refine_ls_shell.pdbx_refine_id 
_refine_ls_shell.d_res_high 
_refine_ls_shell.d_res_low 
_refine_ls_shell.number_reflns_all 
_refine_ls_shell.number_reflns_obs 
_refine_ls_shell.number_reflns_R_free 
_refine_ls_shell.number_reflns_R_work 
_refine_ls_shell.percent_reflns_obs 
_refine_ls_shell.percent_reflns_R_free 
_refine_ls_shell.R_factor_all 
_refine_ls_shell.R_factor_obs 
_refine_ls_shell.R_factor_R_free 
_refine_ls_shell.R_factor_R_free_error 
_refine_ls_shell.R_factor_R_work 
_refine_ls_shell.redundancy_reflns_all 
_refine_ls_shell.redundancy_reflns_obs 
_refine_ls_shell.wR_factor_all 
_refine_ls_shell.wR_factor_obs 
_refine_ls_shell.wR_factor_R_free 
_refine_ls_shell.wR_factor_R_work 
_refine_ls_shell.pdbx_R_complete 
_refine_ls_shell.pdbx_total_number_of_bins_used 
_refine_ls_shell.pdbx_phase_error 
_refine_ls_shell.pdbx_fsc_work 
_refine_ls_shell.pdbx_fsc_free 
'X-RAY DIFFRACTION' 3.05 3.17  . . 138 1230 99.56  . . . 0.3728 . 0.3208 . . . . . . . . . . . 
'X-RAY DIFFRACTION' 3.17 3.32  . . 141 1266 99.93  . . . 0.3777 . 0.2574 . . . . . . . . . . . 
'X-RAY DIFFRACTION' 3.32 3.49  . . 139 1252 99.43  . . . 0.2659 . 0.2468 . . . . . . . . . . . 
'X-RAY DIFFRACTION' 3.49 3.71  . . 141 1255 99.93  . . . 0.2502 . 0.2133 . . . . . . . . . . . 
'X-RAY DIFFRACTION' 3.71 4.00  . . 141 1262 99.86  . . . 0.2467 . 0.2126 . . . . . . . . . . . 
'X-RAY DIFFRACTION' 4.00 4.39  . . 141 1245 99.86  . . . 0.2875 . 0.1821 . . . . . . . . . . . 
'X-RAY DIFFRACTION' 4.40 5.03  . . 135 1269 100.00 . . . 0.2034 . 0.1716 . . . . . . . . . . . 
'X-RAY DIFFRACTION' 5.03 6.33  . . 134 1252 99.78  . . . 0.2087 . 0.2085 . . . . . . . . . . . 
'X-RAY DIFFRACTION' 6.34 39.05 . . 133 1272 99.86  . . . 0.1484 . 0.1316 . . . . . . . . . . . 
# 
_struct.entry_id                     8DOT 
_struct.title                        'Structure of a methane clathrate binding protein' 
_struct.pdbx_model_details           ? 
_struct.pdbx_formula_weight          ? 
_struct.pdbx_formula_weight_method   ? 
_struct.pdbx_model_type_details      ? 
_struct.pdbx_CASP_flag               N 
# 
_struct_keywords.entry_id        8DOT 
_struct_keywords.text            'methane, clathrate, subsurface, metagenome, ANTIFREEZE PROTEIN' 
_struct_keywords.pdbx_keywords   'ANTIFREEZE PROTEIN' 
# 
loop_
_struct_asym.id 
_struct_asym.pdbx_blank_PDB_chainid_flag 
_struct_asym.pdbx_modified 
_struct_asym.entity_id 
_struct_asym.details 
A N N 1 ? 
B N N 2 ? 
# 
loop_
_struct_conf.conf_type_id 
_struct_conf.id 
_struct_conf.pdbx_PDB_helix_id 
_struct_conf.beg_label_comp_id 
_struct_conf.beg_label_asym_id 
_struct_conf.beg_label_seq_id 
_struct_conf.pdbx_beg_PDB_ins_code 
_struct_conf.end_label_comp_id 
_struct_conf.end_label_asym_id 
_struct_conf.end_label_seq_id 
_struct_conf.pdbx_end_PDB_ins_code 
_struct_conf.beg_auth_comp_id 
_struct_conf.beg_auth_asym_id 
_struct_conf.beg_auth_seq_id 
_struct_conf.end_auth_comp_id 
_struct_conf.end_auth_asym_id 
_struct_conf.end_auth_seq_id 
_struct_conf.pdbx_PDB_helix_class 
_struct_conf.details 
_struct_conf.pdbx_PDB_helix_length 
HELX_P HELX_P1 AA1 GLY A 104 ? ALA A 108 ? GLY A 104 ALA A 108 5 ? 5  
HELX_P HELX_P2 AA2 SER A 110 ? GLY A 123 ? SER A 110 GLY A 123 1 ? 14 
HELX_P HELX_P3 AA3 TRP A 128 ? GLU A 135 ? TRP A 128 GLU A 135 5 ? 8  
HELX_P HELX_P4 AA4 SER A 146 ? SER A 165 ? SER A 146 SER A 165 1 ? 20 
HELX_P HELX_P5 AA5 SER A 167 ? ALA A 183 ? SER A 167 ALA A 183 1 ? 17 
HELX_P HELX_P6 AA6 THR A 189 ? ASP A 204 ? THR A 189 ASP A 204 1 ? 16 
HELX_P HELX_P7 AA7 SER A 207 ? ASN A 232 ? SER A 207 ASN A 232 1 ? 26 
HELX_P HELX_P8 AA8 ASN A 232 ? GLY A 244 ? ASN A 232 GLY A 244 1 ? 13 
HELX_P HELX_P9 AA9 THR A 246 ? ARG A 260 ? THR A 246 ARG A 260 1 ? 15 
# 
_struct_conf_type.id          HELX_P 
_struct_conf_type.criteria    ? 
_struct_conf_type.reference   ? 
# 
_atom_sites.entry_id                    8DOT 
_atom_sites.Cartn_transf_matrix[1][1]   ? 
_atom_sites.Cartn_transf_matrix[1][2]   ? 
_atom_sites.Cartn_transf_matrix[1][3]   ? 
_atom_sites.Cartn_transf_matrix[2][1]   ? 
_atom_sites.Cartn_transf_matrix[2][2]   ? 
_atom_sites.Cartn_transf_matrix[2][3]   ? 
_atom_sites.Cartn_transf_matrix[3][1]   ? 
_atom_sites.Cartn_transf_matrix[3][2]   ? 
_atom_sites.Cartn_transf_matrix[3][3]   ? 
_atom_sites.Cartn_transf_vector[1]      ? 
_atom_sites.Cartn_transf_vector[2]      ? 
_atom_sites.Cartn_transf_vector[3]      ? 
_atom_sites.fract_transf_matrix[1][1]   -0.00861319 
_atom_sites.fract_transf_matrix[1][2]   -0.00922907 
_atom_sites.fract_transf_matrix[1][3]   -0.00081230 
_atom_sites.fract_transf_matrix[2][1]   -0.00879226 
_atom_sites.fract_transf_matrix[2][2]   0.00779278 
_atom_sites.fract_transf_matrix[2][3]   0.00468950 
_atom_sites.fract_transf_matrix[3][1]   -0.00211645 
_atom_sites.fract_transf_matrix[3][2]   0.00272269 
_atom_sites.fract_transf_matrix[3][3]   -0.00849253 
_atom_sites.fract_transf_vector[1]      0.429182 
_atom_sites.fract_transf_vector[2]      0.068855 
_atom_sites.fract_transf_vector[3]      0.180421 
_atom_sites.solution_primary            ? 
_atom_sites.solution_secondary          ? 
_atom_sites.solution_hydrogens          ? 
_atom_sites.special_details             ? 
# 
loop_
_atom_type.symbol 
_atom_type.scat_dispersion_real 
_atom_type.scat_dispersion_imag 
_atom_type.scat_Cromer_Mann_a1 
_atom_type.scat_Cromer_Mann_a2 
_atom_type.scat_Cromer_Mann_a3 
_atom_type.scat_Cromer_Mann_a4 
_atom_type.scat_Cromer_Mann_b1 
_atom_type.scat_Cromer_Mann_b2 
_atom_type.scat_Cromer_Mann_b3 
_atom_type.scat_Cromer_Mann_b4 
_atom_type.scat_Cromer_Mann_c 
_atom_type.scat_source 
_atom_type.scat_dispersion_source 
C ? ? 3.54356 2.42580 ? ? 25.62398 1.50364  ? ? 0.0 
;2-Gaussian fit: Grosse-Kunstleve RW, Sauter NK, Adams PD: Newsletter of the IUCr Commission on Crystallographic Computing 2004, 3, 22-31.
;
? 
N ? ? 6.96715 ?       ? ? 11.43723 ?        ? ? 0.0 
;1-Gaussian fit: Grosse-Kunstleve RW, Sauter NK, Adams PD: Newsletter of the IUCr Commission on Crystallographic Computing 2004, 3, 22-31.
;
? 
O ? ? 7.96527 ?       ? ? 9.05267  ?        ? ? 0.0 
;1-Gaussian fit: Grosse-Kunstleve RW, Sauter NK, Adams PD: Newsletter of the IUCr Commission on Crystallographic Computing 2004, 3, 22-31.
;
? 
S ? ? 9.55732 6.39887 ? ? 1.23737  29.19336 ? ? 0.0 
;2-Gaussian fit: Grosse-Kunstleve RW, Sauter NK, Adams PD: Newsletter of the IUCr Commission on Crystallographic Computing 2004, 3, 22-31.
;
? 
# 
loop_
_atom_site.group_PDB 
_atom_site.id 
_atom_site.type_symbol 
_atom_site.label_atom_id 
_atom_site.label_alt_id 
_atom_site.label_comp_id 
_atom_site.label_asym_id 
_atom_site.label_entity_id 
_atom_site.label_seq_id 
_atom_site.pdbx_PDB_ins_code 
_atom_site.Cartn_x 
_atom_site.Cartn_y 
_atom_site.Cartn_z 
_atom_site.occupancy 
_atom_site.B_iso_or_equiv 
_atom_site.pdbx_formal_charge 
_atom_site.auth_seq_id 
_atom_site.auth_comp_id 
_atom_site.auth_asym_id 
_atom_site.auth_atom_id 
_atom_site.pdbx_PDB_model_num 
ATOM   1    N N   . ILE A 1 99  ? -18.09109 -1.58752  -13.39902 1.000 105.15000 ? 99  ILE A N   1 
ATOM   2    C CA  . ILE A 1 99  ? -16.66837 -1.90480  -13.30918 1.000 111.33000 ? 99  ILE A CA  1 
ATOM   3    C C   . ILE A 1 99  ? -16.17174 -2.05669  -14.73147 1.000 113.44000 ? 99  ILE A C   1 
ATOM   4    O O   . ILE A 1 99  ? -16.82584 -2.70520  -15.54915 1.000 114.32000 ? 99  ILE A O   1 
ATOM   5    C CB  . ILE A 1 99  ? -16.38755 -3.19129  -12.44680 1.000 100.40000 ? 99  ILE A CB  1 
ATOM   6    C CG1 . ILE A 1 99  ? -16.90265 -4.47526  -13.14020 1.000 92.09000  ? 99  ILE A CG1 1 
ATOM   7    C CG2 . ILE A 1 99  ? -16.97114 -3.01392  -11.03028 1.000 91.64000  ? 99  ILE A CG2 1 
ATOM   8    C CD1 . ILE A 1 99  ? -16.60091 -5.78694  -12.43142 1.000 71.76000  ? 99  ILE A CD1 1 
ATOM   9    N N   . PRO A 1 100 ? -15.04177 -1.43537  -15.05348 1.000 108.77000 ? 100 PRO A N   1 
ATOM   10   C CA  . PRO A 1 100 ? -14.45938 -1.64398  -16.38258 1.000 102.20000 ? 100 PRO A CA  1 
ATOM   11   C C   . PRO A 1 100 ? -13.95119 -3.06799  -16.52433 1.000 102.33000 ? 100 PRO A C   1 
ATOM   12   O O   . PRO A 1 100 ? -13.51846 -3.70917  -15.55660 1.000 100.14000 ? 100 PRO A O   1 
ATOM   13   C CB  . PRO A 1 100 ? -13.30523 -0.63807  -16.44053 1.000 92.78000  ? 100 PRO A CB  1 
ATOM   14   C CG  . PRO A 1 100 ? -13.01099 -0.34530  -15.05360 1.000 96.61000  ? 100 PRO A CG  1 
ATOM   15   C CD  . PRO A 1 100 ? -14.30268 -0.42117  -14.29300 1.000 98.83000  ? 100 PRO A CD  1 
ATOM   16   N N   . VAL A 1 101 ? -14.01383 -3.55626  -17.75643 1.000 95.20000  ? 101 VAL A N   1 
ATOM   17   C CA  . VAL A 1 101 ? -13.56715 -4.90245  -18.08347 1.000 96.81000  ? 101 VAL A CA  1 
ATOM   18   C C   . VAL A 1 101 ? -12.04263 -4.90897  -18.16545 1.000 100.94000 ? 101 VAL A C   1 
ATOM   19   O O   . VAL A 1 101 ? -11.42498 -3.94226  -18.63004 1.000 96.70000  ? 101 VAL A O   1 
ATOM   20   C CB  . VAL A 1 101 ? -14.22321 -5.36548  -19.39920 1.000 86.91000  ? 101 VAL A CB  1 
ATOM   21   C CG1 . VAL A 1 101 ? -13.35648 -6.38863  -20.14181 1.000 96.46000  ? 101 VAL A CG1 1 
ATOM   22   C CG2 . VAL A 1 101 ? -15.62929 -5.89563  -19.14751 1.000 83.33000  ? 101 VAL A CG2 1 
ATOM   23   N N   . ILE A 1 102 ? -11.42469 -5.98304  -17.68486 1.000 107.94000 ? 102 ILE A N   1 
ATOM   24   C CA  . ILE A 1 102 ? -9.96798  -6.08672  -17.65697 1.000 103.32000 ? 102 ILE A CA  1 
ATOM   25   C C   . ILE A 1 102 ? -9.56017  -7.11958  -18.71788 1.000 105.36000 ? 102 ILE A C   1 
ATOM   26   O O   . ILE A 1 102 ? -9.89011  -8.30922  -18.58426 1.000 105.59000 ? 102 ILE A O   1 
ATOM   27   C CB  . ILE A 1 102 ? -9.46150  -6.46304  -16.26006 1.000 104.23000 ? 102 ILE A CB  1 
ATOM   28   C CG1 . ILE A 1 102 ? -10.26764 -5.72638  -15.17865 1.000 100.49000 ? 102 ILE A CG1 1 
ATOM   29   C CG2 . ILE A 1 102 ? -7.98793  -6.06911  -16.11569 1.000 91.32000  ? 102 ILE A CG2 1 
ATOM   30   C CD1 . ILE A 1 102 ? -10.09366 -4.22186  -15.16490 1.000 92.63000  ? 102 ILE A CD1 1 
ATOM   31   N N   . PRO A 1 103 ? -8.90347  -6.70071  -19.80389 1.000 103.90000 ? 103 PRO A N   1 
ATOM   32   C CA  . PRO A 1 103 ? -8.59096  -7.62529  -20.91319 1.000 107.34000 ? 103 PRO A CA  1 
ATOM   33   C C   . PRO A 1 103 ? -7.68911  -8.77045  -20.48623 1.000 108.96000 ? 103 PRO A C   1 
ATOM   34   O O   . PRO A 1 103 ? -6.52513  -8.56050  -20.13912 1.000 104.91000 ? 103 PRO A O   1 
ATOM   35   C CB  . PRO A 1 103 ? -7.86850  -6.72745  -21.92463 1.000 102.20000 ? 103 PRO A CB  1 
ATOM   36   C CG  . PRO A 1 103 ? -8.20346  -5.31979  -21.54960 1.000 94.55000  ? 103 PRO A CG  1 
ATOM   37   C CD  . PRO A 1 103 ? -8.95411  -5.30345  -20.25424 1.000 96.14000  ? 103 PRO A CD  1 
ATOM   38   N N   . GLY A 1 104 ? -8.21384  -9.99406  -20.56426 1.000 107.71000 ? 104 GLY A N   1 
ATOM   39   C CA  . GLY A 1 104 ? -7.40460  -11.15435 -20.22915 1.000 108.42000 ? 104 GLY A CA  1 
ATOM   40   C C   . GLY A 1 104 ? -6.87000  -11.13367 -18.81343 1.000 111.00000 ? 104 GLY A C   1 
ATOM   41   O O   . GLY A 1 104 ? -5.77634  -11.65470 -18.55687 1.000 109.16000 ? 104 GLY A O   1 
ATOM   42   N N   . ILE A 1 105 ? -7.61496  -10.52575 -17.88351 1.000 112.44000 ? 105 ILE A N   1 
ATOM   43   C CA  . ILE A 1 105 ? -7.30611  -10.59972 -16.45591 1.000 111.82000 ? 105 ILE A CA  1 
ATOM   44   C C   . ILE A 1 105 ? -7.16247  -12.05083 -16.00606 1.000 104.53000 ? 105 ILE A C   1 
ATOM   45   O O   . ILE A 1 105 ? -6.52718  -12.33072 -14.98378 1.000 112.23000 ? 105 ILE A O   1 
ATOM   46   C CB  . ILE A 1 105 ? -8.39888  -9.80816  -15.66861 1.000 101.43000 ? 105 ILE A CB  1 
ATOM   47   C CG1 . ILE A 1 105 ? -8.15799  -9.79902  -14.15317 1.000 98.83000  ? 105 ILE A CG1 1 
ATOM   48   C CG2 . ILE A 1 105 ? -9.81703  -10.24501 -16.05317 1.000 100.48000 ? 105 ILE A CG2 1 
ATOM   49   C CD1 . ILE A 1 105 ? -6.81948  -9.24910  -13.74165 1.000 90.62000  ? 105 ILE A CD1 1 
ATOM   50   N N   . GLU A 1 106 ? -7.68642  -12.98501 -16.79558 1.000 106.08000 ? 106 GLU A N   1 
ATOM   51   C CA  . GLU A 1 106 ? -7.75463  -14.40373 -16.49194 1.000 102.79000 ? 106 GLU A CA  1 
ATOM   52   C C   . GLU A 1 106 ? -6.52038  -15.17028 -16.96110 1.000 104.00000 ? 106 GLU A C   1 
ATOM   53   O O   . GLU A 1 106 ? -6.33665  -16.33022 -16.56929 1.000 99.40000  ? 106 GLU A O   1 
ATOM   54   C CB  . GLU A 1 106 ? -9.02760  -14.97782 -17.13693 1.000 111.65000 ? 106 GLU A CB  1 
ATOM   55   C CG  . GLU A 1 106 ? -10.30094 -14.12411 -16.86969 1.000 112.86000 ? 106 GLU A CG  1 
ATOM   56   C CD  . GLU A 1 106 ? -10.80120 -13.29861 -18.07881 1.000 112.64000 ? 106 GLU A CD  1 
ATOM   57   O OE1 . GLU A 1 106 ? -10.06173 -12.43352 -18.61822 1.000 106.91000 ? 106 GLU A OE1 1 
ATOM   58   O OE2 . GLU A 1 106 ? -11.97724 -13.49101 -18.45073 1.000 114.08000 ? 106 GLU A OE2 1 
ATOM   59   N N   . GLY A 1 107 ? -5.68182  -14.55415 -17.79390 1.000 103.82000 ? 107 GLY A N   1 
ATOM   60   C CA  . GLY A 1 107 ? -4.41591  -15.12403 -18.20142 1.000 98.60000  ? 107 GLY A CA  1 
ATOM   61   C C   . GLY A 1 107 ? -3.21686  -14.44978 -17.58361 1.000 100.93000 ? 107 GLY A C   1 
ATOM   62   O O   . GLY A 1 107 ? -2.08699  -14.69160 -18.03338 1.000 99.72000  ? 107 GLY A O   1 
ATOM   63   N N   . ALA A 1 108 ? -3.41323  -13.60434 -16.57287 1.000 112.10000 ? 108 ALA A N   1 
ATOM   64   C CA  . ALA A 1 108 ? -2.30559  -12.98233 -15.85621 1.000 106.23000 ? 108 ALA A CA  1 
ATOM   65   C C   . ALA A 1 108 ? -1.63815  -13.98627 -14.92189 1.000 100.03000 ? 108 ALA A C   1 
ATOM   66   O O   . ALA A 1 108 ? -2.29222  -14.62791 -14.08928 1.000 93.56000  ? 108 ALA A O   1 
ATOM   67   C CB  . ALA A 1 108 ? -2.79140  -11.76793 -15.06519 1.000 96.34000  ? 108 ALA A CB  1 
ATOM   68   N N   . ILE A 1 109 ? -0.32334  -14.09800 -15.05765 1.000 95.95000  ? 109 ILE A N   1 
ATOM   69   C CA  . ILE A 1 109 ? 0.44899   -15.13133 -14.38770 1.000 95.12000  ? 109 ILE A CA  1 
ATOM   70   C C   . ILE A 1 109 ? 1.20175   -14.61883 -13.16440 1.000 87.46000  ? 109 ILE A C   1 
ATOM   71   O O   . ILE A 1 109 ? 1.68684   -15.44257 -12.37510 1.000 86.94000  ? 109 ILE A O   1 
ATOM   72   C CB  . ILE A 1 109 ? 1.39958   -15.82617 -15.38917 1.000 93.60000  ? 109 ILE A CB  1 
ATOM   73   C CG1 . ILE A 1 109 ? 2.36371   -14.81205 -16.03285 1.000 94.15000  ? 109 ILE A CG1 1 
ATOM   74   C CG2 . ILE A 1 109 ? 0.59177   -16.57322 -16.44729 1.000 79.03000  ? 109 ILE A CG2 1 
ATOM   75   C CD1 . ILE A 1 109 ? 3.75574   -14.77582 -15.46045 1.000 87.03000  ? 109 ILE A CD1 1 
ATOM   76   N N   . SER A 1 110 ? 1.26647   -13.30164 -12.94711 1.000 81.87000  ? 110 SER A N   1 
ATOM   77   C CA  . SER A 1 110 ? 2.02896   -12.73299 -11.84207 1.000 68.93000  ? 110 SER A CA  1 
ATOM   78   C C   . SER A 1 110 ? 1.32043   -11.50926 -11.28720 1.000 68.46000  ? 110 SER A C   1 
ATOM   79   O O   . SER A 1 110 ? 0.60037   -10.80885 -11.99920 1.000 77.13000  ? 110 SER A O   1 
ATOM   80   C CB  . SER A 1 110 ? 3.41868   -12.28214 -12.26512 1.000 62.96000  ? 110 SER A CB  1 
ATOM   81   O OG  . SER A 1 110 ? 3.32775   -11.04368 -12.92903 1.000 60.78000  ? 110 SER A OG  1 
ATOM   82   N N   . LYS A 1 111 ? 1.59241   -11.21992 -10.01455 1.000 62.33000  ? 111 LYS A N   1 
ATOM   83   C CA  . LYS A 1 111 ? 1.03255   -10.03232 -9.37987  1.000 58.64000  ? 111 LYS A CA  1 
ATOM   84   C C   . LYS A 1 111 ? 1.44621   -8.74636  -10.09386 1.000 63.14000  ? 111 LYS A C   1 
ATOM   85   O O   . LYS A 1 111 ? 0.64541   -7.80785  -10.16328 1.000 63.34000  ? 111 LYS A O   1 
ATOM   86   C CB  . LYS A 1 111 ? 1.45961   -9.98017  -7.91323  1.000 60.39000  ? 111 LYS A CB  1 
ATOM   87   C CG  . LYS A 1 111 ? 0.43701   -10.52027 -6.95839  1.000 58.81000  ? 111 LYS A CG  1 
ATOM   88   C CD  . LYS A 1 111 ? -0.16599  -11.77925 -7.50207  1.000 64.47000  ? 111 LYS A CD  1 
ATOM   89   C CE  . LYS A 1 111 ? -1.42087  -12.11314 -6.76969  1.000 65.82000  ? 111 LYS A CE  1 
ATOM   90   N NZ  . LYS A 1 111 ? -1.55178  -13.56608 -6.64271  1.000 70.70000  ? 111 LYS A NZ  1 
ATOM   91   N N   . SER A 1 112 ? 2.68357   -8.66803  -10.61780 1.000 61.08000  ? 112 SER A N   1 
ATOM   92   C CA  . SER A 1 112 ? 3.10322   -7.45539  -11.32549 1.000 60.21000  ? 112 SER A CA  1 
ATOM   93   C C   . SER A 1 112 ? 2.26816   -7.23657  -12.57229 1.000 63.66000  ? 112 SER A C   1 
ATOM   94   O O   . SER A 1 112 ? 1.87926   -6.10626  -12.88145 1.000 61.11000  ? 112 SER A O   1 
ATOM   95   C CB  . SER A 1 112 ? 4.58372   -7.50522  -11.72554 1.000 59.46000  ? 112 SER A CB  1 
ATOM   96   O OG  . SER A 1 112 ? 5.41970   -8.05043  -10.73580 1.000 61.44000  ? 112 SER A OG  1 
ATOM   97   N N   . GLU A 1 113 ? 1.99609   -8.31483  -13.30563 1.000 68.96000  ? 113 GLU A N   1 
ATOM   98   C CA  . GLU A 1 113 ? 1.21985   -8.22269  -14.53107 1.000 68.70000  ? 113 GLU A CA  1 
ATOM   99   C C   . GLU A 1 113 ? -0.22661  -7.83836  -14.25891 1.000 65.19000  ? 113 GLU A C   1 
ATOM   100  O O   . GLU A 1 113 ? -0.85254  -7.17152  -15.08932 1.000 68.35000  ? 113 GLU A O   1 
ATOM   101  C CB  . GLU A 1 113 ? 1.28158   -9.55021  -15.27101 1.000 76.09000  ? 113 GLU A CB  1 
ATOM   102  C CG  . GLU A 1 113 ? 1.02513   -9.45274  -16.75811 1.000 92.73000  ? 113 GLU A CG  1 
ATOM   103  C CD  . GLU A 1 113 ? 0.53776   -10.77805 -17.32274 1.000 106.31000 ? 113 GLU A CD  1 
ATOM   104  O OE1 . GLU A 1 113 ? 0.81421   -11.82261 -16.67096 1.000 104.19000 ? 113 GLU A OE1 1 
ATOM   105  O OE2 . GLU A 1 113 ? -0.11879  -10.77241 -18.39850 1.000 100.57000 ? 113 GLU A OE2 1 
ATOM   106  N N   . ILE A 1 114 ? -0.77723  -8.25269  -13.11910 1.000 60.92000  ? 114 ILE A N   1 
ATOM   107  C CA  . ILE A 1 114 ? -2.13005  -7.84233  -12.74970 1.000 61.54000  ? 114 ILE A CA  1 
ATOM   108  C C   . ILE A 1 114 ? -2.17991  -6.34608  -12.44862 1.000 63.20000  ? 114 ILE A C   1 
ATOM   109  O O   . ILE A 1 114 ? -3.09099  -5.62939  -12.89301 1.000 59.09000  ? 114 ILE A O   1 
ATOM   110  C CB  . ILE A 1 114 ? -2.61821  -8.66168  -11.54808 1.000 57.84000  ? 114 ILE A CB  1 
ATOM   111  C CG1 . ILE A 1 114 ? -2.84853  -10.11384 -11.94868 1.000 58.96000  ? 114 ILE A CG1 1 
ATOM   112  C CG2 . ILE A 1 114 ? -3.86413  -8.04944  -10.99272 1.000 52.29000  ? 114 ILE A CG2 1 
ATOM   113  C CD1 . ILE A 1 114 ? -3.68085  -10.87709 -10.94335 1.000 59.40000  ? 114 ILE A CD1 1 
ATOM   114  N N   . ILE A 1 115 ? -1.21444  -5.85628  -11.66551 1.000 61.57000  ? 115 ILE A N   1 
ATOM   115  C CA  . ILE A 1 115 ? -1.18168  -4.43781  -11.32577 1.000 55.72000  ? 115 ILE A CA  1 
ATOM   116  C C   . ILE A 1 115 ? -1.11510  -3.59715  -12.58171 1.000 57.65000  ? 115 ILE A C   1 
ATOM   117  O O   . ILE A 1 115 ? -1.78713  -2.56747  -12.68529 1.000 60.41000  ? 115 ILE A O   1 
ATOM   118  C CB  . ILE A 1 115 ? 0.00415   -4.14301  -10.39891 1.000 56.00000  ? 115 ILE A CB  1 
ATOM   119  C CG1 . ILE A 1 115 ? -0.14259  -4.93348  -9.11230  1.000 59.32000  ? 115 ILE A CG1 1 
ATOM   120  C CG2 . ILE A 1 115 ? 0.06194   -2.67757  -10.07949 1.000 55.74000  ? 115 ILE A CG2 1 
ATOM   121  C CD1 . ILE A 1 115 ? 1.04746   -4.82821  -8.21056  1.000 61.54000  ? 115 ILE A CD1 1 
ATOM   122  N N   . ALA A 1 116 ? -0.30779  -4.03156  -13.55896 1.000 57.92000  ? 116 ALA A N   1 
ATOM   123  C CA  . ALA A 1 116 ? -0.10376  -3.28804  -14.79504 1.000 52.91000  ? 116 ALA A CA  1 
ATOM   124  C C   . ALA A 1 116 ? -1.34744  -3.31033  -15.68163 1.000 64.99000  ? 116 ALA A C   1 
ATOM   125  O O   . ALA A 1 116 ? -1.60458  -2.34768  -16.41737 1.000 64.44000  ? 116 ALA A O   1 
ATOM   126  C CB  . ALA A 1 116 ? 1.09984   -3.85960  -15.53510 1.000 49.55000  ? 116 ALA A CB  1 
ATOM   127  N N   . LEU A 1 117 ? -2.13193  -4.39208  -15.61383 1.000 66.76000  ? 117 LEU A N   1 
ATOM   128  C CA  . LEU A 1 117 ? -3.38430  -4.48548  -16.36348 1.000 63.88000  ? 117 LEU A CA  1 
ATOM   129  C C   . LEU A 1 117 ? -4.41878  -3.48936  -15.85540 1.000 63.15000  ? 117 LEU A C   1 
ATOM   130  O O   . LEU A 1 117 ? -5.07524  -2.80462  -16.64331 1.000 63.07000  ? 117 LEU A O   1 
ATOM   131  C CB  . LEU A 1 117 ? -3.94092  -5.90060  -16.24781 1.000 68.18000  ? 117 LEU A CB  1 
ATOM   132  C CG  . LEU A 1 117 ? -3.56234  -6.89918  -17.32607 1.000 73.68000  ? 117 LEU A CG  1 
ATOM   133  C CD1 . LEU A 1 117 ? -4.40580  -8.15570  -17.17009 1.000 81.46000  ? 117 LEU A CD1 1 
ATOM   134  C CD2 . LEU A 1 117 ? -3.75347  -6.26552  -18.68344 1.000 73.96000  ? 117 LEU A CD2 1 
ATOM   135  N N   . ILE A 1 118 ? -4.62047  -3.44710  -14.53960 1.000 61.02000  ? 118 ILE A N   1 
ATOM   136  C CA  . ILE A 1 118 ? -5.53709  -2.48228  -13.94464 1.000 57.70000  ? 118 ILE A CA  1 
ATOM   137  C C   . ILE A 1 118 ? -5.10335  -1.06326  -14.28100 1.000 60.02000  ? 118 ILE A C   1 
ATOM   138  O O   . ILE A 1 118 ? -5.93537  -0.20037  -14.57734 1.000 60.06000  ? 118 ILE A O   1 
ATOM   139  C CB  . ILE A 1 118 ? -5.60151  -2.70965  -12.42246 1.000 60.26000  ? 118 ILE A CB  1 
ATOM   140  C CG1 . ILE A 1 118 ? -5.86636  -4.19346  -12.12846 1.000 55.73000  ? 118 ILE A CG1 1 
ATOM   141  C CG2 . ILE A 1 118 ? -6.59901  -1.74740  -11.73478 1.000 54.86000  ? 118 ILE A CG2 1 
ATOM   142  C CD1 . ILE A 1 118 ? -5.85391  -4.55346  -10.64638 1.000 51.73000  ? 118 ILE A CD1 1 
ATOM   143  N N   . GLN A 1 119 ? -3.79216  -0.79732  -14.23109 1.000 59.99000  ? 119 GLN A N   1 
ATOM   144  C CA  . GLN A 1 119 ? -3.29284  0.54689   -14.50632 1.000 61.39000  ? 119 GLN A CA  1 
ATOM   145  C C   . GLN A 1 119 ? -3.61608  0.98076   -15.93044 1.000 64.48000  ? 119 GLN A C   1 
ATOM   146  O O   . GLN A 1 119 ? -4.05151  2.11727   -16.15911 1.000 63.29000  ? 119 GLN A O   1 
ATOM   147  C CB  . GLN A 1 119 ? -1.78681  0.61469   -14.25550 1.000 57.13000  ? 119 GLN A CB  1 
ATOM   148  C CG  . GLN A 1 119 ? -1.39206  1.36274   -13.00237 1.000 63.96000  ? 119 GLN A CG  1 
ATOM   149  C CD  . GLN A 1 119 ? 0.05342   1.07524   -12.55788 1.000 75.84000  ? 119 GLN A CD  1 
ATOM   150  O OE1 . GLN A 1 119 ? 0.68364   0.09228   -12.99337 1.000 70.24000  ? 119 GLN A OE1 1 
ATOM   151  N NE2 . GLN A 1 119 ? 0.56122   1.90664   -11.64402 1.000 78.93000  ? 119 GLN A NE2 1 
ATOM   152  N N   . THR A 1 120 ? -3.41226  0.09648   -16.90584 1.000 63.14000  ? 120 THR A N   1 
ATOM   153  C CA  . THR A 1 120 ? -3.63760  0.52854   -18.27291 1.000 65.20000  ? 120 THR A CA  1 
ATOM   154  C C   . THR A 1 120 ? -5.12808  0.61377   -18.58972 1.000 64.31000  ? 120 THR A C   1 
ATOM   155  O O   . THR A 1 120 ? -5.54134  1.51909   -19.32327 1.000 70.82000  ? 120 THR A O   1 
ATOM   156  C CB  . THR A 1 120 ? -2.90870  -0.39323  -19.25088 1.000 60.14000  ? 120 THR A CB  1 
ATOM   157  O OG1 . THR A 1 120 ? -3.50020  -1.68432  -19.19360 1.000 66.36000  ? 120 THR A OG1 1 
ATOM   158  C CG2 . THR A 1 120 ? -1.46570  -0.54322  -18.83184 1.000 60.20000  ? 120 THR A CG2 1 
ATOM   159  N N   . THR A 1 121 ? -5.96068  -0.25804  -18.01414 1.000 58.51000  ? 121 THR A N   1 
ATOM   160  C CA  . THR A 1 121 ? -7.36178  -0.24033  -18.41804 1.000 62.49000  ? 121 THR A CA  1 
ATOM   161  C C   . THR A 1 121 ? -8.14478  0.88561   -17.73781 1.000 65.10000  ? 121 THR A C   1 
ATOM   162  O O   . THR A 1 121 ? -8.98047  1.52907   -18.38313 1.000 67.35000  ? 121 THR A O   1 
ATOM   163  C CB  . THR A 1 121 ? -8.02144  -1.60476  -18.17517 1.000 67.23000  ? 121 THR A CB  1 
ATOM   164  O OG1 . THR A 1 121 ? -8.07762  -1.90139  -16.77871 1.000 74.07000  ? 121 THR A OG1 1 
ATOM   165  C CG2 . THR A 1 121 ? -7.23050  -2.69525  -18.87515 1.000 66.23000  ? 121 THR A CG2 1 
ATOM   166  N N   . THR A 1 122 ? -7.89514  1.15755   -16.45114 1.000 66.17000  ? 122 THR A N   1 
ATOM   167  C CA  . THR A 1 122 ? -8.55235  2.30780   -15.82361 1.000 70.25000  ? 122 THR A CA  1 
ATOM   168  C C   . THR A 1 122 ? -7.91808  3.60775   -16.27941 1.000 71.08000  ? 122 THR A C   1 
ATOM   169  O O   . THR A 1 122 ? -8.60634  4.63283   -16.39229 1.000 72.03000  ? 122 THR A O   1 
ATOM   170  C CB  . THR A 1 122 ? -8.46742  2.26386   -14.29387 1.000 64.33000  ? 122 THR A CB  1 
ATOM   171  O OG1 . THR A 1 122 ? -7.10611  2.44003   -13.89561 1.000 59.69000  ? 122 THR A OG1 1 
ATOM   172  C CG2 . THR A 1 122 ? -9.01181  0.95351   -13.73860 1.000 59.66000  ? 122 THR A CG2 1 
ATOM   173  N N   . GLY A 1 123 ? -6.61149  3.57732   -16.51981 1.000 69.60000  ? 123 GLY A N   1 
ATOM   174  C CA  . GLY A 1 123 ? -5.83741  4.75626   -16.84958 1.000 71.26000  ? 123 GLY A CA  1 
ATOM   175  C C   . GLY A 1 123 ? -5.61316  5.68143   -15.67634 1.000 74.40000  ? 123 GLY A C   1 
ATOM   176  O O   . GLY A 1 123 ? -5.77790  6.89950   -15.82436 1.000 81.64000  ? 123 GLY A O   1 
ATOM   177  N N   . LEU A 1 124 ? -5.24479  5.13483   -14.50899 1.000 73.94000  ? 124 LEU A N   1 
ATOM   178  C CA  . LEU A 1 124 ? -5.08554  5.89563   -13.27080 1.000 76.17000  ? 124 LEU A CA  1 
ATOM   179  C C   . LEU A 1 124 ? -3.69524  5.64533   -12.69486 1.000 80.43000  ? 124 LEU A C   1 
ATOM   180  O O   . LEU A 1 124 ? -3.10198  4.58328   -12.91445 1.000 78.05000  ? 124 LEU A O   1 
ATOM   181  C CB  . LEU A 1 124 ? -6.14693  5.50529   -12.23561 1.000 70.55000  ? 124 LEU A CB  1 
ATOM   182  C CG  . LEU A 1 124 ? -7.51836  6.17581   -12.17966 1.000 69.73000  ? 124 LEU A CG  1 
ATOM   183  C CD1 . LEU A 1 124 ? -8.13079  6.42689   -13.53743 1.000 61.34000  ? 124 LEU A CD1 1 
ATOM   184  C CD2 . LEU A 1 124 ? -8.42334  5.23893   -11.42127 1.000 72.73000  ? 124 LEU A CD2 1 
ATOM   185  N N   . GLU A 1 125 ? -3.19606  6.62782   -11.92685 1.000 90.67000  ? 125 GLU A N   1 
ATOM   186  C CA  . GLU A 1 125 ? -1.81940  6.60323   -11.40358 1.000 90.39000  ? 125 GLU A CA  1 
ATOM   187  C C   . GLU A 1 125 ? -1.50811  5.29797   -10.68217 1.000 86.85000  ? 125 GLU A C   1 
ATOM   188  O O   . GLU A 1 125 ? -0.50184  4.63194   -10.96623 1.000 86.46000  ? 125 GLU A O   1 
ATOM   189  C CB  . GLU A 1 125 ? -1.58929  7.77829   -10.43770 1.000 85.36000  ? 125 GLU A CB  1 
ATOM   190  C CG  . GLU A 1 125 ? -1.81793  9.17100   -11.02000 1.000 110.16000 ? 125 GLU A CG  1 
ATOM   191  C CD  . GLU A 1 125 ? -3.29200  9.48527   -11.26315 1.000 115.13000 ? 125 GLU A CD  1 
ATOM   192  O OE1 . GLU A 1 125 ? -4.13307  9.09261   -10.40449 1.000 106.70000 ? 125 GLU A OE1 1 
ATOM   193  O OE2 . GLU A 1 125 ? -3.59209  10.09385  -12.33266 1.000 102.74000 ? 125 GLU A OE2 1 
ATOM   194  N N   . ASN A 1 126 ? -2.35530  4.94964   -9.71712  1.000 80.61000  ? 126 ASN A N   1 
ATOM   195  C CA  . ASN A 1 126 ? -2.27524  3.76129   -8.88441  1.000 73.77000  ? 126 ASN A CA  1 
ATOM   196  C C   . ASN A 1 126 ? -3.63130  3.09289   -8.77586  1.000 65.31000  ? 126 ASN A C   1 
ATOM   197  O O   . ASN A 1 126 ? -4.66317  3.75248   -8.66125  1.000 64.98000  ? 126 ASN A O   1 
ATOM   198  C CB  . ASN A 1 126 ? -1.77962  4.07988   -7.48111  1.000 74.94000  ? 126 ASN A CB  1 
ATOM   199  C CG  . ASN A 1 126 ? -2.40575  5.34862   -6.94098  1.000 77.94000  ? 126 ASN A CG  1 
ATOM   200  O OD1 . ASN A 1 126 ? -2.01271  6.44262   -7.34225  1.000 82.75000  ? 126 ASN A OD1 1 
ATOM   201  N ND2 . ASN A 1 126 ? -3.56027  5.20338   -6.30156  1.000 77.18000  ? 126 ASN A ND2 1 
ATOM   202  N N   . ILE A 1 127 ? -3.59432  1.76978   -8.71170  1.000 59.44000  ? 127 ILE A N   1 
ATOM   203  C CA  . ILE A 1 127 ? -4.74702  0.92169   -8.96723  1.000 55.98000  ? 127 ILE A CA  1 
ATOM   204  C C   . ILE A 1 127 ? -5.81668  0.98299   -7.88341  1.000 61.13000  ? 127 ILE A C   1 
ATOM   205  O O   . ILE A 1 127 ? -6.67543  0.09819   -7.80196  1.000 69.30000  ? 127 ILE A O   1 
ATOM   206  C CB  . ILE A 1 127 ? -4.27157  -0.52407  -9.15313  1.000 55.47000  ? 127 ILE A CB  1 
ATOM   207  C CG1 . ILE A 1 127 ? -3.75646  -1.06423  -7.82385  1.000 52.17000  ? 127 ILE A CG1 1 
ATOM   208  C CG2 . ILE A 1 127 ? -3.17137  -0.57795  -10.16232 1.000 58.43000  ? 127 ILE A CG2 1 
ATOM   209  C CD1 . ILE A 1 127 ? -3.23652  -2.43239  -7.91500  1.000 50.06000  ? 127 ILE A CD1 1 
ATOM   210  N N   . TRP A 1 128 ? -5.79933  2.00276   -7.03949  1.000 59.40000  ? 128 TRP A N   1 
ATOM   211  C CA  . TRP A 1 128 ? -6.81495  2.08195   -6.00009  1.000 59.37000  ? 128 TRP A CA  1 
ATOM   212  C C   . TRP A 1 128 ? -7.57017  3.39017   -6.03465  1.000 60.75000  ? 128 TRP A C   1 
ATOM   213  O O   . TRP A 1 128 ? -8.49553  3.56612   -5.22957  1.000 57.12000  ? 128 TRP A O   1 
ATOM   214  C CB  . TRP A 1 128 ? -6.20903  1.85654   -4.60009  1.000 58.31000  ? 128 TRP A CB  1 
ATOM   215  C CG  . TRP A 1 128 ? -5.16769  2.86615   -4.15817  1.000 59.40000  ? 128 TRP A CG  1 
ATOM   216  C CD1 . TRP A 1 128 ? -5.39055  4.12284   -3.64578  1.000 55.76000  ? 128 TRP A CD1 1 
ATOM   217  C CD2 . TRP A 1 128 ? -3.74095  2.69390   -4.18581  1.000 60.82000  ? 128 TRP A CD2 1 
ATOM   218  N NE1 . TRP A 1 128 ? -4.18834  4.74091   -3.35760  1.000 53.20000  ? 128 TRP A NE1 1 
ATOM   219  C CE2 . TRP A 1 128 ? -3.16155  3.88757   -3.67768  1.000 57.93000  ? 128 TRP A CE2 1 
ATOM   220  C CE3 . TRP A 1 128 ? -2.89495  1.64794   -4.58950  1.000 57.15000  ? 128 TRP A CE3 1 
ATOM   221  C CZ2 . TRP A 1 128 ? -1.76624  4.05993   -3.56542  1.000 56.01000  ? 128 TRP A CZ2 1 
ATOM   222  C CZ3 . TRP A 1 128 ? -1.50842  1.82559   -4.47551  1.000 59.27000  ? 128 TRP A CZ3 1 
ATOM   223  C CH2 . TRP A 1 128 ? -0.96025  3.02227   -3.96620  1.000 52.49000  ? 128 TRP A CH2 1 
ATOM   224  N N   . GLU A 1 129 ? -7.21570  4.29594   -6.95615  1.000 64.20000  ? 129 GLU A N   1 
ATOM   225  C CA  . GLU A 1 129 ? -7.92335  5.56588   -7.09147  1.000 64.65000  ? 129 GLU A CA  1 
ATOM   226  C C   . GLU A 1 129 ? -9.38563  5.35990   -7.43527  1.000 59.45000  ? 129 GLU A C   1 
ATOM   227  O O   . GLU A 1 129 ? -10.21859 6.22089   -7.13945  1.000 62.68000  ? 129 GLU A O   1 
ATOM   228  C CB  . GLU A 1 129 ? -7.27476  6.42893   -8.17012  1.000 76.95000  ? 129 GLU A CB  1 
ATOM   229  C CG  . GLU A 1 129 ? -7.29874  7.90364   -7.85217  1.000 89.15000  ? 129 GLU A CG  1 
ATOM   230  C CD  . GLU A 1 129 ? -6.25251  8.23281   -6.78561  1.000 105.93000 ? 129 GLU A CD  1 
ATOM   231  O OE1 . GLU A 1 129 ? -5.03767  8.06951   -7.06624  1.000 100.68000 ? 129 GLU A OE1 1 
ATOM   232  O OE2 . GLU A 1 129 ? -6.64794  8.58925   -5.64567  1.000 105.55000 ? 129 GLU A OE2 1 
ATOM   233  N N   . GLN A 1 130 ? -9.72304  4.23692   -8.05767  1.000 54.42000  ? 130 GLN A N   1 
ATOM   234  C CA  . GLN A 1 130 ? -11.11391 4.02472   -8.40291  1.000 57.67000  ? 130 GLN A CA  1 
ATOM   235  C C   . GLN A 1 130 ? -12.01247 3.81672   -7.17931  1.000 58.95000  ? 130 GLN A C   1 
ATOM   236  O O   . GLN A 1 130 ? -13.23748 3.89216   -7.30314  1.000 59.88000  ? 130 GLN A O   1 
ATOM   237  C CB  . GLN A 1 130 ? -11.20139 2.85906   -9.38405  1.000 58.34000  ? 130 GLN A CB  1 
ATOM   238  C CG  . GLN A 1 130 ? -10.99000 1.51536   -8.78606  1.000 59.47000  ? 130 GLN A CG  1 
ATOM   239  C CD  . GLN A 1 130 ? -10.15461 0.62031   -9.67083  1.000 66.32000  ? 130 GLN A CD  1 
ATOM   240  O OE1 . GLN A 1 130 ? -8.92340  0.64487   -9.59635  1.000 64.10000  ? 130 GLN A OE1 1 
ATOM   241  N NE2 . GLN A 1 130 ? -10.81467 -0.15624  -10.54318 1.000 64.74000  ? 130 GLN A NE2 1 
ATOM   242  N N   . TYR A 1 131 ? -11.45446 3.59851   -5.99172  1.000 61.37000  ? 131 TYR A N   1 
ATOM   243  C CA  . TYR A 1 131 ? -12.26664 3.40551   -4.79563  1.000 61.73000  ? 131 TYR A CA  1 
ATOM   244  C C   . TYR A 1 131 ? -12.33445 4.65137   -3.90442  1.000 58.88000  ? 131 TYR A C   1 
ATOM   245  O O   . TYR A 1 131 ? -12.73336 4.55009   -2.74414  1.000 56.76000  ? 131 TYR A O   1 
ATOM   246  C CB  . TYR A 1 131 ? -11.74923 2.19618   -4.01712  1.000 57.44000  ? 131 TYR A CB  1 
ATOM   247  C CG  . TYR A 1 131 ? -11.60173 0.96168   -4.88570  1.000 61.54000  ? 131 TYR A CG  1 
ATOM   248  C CD1 . TYR A 1 131 ? -12.72035 0.24594   -5.32423  1.000 62.51000  ? 131 TYR A CD1 1 
ATOM   249  C CD2 . TYR A 1 131 ? -10.34612 0.52990   -5.30466  1.000 61.19000  ? 131 TYR A CD2 1 
ATOM   250  C CE1 . TYR A 1 131 ? -12.58524 -0.88345  -6.13444  1.000 56.42000  ? 131 TYR A CE1 1 
ATOM   251  C CE2 . TYR A 1 131 ? -10.20439 -0.59594  -6.11646  1.000 61.89000  ? 131 TYR A CE2 1 
ATOM   252  C CZ  . TYR A 1 131 ? -11.32624 -1.29173  -6.52944  1.000 58.65000  ? 131 TYR A CZ  1 
ATOM   253  O OH  . TYR A 1 131 ? -11.17716 -2.39664  -7.32988  1.000 61.81000  ? 131 TYR A OH  1 
ATOM   254  N N   . ALA A 1 132 ? -12.02071 5.82916   -4.44794  1.000 61.56000  ? 132 ALA A N   1 
ATOM   255  C CA  . ALA A 1 132 ? -11.91458 7.03905   -3.63752  1.000 61.52000  ? 132 ALA A CA  1 
ATOM   256  C C   . ALA A 1 132 ? -13.19023 7.35242   -2.85974  1.000 64.82000  ? 132 ALA A C   1 
ATOM   257  O O   . ALA A 1 132 ? -13.12765 7.99033   -1.80090  1.000 68.08000  ? 132 ALA A O   1 
ATOM   258  C CB  . ALA A 1 132 ? -11.54621 8.22561   -4.53290  1.000 60.67000  ? 132 ALA A CB  1 
ATOM   259  N N   . ALA A 1 133 ? -14.35247 6.92579   -3.36416  1.000 63.89000  ? 133 ALA A N   1 
ATOM   260  C CA  . ALA A 1 133 ? -15.61518 7.19996   -2.68312  1.000 61.68000  ? 133 ALA A CA  1 
ATOM   261  C C   . ALA A 1 133 ? -15.66952 6.58143   -1.29317  1.000 66.60000  ? 133 ALA A C   1 
ATOM   262  O O   . ALA A 1 133 ? -16.44407 7.04171   -0.44315  1.000 63.25000  ? 133 ALA A O   1 
ATOM   263  C CB  . ALA A 1 133 ? -16.78673 6.67768   -3.51269  1.000 58.45000  ? 133 ALA A CB  1 
ATOM   264  N N   . TYR A 1 134 ? -14.86102 5.55562   -1.04536  1.000 61.30000  ? 134 TYR A N   1 
ATOM   265  C CA  . TYR A 1 134 ? -14.87704 4.82195   0.20314   1.000 56.89000  ? 134 TYR A CA  1 
ATOM   266  C C   . TYR A 1 134 ? -13.81394 5.29196   1.17250   1.000 64.27000  ? 134 TYR A C   1 
ATOM   267  O O   . TYR A 1 134 ? -13.58318 4.62814   2.18763   1.000 65.24000  ? 134 TYR A O   1 
ATOM   268  C CB  . TYR A 1 134 ? -14.70785 3.34252   -0.07480  1.000 57.77000  ? 134 TYR A CB  1 
ATOM   269  C CG  . TYR A 1 134 ? -15.79176 2.83060   -0.97039  1.000 65.83000  ? 134 TYR A CG  1 
ATOM   270  C CD1 . TYR A 1 134 ? -17.01640 2.46571   -0.44003  1.000 70.14000  ? 134 TYR A CD1 1 
ATOM   271  C CD2 . TYR A 1 134 ? -15.60612 2.70583   -2.34642  1.000 59.80000  ? 134 TYR A CD2 1 
ATOM   272  C CE1 . TYR A 1 134 ? -18.03833 2.00441   -1.24418  1.000 63.60000  ? 134 TYR A CE1 1 
ATOM   273  C CE2 . TYR A 1 134 ? -16.62599 2.22224   -3.15282  1.000 55.56000  ? 134 TYR A CE2 1 
ATOM   274  C CZ  . TYR A 1 134 ? -17.83711 1.87537   -2.58121  1.000 56.24000  ? 134 TYR A CZ  1 
ATOM   275  O OH  . TYR A 1 134 ? -18.87846 1.39461   -3.31660  1.000 62.49000  ? 134 TYR A OH  1 
ATOM   276  N N   . GLU A 1 135 ? -13.15215 6.40529   0.87882   1.000 66.10000  ? 135 GLU A N   1 
ATOM   277  C CA  . GLU A 1 135 ? -12.21124 6.98442   1.82620   1.000 67.01000  ? 135 GLU A CA  1 
ATOM   278  C C   . GLU A 1 135 ? -12.91330 7.20768   3.15204   1.000 71.66000  ? 135 GLU A C   1 
ATOM   279  O O   . GLU A 1 135 ? -13.93511 7.90418   3.20798   1.000 69.84000  ? 135 GLU A O   1 
ATOM   280  C CB  . GLU A 1 135 ? -11.67933 8.30100   1.28575   1.000 73.78000  ? 135 GLU A CB  1 
ATOM   281  C CG  . GLU A 1 135 ? -10.23210 8.59919   1.56681   1.000 73.51000  ? 135 GLU A CG  1 
ATOM   282  C CD  . GLU A 1 135 ? -9.74676  9.72330   0.65463   1.000 93.40000  ? 135 GLU A CD  1 
ATOM   283  O OE1 . GLU A 1 135 ? -10.29198 9.84823   -0.48079  1.000 82.38000  ? 135 GLU A OE1 1 
ATOM   284  O OE2 . GLU A 1 135 ? -8.83449  10.47649  1.06485   1.000 101.86000 ? 135 GLU A OE2 1 
ATOM   285  N N   . ASN A 1 136 ? -12.38468 6.57644   4.20483   1.000 71.50000  ? 136 ASN A N   1 
ATOM   286  C CA  . ASN A 1 136 ? -12.87613 6.74749   5.57261   1.000 66.89000  ? 136 ASN A CA  1 
ATOM   287  C C   . ASN A 1 136 ? -14.31955 6.27887   5.69251   1.000 66.87000  ? 136 ASN A C   1 
ATOM   288  O O   . ASN A 1 136 ? -15.19286 6.98773   6.19785   1.000 70.45000  ? 136 ASN A O   1 
ATOM   289  C CB  . ASN A 1 136 ? -12.73284 8.19674   6.04146   1.000 70.35000  ? 136 ASN A CB  1 
ATOM   290  C CG  . ASN A 1 136 ? -11.32476 8.72058   5.87144   1.000 73.47000  ? 136 ASN A CG  1 
ATOM   291  O OD1 . ASN A 1 136 ? -10.34185 8.00657   6.14662   1.000 62.76000  ? 136 ASN A OD1 1 
ATOM   292  N ND2 . ASN A 1 136 ? -11.21216 9.97133   5.40144   1.000 71.71000  ? 136 ASN A ND2 1 
ATOM   293  N N   . ALA A 1 137 ? -14.56626 5.07969   5.20764   1.000 67.14000  ? 137 ALA A N   1 
ATOM   294  C CA  . ALA A 1 137 ? -15.88945 4.54230   5.45685   1.000 63.46000  ? 137 ALA A CA  1 
ATOM   295  C C   . ALA A 1 137 ? -15.86980 3.66231   6.69704   1.000 58.75000  ? 137 ALA A C   1 
ATOM   296  O O   . ALA A 1 137 ? -14.92515 2.88691   6.89191   1.000 56.66000  ? 137 ALA A O   1 
ATOM   297  C CB  . ALA A 1 137 ? -16.37818 3.73218   4.25474   1.000 61.67000  ? 137 ALA A CB  1 
ATOM   298  N N   . PRO A 1 138 ? -16.88409 3.79929   7.54850   1.000 60.96000  ? 138 PRO A N   1 
ATOM   299  C CA  . PRO A 1 138 ? -17.01890 2.89316   8.69900   1.000 54.21000  ? 138 PRO A CA  1 
ATOM   300  C C   . PRO A 1 138 ? -16.94967 1.42940   8.27506   1.000 57.33000  ? 138 PRO A C   1 
ATOM   301  O O   . PRO A 1 138 ? -17.52193 1.02619   7.25984   1.000 65.39000  ? 138 PRO A O   1 
ATOM   302  C CB  . PRO A 1 138 ? -18.40261 3.24183   9.25599   1.000 55.38000  ? 138 PRO A CB  1 
ATOM   303  C CG  . PRO A 1 138 ? -18.64126 4.64719   8.82271   1.000 59.62000  ? 138 PRO A CG  1 
ATOM   304  C CD  . PRO A 1 138 ? -17.97042 4.79546   7.48454   1.000 57.97000  ? 138 PRO A CD  1 
ATOM   305  N N   . ARG A 1 139 ? -16.23696 0.62693   9.05655   1.000 59.80000  ? 139 ARG A N   1 
ATOM   306  C CA  . ARG A 1 139 ? -16.25159 -0.80996  8.82726   1.000 60.38000  ? 139 ARG A CA  1 
ATOM   307  C C   . ARG A 1 139 ? -17.62999 -1.39048  9.15520   1.000 60.69000  ? 139 ARG A C   1 
ATOM   308  O O   . ARG A 1 139 ? -18.43722 -0.78339  9.86723   1.000 63.06000  ? 139 ARG A O   1 
ATOM   309  C CB  . ARG A 1 139 ? -15.17506 -1.49994  9.65884   1.000 55.70000  ? 139 ARG A CB  1 
ATOM   310  C CG  . ARG A 1 139 ? -14.61270 -2.72976  9.01000   1.000 54.59000  ? 139 ARG A CG  1 
ATOM   311  C CD  . ARG A 1 139 ? -13.98105 -3.60932  10.03198  1.000 61.51000  ? 139 ARG A CD  1 
ATOM   312  N NE  . ARG A 1 139 ? -13.48416 -4.83882  9.43518   1.000 75.74000  ? 139 ARG A NE  1 
ATOM   313  C CZ  . ARG A 1 139 ? -13.95792 -6.05139  9.68796   1.000 80.81000  ? 139 ARG A CZ  1 
ATOM   314  N NH1 . ARG A 1 139 ? -14.95629 -6.24491  10.54389  1.000 68.25000  ? 139 ARG A NH1 1 
ATOM   315  N NH2 . ARG A 1 139 ? -13.41190 -7.09733  9.06978   1.000 85.68000  ? 139 ARG A NH2 1 
ATOM   316  N N   . ILE A 1 140 ? -17.88997 -2.58536  8.62213   1.000 61.13000  ? 140 ILE A N   1 
ATOM   317  C CA  . ILE A 1 140 ? -19.19169 -3.24534  8.69717   1.000 65.55000  ? 140 ILE A CA  1 
ATOM   318  C C   . ILE A 1 140 ? -19.04062 -4.58591  9.40078   1.000 68.89000  ? 140 ILE A C   1 
ATOM   319  O O   . ILE A 1 140 ? -18.13366 -5.36516  9.08898   1.000 70.48000  ? 140 ILE A O   1 
ATOM   320  C CB  . ILE A 1 140 ? -19.80715 -3.44112  7.29403   1.000 62.24000  ? 140 ILE A CB  1 
ATOM   321  C CG1 . ILE A 1 140 ? -19.96756 -2.10565  6.57600   1.000 59.77000  ? 140 ILE A CG1 1 
ATOM   322  C CG2 . ILE A 1 140 ? -21.12583 -4.17125  7.36484   1.000 59.63000  ? 140 ILE A CG2 1 
ATOM   323  C CD1 . ILE A 1 140 ? -20.56603 -2.26309  5.21114   1.000 59.83000  ? 140 ILE A CD1 1 
ATOM   324  N N   . ASP A 1 141 ? -19.93733 -4.86347  10.33611  1.000 70.46000  ? 141 ASP A N   1 
ATOM   325  C CA  . ASP A 1 141 ? -19.81353 -6.13638  11.02719  1.000 76.95000  ? 141 ASP A CA  1 
ATOM   326  C C   . ASP A 1 141 ? -20.54681 -7.22436  10.24916  1.000 78.56000  ? 141 ASP A C   1 
ATOM   327  O O   . ASP A 1 141 ? -21.78433 -7.27503  10.27366  1.000 80.93000  ? 141 ASP A O   1 
ATOM   328  C CB  . ASP A 1 141 ? -20.35849 -6.01451  12.44651  1.000 83.23000  ? 141 ASP A CB  1 
ATOM   329  C CG  . ASP A 1 141 ? -19.94755 -7.16837  13.31898  1.000 88.49000  ? 141 ASP A CG  1 
ATOM   330  O OD1 . ASP A 1 141 ? -19.21151 -8.05507  12.81673  1.000 87.80000  ? 141 ASP A OD1 1 
ATOM   331  O OD2 . ASP A 1 141 ? -20.36978 -7.18931  14.49895  1.000 90.48000  ? 141 ASP A OD2 1 
ATOM   332  N N   . PRO A 1 142 ? -19.82852 -8.11754  9.55715   1.000 77.59000  ? 142 PRO A N   1 
ATOM   333  C CA  . PRO A 1 142 ? -20.50953 -9.09372  8.68322   1.000 82.00000  ? 142 PRO A CA  1 
ATOM   334  C C   . PRO A 1 142 ? -21.16887 -10.22979 9.44281   1.000 86.82000  ? 142 PRO A C   1 
ATOM   335  O O   . PRO A 1 142 ? -21.98242 -10.96074 8.85430   1.000 87.29000  ? 142 PRO A O   1 
ATOM   336  C CB  . PRO A 1 142 ? -19.38003 -9.61620  7.78200   1.000 77.36000  ? 142 PRO A CB  1 
ATOM   337  C CG  . PRO A 1 142 ? -18.10152 -9.31514  8.52695   1.000 79.22000  ? 142 PRO A CG  1 
ATOM   338  C CD  . PRO A 1 142 ? -18.39311 -8.40301  9.69613   1.000 75.16000  ? 142 PRO A CD  1 
ATOM   339  N N   . THR A 1 143 ? -20.85792 -10.37553 10.72924  1.000 87.52000  ? 143 THR A N   1 
ATOM   340  C CA  . THR A 1 143 ? -21.31293 -11.50794 11.52327  1.000 85.99000  ? 143 THR A CA  1 
ATOM   341  C C   . THR A 1 143 ? -22.80640 -11.40505 11.81620  1.000 86.70000  ? 143 THR A C   1 
ATOM   342  O O   . THR A 1 143 ? -23.30173 -10.34696 12.22598  1.000 82.50000  ? 143 THR A O   1 
ATOM   343  C CB  . THR A 1 143 ? -20.52167 -11.55352 12.82357  1.000 83.70000  ? 143 THR A CB  1 
ATOM   344  O OG1 . THR A 1 143 ? -20.73879 -10.32909 13.53250  1.000 81.41000  ? 143 THR A OG1 1 
ATOM   345  C CG2 . THR A 1 143 ? -19.02189 -11.69075 12.52669  1.000 80.91000  ? 143 THR A CG2 1 
ATOM   346  N N   . GLY A 1 144 ? -23.52180 -12.51533 11.61587  1.000 86.85000  ? 144 GLY A N   1 
ATOM   347  C CA  . GLY A 1 144 ? -24.95294 -12.57100 11.80358  1.000 84.14000  ? 144 GLY A CA  1 
ATOM   348  C C   . GLY A 1 144 ? -25.75484 -12.33896 10.53766  1.000 92.48000  ? 144 GLY A C   1 
ATOM   349  O O   . GLY A 1 144 ? -26.88471 -12.83192 10.42806  1.000 98.72000  ? 144 GLY A O   1 
ATOM   350  N N   . LEU A 1 145 ? -25.19159 -11.61091 9.57730   1.000 87.51000  ? 145 LEU A N   1 
ATOM   351  C CA  . LEU A 1 145 ? -25.85380 -11.37426 8.30394   1.000 87.67000  ? 145 LEU A CA  1 
ATOM   352  C C   . LEU A 1 145 ? -26.05327 -12.68798 7.54501   1.000 84.94000  ? 145 LEU A C   1 
ATOM   353  O O   . LEU A 1 145 ? -25.37832 -13.68951 7.79611   1.000 84.85000  ? 145 LEU A O   1 
ATOM   354  C CB  . LEU A 1 145 ? -25.01599 -10.40728 7.46401   1.000 83.17000  ? 145 LEU A CB  1 
ATOM   355  C CG  . LEU A 1 145 ? -25.11538 -8.92084  7.80991   1.000 78.62000  ? 145 LEU A CG  1 
ATOM   356  C CD1 . LEU A 1 145 ? -24.03697 -8.16719  7.06072   1.000 69.98000  ? 145 LEU A CD1 1 
ATOM   357  C CD2 . LEU A 1 145 ? -26.51324 -8.34963  7.51466   1.000 62.58000  ? 145 LEU A CD2 1 
ATOM   358  N N   . SER A 1 146 ? -26.98888 -12.67139 6.59410   1.000 85.09000  ? 146 SER A N   1 
ATOM   359  C CA  . SER A 1 146 ? -27.10760 -13.76901 5.63825   1.000 84.51000  ? 146 SER A CA  1 
ATOM   360  C C   . SER A 1 146 ? -25.77952 -14.01368 4.92555   1.000 83.48000  ? 146 SER A C   1 
ATOM   361  O O   . SER A 1 146 ? -24.90525 -13.14628 4.86163   1.000 83.31000  ? 146 SER A O   1 
ATOM   362  C CB  . SER A 1 146 ? -28.19315 -13.47325 4.60051   1.000 80.70000  ? 146 SER A CB  1 
ATOM   363  O OG  . SER A 1 146 ? -28.20717 -12.10399 4.23567   1.000 77.49000  ? 146 SER A OG  1 
ATOM   364  N N   . GLU A 1 147 ? -25.63187 -15.22385 4.38637   1.000 88.91000  ? 147 GLU A N   1 
ATOM   365  C CA  . GLU A 1 147 ? -24.42747 -15.55232 3.63229   1.000 87.31000  ? 147 GLU A CA  1 
ATOM   366  C C   . GLU A 1 147 ? -24.19223 -14.55165 2.50758   1.000 82.72000  ? 147 GLU A C   1 
ATOM   367  O O   . GLU A 1 147 ? -23.06184 -14.10245 2.28354   1.000 79.56000  ? 147 GLU A O   1 
ATOM   368  C CB  . GLU A 1 147 ? -24.53912 -16.95623 3.04489   1.000 93.75000  ? 147 GLU A CB  1 
ATOM   369  C CG  . GLU A 1 147 ? -25.10638 -18.01107 3.96084   1.000 100.69000 ? 147 GLU A CG  1 
ATOM   370  C CD  . GLU A 1 147 ? -25.00225 -19.39986 3.34286   1.000 117.63000 ? 147 GLU A CD  1 
ATOM   371  O OE1 . GLU A 1 147 ? -23.85980 -19.89387 3.19550   1.000 125.28000 ? 147 GLU A OE1 1 
ATOM   372  O OE2 . GLU A 1 147 ? -26.05690 -19.98883 2.99703   1.000 108.69000 ? 147 GLU A OE2 1 
ATOM   373  N N   . GLU A 1 148 ? -25.24575 -14.20581 1.77580   1.000 81.75000  ? 148 GLU A N   1 
ATOM   374  C CA  . GLU A 1 148 ? -25.07627 -13.28459 0.66251   1.000 80.02000  ? 148 GLU A CA  1 
ATOM   375  C C   . GLU A 1 148 ? -24.71588 -11.89230 1.15829   1.000 78.78000  ? 148 GLU A C   1 
ATOM   376  O O   . GLU A 1 148 ? -23.76130 -11.27926 0.67226   1.000 76.46000  ? 148 GLU A O   1 
ATOM   377  C CB  . GLU A 1 148 ? -26.34383 -13.22198 -0.17257  1.000 75.39000  ? 148 GLU A CB  1 
ATOM   378  C CG  . GLU A 1 148 ? -26.33271 -12.04725 -1.11655  1.000 80.30000  ? 148 GLU A CG  1 
ATOM   379  C CD  . GLU A 1 148 ? -27.67891 -11.37798 -1.18925  1.000 90.13000  ? 148 GLU A CD  1 
ATOM   380  O OE1 . GLU A 1 148 ? -28.48164 -11.60275 -0.24638  1.000 90.14000  ? 148 GLU A OE1 1 
ATOM   381  O OE2 . GLU A 1 148 ? -27.92855 -10.64241 -2.18097  1.000 89.79000  ? 148 GLU A OE2 1 
ATOM   382  N N   . ALA A 1 149 ? -25.48350 -11.36283 2.11404   1.000 77.07000  ? 149 ALA A N   1 
ATOM   383  C CA  . ALA A 1 149 ? -25.17663 -10.03660 2.63543   1.000 74.11000  ? 149 ALA A CA  1 
ATOM   384  C C   . ALA A 1 149 ? -23.75587 -9.97801  3.17870   1.000 72.28000  ? 149 ALA A C   1 
ATOM   385  O O   . ALA A 1 149 ? -23.02727 -9.01219  2.91821   1.000 67.91000  ? 149 ALA A O   1 
ATOM   386  C CB  . ALA A 1 149 ? -26.18653 -9.64128  3.71324   1.000 74.50000  ? 149 ALA A CB  1 
ATOM   387  N N   . ALA A 1 150 ? -23.33830 -11.01642 3.91492   1.000 75.60000  ? 150 ALA A N   1 
ATOM   388  C CA  . ALA A 1 150 ? -22.00597 -11.02538 4.51253   1.000 73.48000  ? 150 ALA A CA  1 
ATOM   389  C C   . ALA A 1 150 ? -20.91515 -10.88928 3.45326   1.000 71.83000  ? 150 ALA A C   1 
ATOM   390  O O   . ALA A 1 150 ? -19.95133 -10.13879 3.64362   1.000 70.86000  ? 150 ALA A O   1 
ATOM   391  C CB  . ALA A 1 150 ? -21.80555 -12.29514 5.33663   1.000 72.39000  ? 150 ALA A CB  1 
ATOM   392  N N   . ALA A 1 151 ? -21.05293 -11.58898 2.32104   1.000 72.82000  ? 151 ALA A N   1 
ATOM   393  C CA  . ALA A 1 151 ? -20.05621 -11.47151 1.25658   1.000 69.74000  ? 151 ALA A CA  1 
ATOM   394  C C   . ALA A 1 151 ? -20.02162 -10.06346 0.66756   1.000 65.22000  ? 151 ALA A C   1 
ATOM   395  O O   . ALA A 1 151 ? -18.94562 -9.55005  0.33735   1.000 64.82000  ? 151 ALA A O   1 
ATOM   396  C CB  . ALA A 1 151 ? -20.33029 -12.49634 0.15555   1.000 64.17000  ? 151 ALA A CB  1 
ATOM   397  N N   . ARG A 1 152 ? -21.18631 -9.43022  0.51218   1.000 65.77000  ? 152 ARG A N   1 
ATOM   398  C CA  . ARG A 1 152 ? -21.22627 -8.09335  -0.06597  1.000 59.24000  ? 152 ARG A CA  1 
ATOM   399  C C   . ARG A 1 152 ? -20.56257 -7.09354  0.86302   1.000 59.21000  ? 152 ARG A C   1 
ATOM   400  O O   . ARG A 1 152 ? -19.84288 -6.19168  0.41156   1.000 52.73000  ? 152 ARG A O   1 
ATOM   401  C CB  . ARG A 1 152 ? -22.67510 -7.70223  -0.35984  1.000 60.28000  ? 152 ARG A CB  1 
ATOM   402  C CG  . ARG A 1 152 ? -23.41816 -8.73999  -1.21539  1.000 68.33000  ? 152 ARG A CG  1 
ATOM   403  C CD  . ARG A 1 152 ? -24.67687 -8.20932  -1.90261  1.000 67.66000  ? 152 ARG A CD  1 
ATOM   404  N NE  . ARG A 1 152 ? -25.37038 -7.22130  -1.08707  1.000 68.96000  ? 152 ARG A NE  1 
ATOM   405  C CZ  . ARG A 1 152 ? -26.48012 -7.44676  -0.40035  1.000 66.09000  ? 152 ARG A CZ  1 
ATOM   406  N NH1 . ARG A 1 152 ? -27.07426 -8.62390  -0.41057  1.000 61.12000  ? 152 ARG A NH1 1 
ATOM   407  N NH2 . ARG A 1 152 ? -26.99794 -6.46289  0.32798   1.000 67.73000  ? 152 ARG A NH2 1 
ATOM   408  N N   . ALA A 1 153 ? -20.76157 -7.27267  2.17410   1.000 63.65000  ? 153 ALA A N   1 
ATOM   409  C CA  . ALA A 1 153 ? -20.14532 -6.40155  3.16863   1.000 58.80000  ? 153 ALA A CA  1 
ATOM   410  C C   . ALA A 1 153 ? -18.62679 -6.58814  3.21822   1.000 59.77000  ? 153 ALA A C   1 
ATOM   411  O O   . ALA A 1 153 ? -17.87946 -5.61128  3.36566   1.000 58.03000  ? 153 ALA A O   1 
ATOM   412  C CB  . ALA A 1 153 ? -20.78364 -6.66167  4.52976   1.000 60.07000  ? 153 ALA A CB  1 
ATOM   413  N N   . ARG A 1 154 ? -18.14706 -7.82928  3.09146   1.000 60.21000  ? 154 ARG A N   1 
ATOM   414  C CA  . ARG A 1 154 ? -16.70415 -8.05387  3.03546   1.000 58.84000  ? 154 ARG A CA  1 
ATOM   415  C C   . ARG A 1 154 ? -16.09552 -7.37188  1.82130   1.000 58.93000  ? 154 ARG A C   1 
ATOM   416  O O   . ARG A 1 154 ? -15.00361 -6.79413  1.89954   1.000 59.71000  ? 154 ARG A O   1 
ATOM   417  C CB  . ARG A 1 154 ? -16.39664 -9.55441  3.04115   1.000 60.78000  ? 154 ARG A CB  1 
ATOM   418  C CG  . ARG A 1 154 ? -16.72108 -10.22856 4.39207   1.000 66.42000  ? 154 ARG A CG  1 
ATOM   419  C CD  . ARG A 1 154 ? -16.10389 -11.61040 4.54644   1.000 73.37000  ? 154 ARG A CD  1 
ATOM   420  N NE  . ARG A 1 154 ? -16.58615 -12.52084 3.51238   1.000 85.13000  ? 154 ARG A NE  1 
ATOM   421  C CZ  . ARG A 1 154 ? -17.61281 -13.35041 3.65662   1.000 82.49000  ? 154 ARG A CZ  1 
ATOM   422  N NH1 . ARG A 1 154 ? -18.26918 -13.44641 4.80828   1.000 81.98000  ? 154 ARG A NH1 1 
ATOM   423  N NH2 . ARG A 1 154 ? -18.00088 -14.08888 2.61320   1.000 70.17000  ? 154 ARG A NH2 1 
ATOM   424  N N   . MET A 1 155 ? -16.80910 -7.39088  0.69572   1.000 63.88000  ? 155 MET A N   1 
ATOM   425  C CA  . MET A 1 155 ? -16.32114 -6.71327  -0.49733  1.000 57.81000  ? 155 MET A CA  1 
ATOM   426  C C   . MET A 1 155 ? -16.29916 -5.20072  -0.31793  1.000 57.03000  ? 155 MET A C   1 
ATOM   427  O O   . MET A 1 155 ? -15.34546 -4.53420  -0.73263  1.000 57.51000  ? 155 MET A O   1 
ATOM   428  C CB  . MET A 1 155 ? -17.16475 -7.11572  -1.69616  1.000 52.24000  ? 155 MET A CB  1 
ATOM   429  C CG  . MET A 1 155 ? -16.43881 -6.84200  -2.98843  1.000 60.72000  ? 155 MET A CG  1 
ATOM   430  S SD  . MET A 1 155 ? -15.28407 -8.17850  -3.39600  1.000 77.48000  ? 155 MET A SD  1 
ATOM   431  C CE  . MET A 1 155 ? -15.96535 -9.58142  -2.45531  1.000 64.17000  ? 155 MET A CE  1 
ATOM   432  N N   . LEU A 1 156 ? -17.33495 -4.64258  0.30586   1.000 55.19000  ? 156 LEU A N   1 
ATOM   433  C CA  . LEU A 1 156 ? -17.33546 -3.21919  0.61554   1.000 52.41000  ? 156 LEU A CA  1 
ATOM   434  C C   . LEU A 1 156 ? -16.26890 -2.85217  1.64384   1.000 57.02000  ? 156 LEU A C   1 
ATOM   435  O O   . LEU A 1 156 ? -15.69029 -1.76377  1.58092   1.000 57.06000  ? 156 LEU A O   1 
ATOM   436  C CB  . LEU A 1 156 ? -18.70706 -2.83550  1.12893   1.000 54.99000  ? 156 LEU A CB  1 
ATOM   437  C CG  . LEU A 1 156 ? -19.68889 -2.61939  0.00528   1.000 50.97000  ? 156 LEU A CG  1 
ATOM   438  C CD1 . LEU A 1 156 ? -21.01083 -2.28265  0.60350   1.000 54.40000  ? 156 LEU A CD1 1 
ATOM   439  C CD2 . LEU A 1 156 ? -19.17190 -1.48586  -0.82003  1.000 55.32000  ? 156 LEU A CD2 1 
ATOM   440  N N   . ASN A 1 157 ? -16.00011 -3.73188  2.60617   1.000 60.38000  ? 157 ASN A N   1 
ATOM   441  C CA  . ASN A 1 157 ? -14.98328 -3.41133  3.59959   1.000 57.65000  ? 157 ASN A CA  1 
ATOM   442  C C   . ASN A 1 157 ? -13.58885 -3.47361  3.00762   1.000 58.26000  ? 157 ASN A C   1 
ATOM   443  O O   . ASN A 1 157 ? -12.69222 -2.74643  3.45873   1.000 60.33000  ? 157 ASN A O   1 
ATOM   444  C CB  . ASN A 1 157 ? -15.10956 -4.35024  4.78279   1.000 56.94000  ? 157 ASN A CB  1 
ATOM   445  C CG  . ASN A 1 157 ? -16.19208 -3.92059  5.72672   1.000 61.17000  ? 157 ASN A CG  1 
ATOM   446  O OD1 . ASN A 1 157 ? -16.61918 -2.75721  5.71182   1.000 63.77000  ? 157 ASN A OD1 1 
ATOM   447  N ND2 . ASN A 1 157 ? -16.66223 -4.85069  6.54730   1.000 61.07000  ? 157 ASN A ND2 1 
ATOM   448  N N   . MET A 1 158 ? -13.39603 -4.33130  2.00247   1.000 57.80000  ? 158 MET A N   1 
ATOM   449  C CA  . MET A 1 158 ? -12.12646 -4.39100  1.28811   1.000 56.25000  ? 158 MET A CA  1 
ATOM   450  C C   . MET A 1 158 ? -11.89556 -3.14135  0.44828   1.000 57.79000  ? 158 MET A C   1 
ATOM   451  O O   . MET A 1 158 ? -10.74763 -2.71066  0.27978   1.000 56.31000  ? 158 MET A O   1 
ATOM   452  C CB  . MET A 1 158 ? -12.08469 -5.65333  0.42401   1.000 50.15000  ? 158 MET A CB  1 
ATOM   453  C CG  . MET A 1 158 ? -10.70955 -5.99675  -0.11730  1.000 51.37000  ? 158 MET A CG  1 
ATOM   454  S SD  . MET A 1 158 ? -9.59370  -6.77990  1.09121   1.000 71.60000  ? 158 MET A SD  1 
ATOM   455  C CE  . MET A 1 158 ? -10.67754 -7.90627  1.97482   1.000 68.53000  ? 158 MET A CE  1 
ATOM   456  N N   . MET A 1 159 ? -12.96514 -2.55121  -0.08568  1.000 55.01000  ? 159 MET A N   1 
ATOM   457  C CA  . MET A 1 159 ? -12.81446 -1.30316  -0.81968  1.000 58.26000  ? 159 MET A CA  1 
ATOM   458  C C   . MET A 1 159 ? -12.47169 -0.17178  0.13326   1.000 56.98000  ? 159 MET A C   1 
ATOM   459  O O   . MET A 1 159 ? -11.68281 0.71957   -0.20067  1.000 57.32000  ? 159 MET A O   1 
ATOM   460  C CB  . MET A 1 159 ? -14.09945 -0.97728  -1.58004  1.000 57.79000  ? 159 MET A CB  1 
ATOM   461  C CG  . MET A 1 159 ? -14.49110 -2.03341  -2.55819  1.000 59.84000  ? 159 MET A CG  1 
ATOM   462  S SD  . MET A 1 159 ? -15.83995 -1.61995  -3.66743  1.000 58.34000  ? 159 MET A SD  1 
ATOM   463  C CE  . MET A 1 159 ? -16.33090 -3.26264  -4.16993  1.000 50.01000  ? 159 MET A CE  1 
ATOM   464  N N   . ARG A 1 160 ? -13.07575 -0.18260  1.31969   1.000 52.60000  ? 160 ARG A N   1 
ATOM   465  C CA  . ARG A 1 160 ? -12.70747 0.79622   2.33393   1.000 58.99000  ? 160 ARG A CA  1 
ATOM   466  C C   . ARG A 1 160 ? -11.21742 0.70427   2.66919   1.000 58.89000  ? 160 ARG A C   1 
ATOM   467  O O   . ARG A 1 160 ? -10.54655 1.72601   2.86842   1.000 51.91000  ? 160 ARG A O   1 
ATOM   468  C CB  . ARG A 1 160 ? -13.57832 0.59095   3.57524   1.000 59.75000  ? 160 ARG A CB  1 
ATOM   469  C CG  . ARG A 1 160 ? -12.86342 0.81466   4.88376   1.000 59.34000  ? 160 ARG A CG  1 
ATOM   470  C CD  . ARG A 1 160 ? -13.66630 0.29631   6.03366   1.000 57.34000  ? 160 ARG A CD  1 
ATOM   471  N NE  . ARG A 1 160 ? -13.21460 0.92902   7.26152   1.000 56.06000  ? 160 ARG A NE  1 
ATOM   472  C CZ  . ARG A 1 160 ? -12.30176 0.41312   8.06882   1.000 58.84000  ? 160 ARG A CZ  1 
ATOM   473  N NH1 . ARG A 1 160 ? -11.75927 -0.77654  7.82852   1.000 56.15000  ? 160 ARG A NH1 1 
ATOM   474  N NH2 . ARG A 1 160 ? -11.92542 1.10336   9.14610   1.000 58.19000  ? 160 ARG A NH2 1 
ATOM   475  N N   . GLN A 1 161 ? -10.67165 -0.51213  2.69797   1.000 55.81000  ? 161 GLN A N   1 
ATOM   476  C CA  . GLN A 1 161 ? -9.24994  -0.66368  2.95560   1.000 54.84000  ? 161 GLN A CA  1 
ATOM   477  C C   . GLN A 1 161 ? -8.41387  -0.09181  1.81135   1.000 55.85000  ? 161 GLN A C   1 
ATOM   478  O O   . GLN A 1 161 ? -7.45254  0.64757   2.04518   1.000 56.44000  ? 161 GLN A O   1 
ATOM   479  C CB  . GLN A 1 161 ? -8.93122  -2.13265  3.21578   1.000 57.33000  ? 161 GLN A CB  1 
ATOM   480  C CG  . GLN A 1 161 ? -7.81772  -2.33042  4.24559   1.000 64.43000  ? 161 GLN A CG  1 
ATOM   481  C CD  . GLN A 1 161 ? -7.57169  -3.79074  4.57090   1.000 64.32000  ? 161 GLN A CD  1 
ATOM   482  O OE1 . GLN A 1 161 ? -7.71258  -4.22872  5.73054   1.000 72.17000  ? 161 GLN A OE1 1 
ATOM   483  N NE2 . GLN A 1 161 ? -7.21293  -4.56071  3.55037   1.000 52.98000  ? 161 GLN A NE2 1 
ATOM   484  N N   . ALA A 1 162 ? -8.78167  -0.39211  0.55798   1.000 63.97000  ? 162 ALA A N   1 
ATOM   485  C CA  . ALA A 1 162 ? -8.04036  0.15714   -0.58610  1.000 61.61000  ? 162 ALA A CA  1 
ATOM   486  C C   . ALA A 1 162 ? -8.15293  1.67742   -0.67182  1.000 54.87000  ? 162 ALA A C   1 
ATOM   487  O O   . ALA A 1 162 ? -7.24470  2.33932   -1.17488  1.000 55.64000  ? 162 ALA A O   1 
ATOM   488  C CB  . ALA A 1 162 ? -8.51855  -0.47563  -1.89048  1.000 56.10000  ? 162 ALA A CB  1 
ATOM   489  N N   . ALA A 1 163 ? -9.23704  2.24696   -0.17912  1.000 53.43000  ? 163 ALA A N   1 
ATOM   490  C CA  . ALA A 1 163 ? -9.38612  3.68564   -0.16533  1.000 52.50000  ? 163 ALA A CA  1 
ATOM   491  C C   . ALA A 1 163 ? -8.75469  4.35771   1.04547   1.000 61.34000  ? 163 ALA A C   1 
ATOM   492  O O   . ALA A 1 163 ? -8.56909  5.58020   1.01015   1.000 65.54000  ? 163 ALA A O   1 
ATOM   493  C CB  . ALA A 1 163 ? -10.86790 4.04905   -0.19977  1.000 55.42000  ? 163 ALA A CB  1 
ATOM   494  N N   . SER A 1 164 ? -8.44222  3.61080   2.12259   1.000 59.27000  ? 164 SER A N   1 
ATOM   495  C CA  . SER A 1 164 ? -8.13024  4.25682   3.40357   1.000 58.77000  ? 164 SER A CA  1 
ATOM   496  C C   . SER A 1 164 ? -6.81233  3.84511   4.05805   1.000 58.60000  ? 164 SER A C   1 
ATOM   497  O O   . SER A 1 164 ? -6.24487  4.63104   4.82482   1.000 63.15000  ? 164 SER A O   1 
ATOM   498  C CB  . SER A 1 164 ? -9.25248  4.01029   4.43095   1.000 56.40000  ? 164 SER A CB  1 
ATOM   499  O OG  . SER A 1 164 ? -10.53474 4.42424   3.99604   1.000 56.49000  ? 164 SER A OG  1 
ATOM   500  N N   . SER A 1 165 ? -6.33628  2.62535   3.80524   1.000 56.28000  ? 165 SER A N   1 
ATOM   501  C CA  . SER A 1 165 ? -5.22531  2.07979   4.57739   1.000 56.35000  ? 165 SER A CA  1 
ATOM   502  C C   . SER A 1 165 ? -4.02199  3.00366   4.55643   1.000 60.46000  ? 165 SER A C   1 
ATOM   503  O O   . SER A 1 165 ? -3.72730  3.63908   3.54049   1.000 59.39000  ? 165 SER A O   1 
ATOM   504  C CB  . SER A 1 165 ? -4.80587  0.71532   4.04621   1.000 55.70000  ? 165 SER A CB  1 
ATOM   505  O OG  . SER A 1 165 ? -4.04457  0.02477   5.01876   1.000 61.89000  ? 165 SER A OG  1 
ATOM   506  N N   . ARG A 1 166 ? -3.31822  3.06113   5.69139   1.000 63.70000  ? 166 ARG A N   1 
ATOM   507  C CA  . ARG A 1 166 ? -2.09611  3.84916   5.81539   1.000 61.32000  ? 166 ARG A CA  1 
ATOM   508  C C   . ARG A 1 166 ? -0.88606  3.16555   5.18997   1.000 61.14000  ? 166 ARG A C   1 
ATOM   509  O O   . ARG A 1 166 ? 0.20505   3.73893   5.21736   1.000 61.73000  ? 166 ARG A O   1 
ATOM   510  C CB  . ARG A 1 166 ? -1.80145  4.15462   7.28723   1.000 65.66000  ? 166 ARG A CB  1 
ATOM   511  C CG  . ARG A 1 166 ? -2.74935  5.14279   7.93308   1.000 73.95000  ? 166 ARG A CG  1 
ATOM   512  C CD  . ARG A 1 166 ? -1.99618  6.18623   8.74152   1.000 87.28000  ? 166 ARG A CD  1 
ATOM   513  N NE  . ARG A 1 166 ? -2.78387  7.38777   9.01759   1.000 98.31000  ? 166 ARG A NE  1 
ATOM   514  C CZ  . ARG A 1 166 ? -2.40574  8.62689   8.71405   1.000 100.68000 ? 166 ARG A CZ  1 
ATOM   515  N NH1 . ARG A 1 166 ? -1.26280  8.87269   8.08277   1.000 90.50000  ? 166 ARG A NH1 1 
ATOM   516  N NH2 . ARG A 1 166 ? -3.19287  9.64667   9.05583   1.000 97.32000  ? 166 ARG A NH2 1 
ATOM   517  N N   . SER A 1 167 ? -1.05561  1.97123   4.62591   1.000 57.58000  ? 167 SER A N   1 
ATOM   518  C CA  . SER A 1 167 ? 0.01983   1.21116   4.00737   1.000 57.83000  ? 167 SER A CA  1 
ATOM   519  C C   . SER A 1 167 ? -0.25460  1.06536   2.51584   1.000 62.69000  ? 167 SER A C   1 
ATOM   520  O O   . SER A 1 167 ? -1.28748  0.50735   2.13241   1.000 62.32000  ? 167 SER A O   1 
ATOM   521  C CB  . SER A 1 167 ? 0.13942   -0.16287  4.66169   1.000 63.95000  ? 167 SER A CB  1 
ATOM   522  O OG  . SER A 1 167 ? 0.99302   -1.02101  3.92776   1.000 67.74000  ? 167 SER A OG  1 
ATOM   523  N N   . ILE A 1 168 ? 0.66537   1.57006   1.68099   1.000 62.35000  ? 168 ILE A N   1 
ATOM   524  C CA  . ILE A 1 168 ? 0.60845   1.34787   0.23057   1.000 53.78000  ? 168 ILE A CA  1 
ATOM   525  C C   . ILE A 1 168 ? 0.61331   -0.13780  -0.11851  1.000 56.24000  ? 168 ILE A C   1 
ATOM   526  O O   . ILE A 1 168 ? 0.01068   -0.55803  -1.11651  1.000 53.04000  ? 168 ILE A O   1 
ATOM   527  C CB  . ILE A 1 168 ? 1.77723   2.09110   -0.43979  1.000 51.02000  ? 168 ILE A CB  1 
ATOM   528  C CG1 . ILE A 1 168 ? 1.46434   3.57992   -0.59792  1.000 51.28000  ? 168 ILE A CG1 1 
ATOM   529  C CG2 . ILE A 1 168 ? 2.24620   1.39436   -1.68557  1.000 47.21000  ? 168 ILE A CG2 1 
ATOM   530  C CD1 . ILE A 1 168 ? 2.66606   4.40495   -1.00525  1.000 53.12000  ? 168 ILE A CD1 1 
ATOM   531  N N   . LEU A 1 169 ? 1.26241   -0.96379  0.70151   1.000 59.83000  ? 169 LEU A N   1 
ATOM   532  C CA  . LEU A 1 169 ? 1.26228   -2.39821  0.43055   1.000 58.15000  ? 169 LEU A CA  1 
ATOM   533  C C   . LEU A 1 169 ? -0.10982  -3.00244  0.69642   1.000 56.44000  ? 169 LEU A C   1 
ATOM   534  O O   . LEU A 1 169 ? -0.55884  -3.89118  -0.03352  1.000 55.03000  ? 169 LEU A O   1 
ATOM   535  C CB  . LEU A 1 169 ? 2.33783   -3.08351  1.26602   1.000 52.71000  ? 169 LEU A CB  1 
ATOM   536  C CG  . LEU A 1 169 ? 2.72364   -4.51208  0.93205   1.000 53.10000  ? 169 LEU A CG  1 
ATOM   537  C CD1 . LEU A 1 169 ? 3.52102   -4.54558  -0.35239  1.000 53.15000  ? 169 LEU A CD1 1 
ATOM   538  C CD2 . LEU A 1 169 ? 3.56707   -5.04934  2.09518   1.000 62.11000  ? 169 LEU A CD2 1 
ATOM   539  N N   . VAL A 1 170 ? -0.80301  -2.51733  1.72516   1.000 59.46000  ? 170 VAL A N   1 
ATOM   540  C CA  . VAL A 1 170 ? -2.17341  -2.96352  1.95278   1.000 59.32000  ? 170 VAL A CA  1 
ATOM   541  C C   . VAL A 1 170 ? -3.07380  -2.49357  0.81897   1.000 56.49000  ? 170 VAL A C   1 
ATOM   542  O O   . VAL A 1 170 ? -3.88753  -3.26281  0.29378   1.000 58.78000  ? 170 VAL A O   1 
ATOM   543  C CB  . VAL A 1 170 ? -2.68198  -2.48096  3.32648   1.000 58.44000  ? 170 VAL A CB  1 
ATOM   544  C CG1 . VAL A 1 170 ? -4.19238  -2.67542  3.43980   1.000 53.54000  ? 170 VAL A CG1 1 
ATOM   545  C CG2 . VAL A 1 170 ? -1.96949  -3.22029  4.42076   1.000 60.83000  ? 170 VAL A CG2 1 
ATOM   546  N N   . ARG A 1 171 ? -2.93361  -1.23558  0.41025   1.000 50.41000  ? 171 ARG A N   1 
ATOM   547  C CA  . ARG A 1 171 ? -3.79987  -0.70729  -0.62702  1.000 49.98000  ? 171 ARG A CA  1 
ATOM   548  C C   . ARG A 1 171 ? -3.63750  -1.50204  -1.91524  1.000 54.32000  ? 171 ARG A C   1 
ATOM   549  O O   . ARG A 1 171 ? -4.62553  -1.94447  -2.51455  1.000 51.41000  ? 171 ARG A O   1 
ATOM   550  C CB  . ARG A 1 171 ? -3.49586  0.77084   -0.83546  1.000 51.83000  ? 171 ARG A CB  1 
ATOM   551  C CG  . ARG A 1 171 ? -4.27008  1.69360   0.06669   1.000 49.94000  ? 171 ARG A CG  1 
ATOM   552  C CD  . ARG A 1 171 ? -4.10956  3.10755   -0.39855  1.000 48.20000  ? 171 ARG A CD  1 
ATOM   553  N NE  . ARG A 1 171 ? -4.29040  4.06244   0.68334   1.000 55.08000  ? 171 ARG A NE  1 
ATOM   554  C CZ  . ARG A 1 171 ? -5.07234  5.13328   0.62358   1.000 55.89000  ? 171 ARG A CZ  1 
ATOM   555  N NH1 . ARG A 1 171 ? -5.71325  5.46187   -0.48746  1.000 58.62000  ? 171 ARG A NH1 1 
ATOM   556  N NH2 . ARG A 1 171 ? -5.21796  5.89213   1.70616   1.000 56.59000  ? 171 ARG A NH2 1 
ATOM   557  N N   . ALA A 1 172 ? -2.39116  -1.74181  -2.33077  1.000 55.09000  ? 172 ALA A N   1 
ATOM   558  C CA  . ALA A 1 172 ? -2.18109  -2.44789  -3.59058  1.000 54.47000  ? 172 ALA A CA  1 
ATOM   559  C C   . ALA A 1 172 ? -2.74040  -3.86126  -3.52871  1.000 53.05000  ? 172 ALA A C   1 
ATOM   560  O O   . ALA A 1 172 ? -3.34202  -4.34139  -4.49545  1.000 51.19000  ? 172 ALA A O   1 
ATOM   561  C CB  . ALA A 1 172 ? -0.69932  -2.47051  -3.95523  1.000 48.63000  ? 172 ALA A CB  1 
ATOM   562  N N   . ALA A 1 173 ? -2.56983  -4.53733  -2.39027  1.000 53.61000  ? 173 ALA A N   1 
ATOM   563  C CA  . ALA A 1 173 ? -3.00763  -5.92446  -2.29524  1.000 53.20000  ? 173 ALA A CA  1 
ATOM   564  C C   . ALA A 1 173 ? -4.52126  -6.01705  -2.23049  1.000 57.11000  ? 173 ALA A C   1 
ATOM   565  O O   . ALA A 1 173 ? -5.12002  -6.93944  -2.79683  1.000 59.07000  ? 173 ALA A O   1 
ATOM   566  C CB  . ALA A 1 173 ? -2.38350  -6.58757  -1.08328  1.000 51.40000  ? 173 ALA A CB  1 
ATOM   567  N N   . SER A 1 174 ? -5.15640  -5.06362  -1.54744  1.000 57.74000  ? 174 SER A N   1 
ATOM   568  C CA  . SER A 1 174 ? -6.61591  -5.01141  -1.50587  1.000 59.16000  ? 174 SER A CA  1 
ATOM   569  C C   . SER A 1 174 ? -7.20305  -4.82848  -2.90258  1.000 57.13000  ? 174 SER A C   1 
ATOM   570  O O   . SER A 1 174 ? -8.11510  -5.55939  -3.30356  1.000 55.09000  ? 174 SER A O   1 
ATOM   571  C CB  . SER A 1 174 ? -7.06192  -3.87387  -0.59074  1.000 54.83000  ? 174 SER A CB  1 
ATOM   572  O OG  . SER A 1 174 ? -6.45110  -4.01779  0.67226   1.000 59.01000  ? 174 SER A OG  1 
ATOM   573  N N   . ALA A 1 175 ? -6.70152  -3.83700  -3.64761  1.000 54.14000  ? 175 ALA A N   1 
ATOM   574  C CA  . ALA A 1 175 ? -7.16644  -3.62980  -5.01196  1.000 58.96000  ? 175 ALA A CA  1 
ATOM   575  C C   . ALA A 1 175 ? -6.98548  -4.88860  -5.85025  1.000 60.58000  ? 175 ALA A C   1 
ATOM   576  O O   . ALA A 1 175 ? -7.88835  -5.26344  -6.60994  1.000 61.70000  ? 175 ALA A O   1 
ATOM   577  C CB  . ALA A 1 175 ? -6.43551  -2.44507  -5.65075  1.000 55.85000  ? 175 ALA A CB  1 
ATOM   578  N N   . ILE A 1 176 ? -5.82773  -5.55678  -5.72268  1.000 54.90000  ? 176 ILE A N   1 
ATOM   579  C CA  . ILE A 1 176 ? -5.59545  -6.80333  -6.45004  1.000 52.33000  ? 176 ILE A CA  1 
ATOM   580  C C   . ILE A 1 176 ? -6.59249  -7.86602  -6.01124  1.000 55.75000  ? 176 ILE A C   1 
ATOM   581  O O   . ILE A 1 176 ? -7.08279  -8.65147  -6.82299  1.000 55.36000  ? 176 ILE A O   1 
ATOM   582  C CB  . ILE A 1 176 ? -4.14696  -7.28327  -6.24931  1.000 53.84000  ? 176 ILE A CB  1 
ATOM   583  C CG1 . ILE A 1 176 ? -3.16327  -6.33990  -6.91947  1.000 52.60000  ? 176 ILE A CG1 1 
ATOM   584  C CG2 . ILE A 1 176 ? -3.95317  -8.67478  -6.82143  1.000 54.66000  ? 176 ILE A CG2 1 
ATOM   585  C CD1 . ILE A 1 176 ? -1.74445  -6.68861  -6.63366  1.000 50.67000  ? 176 ILE A CD1 1 
ATOM   586  N N   . PHE A 1 177 ? -6.89504  -7.92122  -4.71450  1.000 63.30000  ? 177 PHE A N   1 
ATOM   587  C CA  . PHE A 1 177 ? -7.91165  -8.84811  -4.22514  1.000 64.27000  ? 177 PHE A CA  1 
ATOM   588  C C   . PHE A 1 177 ? -9.23439  -8.63018  -4.94702  1.000 63.30000  ? 177 PHE A C   1 
ATOM   589  O O   . PHE A 1 177 ? -9.83642  -9.57894  -5.45948  1.000 67.38000  ? 177 PHE A O   1 
ATOM   590  C CB  . PHE A 1 177 ? -8.08967  -8.68090  -2.71112  1.000 66.86000  ? 177 PHE A CB  1 
ATOM   591  C CG  . PHE A 1 177 ? -9.06908  -9.65424  -2.08834  1.000 73.01000  ? 177 PHE A CG  1 
ATOM   592  C CD1 . PHE A 1 177 ? -10.44099 -9.38757  -2.07972  1.000 64.53000  ? 177 PHE A CD1 1 
ATOM   593  C CD2 . PHE A 1 177 ? -8.60628  -10.83360 -1.49168  1.000 72.41000  ? 177 PHE A CD2 1 
ATOM   594  C CE1 . PHE A 1 177 ? -11.33326 -10.28060 -1.50255  1.000 68.47000  ? 177 PHE A CE1 1 
ATOM   595  C CE2 . PHE A 1 177 ? -9.49480  -11.73566 -0.91403  1.000 68.73000  ? 177 PHE A CE2 1 
ATOM   596  C CZ  . PHE A 1 177 ? -10.86039 -11.45597 -0.91791  1.000 72.62000  ? 177 PHE A CZ  1 
ATOM   597  N N   . ILE A 1 178 ? -9.69173  -7.37319  -5.00424  1.000 61.56000  ? 178 ILE A N   1 
ATOM   598  C CA  . ILE A 1 178 ? -10.98453 -7.04863  -5.60442  1.000 58.94000  ? 178 ILE A CA  1 
ATOM   599  C C   . ILE A 1 178 ? -11.00909 -7.45495  -7.06582  1.000 58.92000  ? 178 ILE A C   1 
ATOM   600  O O   . ILE A 1 178 ? -11.99637 -8.01362  -7.55149  1.000 61.54000  ? 178 ILE A O   1 
ATOM   601  C CB  . ILE A 1 178 ? -11.28176 -5.54961  -5.43723  1.000 55.61000  ? 178 ILE A CB  1 
ATOM   602  C CG1 . ILE A 1 178 ? -11.29418 -5.18835  -3.95948  1.000 60.01000  ? 178 ILE A CG1 1 
ATOM   603  C CG2 . ILE A 1 178 ? -12.62119 -5.22030  -6.03290  1.000 59.70000  ? 178 ILE A CG2 1 
ATOM   604  C CD1 . ILE A 1 178 ? -11.64691 -3.75644  -3.67154  1.000 60.90000  ? 178 ILE A CD1 1 
ATOM   605  N N   . ALA A 1 179 ? -9.91880  -7.18229  -7.78653  1.000 59.46000  ? 179 ALA A N   1 
ATOM   606  C CA  . ALA A 1 179 ? -9.81288  -7.56911  -9.18677  1.000 51.32000  ? 179 ALA A CA  1 
ATOM   607  C C   . ALA A 1 179 ? -9.87825  -9.08080  -9.35184  1.000 60.33000  ? 179 ALA A C   1 
ATOM   608  O O   . ALA A 1 179 ? -10.53687 -9.58200  -10.26903 1.000 66.79000  ? 179 ALA A O   1 
ATOM   609  C CB  . ALA A 1 179 ? -8.51491  -7.02521  -9.77191  1.000 47.67000  ? 179 ALA A CB  1 
ATOM   610  N N   . GLN A 1 180 ? -9.20342  -9.82780  -8.47190  1.000 64.10000  ? 180 GLN A N   1 
ATOM   611  C CA  . GLN A 1 180 ? -9.20039  -11.27979 -8.60790  1.000 62.47000  ? 180 GLN A CA  1 
ATOM   612  C C   . GLN A 1 180 ? -10.58185 -11.84534 -8.32405  1.000 65.92000  ? 180 GLN A C   1 
ATOM   613  O O   . GLN A 1 180 ? -11.02317 -12.77891 -9.00013  1.000 67.60000  ? 180 GLN A O   1 
ATOM   614  C CB  . GLN A 1 180 ? -8.15695  -11.91161 -7.68143  1.000 59.79000  ? 180 GLN A CB  1 
ATOM   615  C CG  . GLN A 1 180 ? -6.71575  -11.52753 -8.03187  1.000 61.83000  ? 180 GLN A CG  1 
ATOM   616  C CD  . GLN A 1 180 ? -5.65940  -12.26172 -7.21592  1.000 67.76000  ? 180 GLN A CD  1 
ATOM   617  O OE1 . GLN A 1 180 ? -4.48541  -12.29269 -7.60153  1.000 71.29000  ? 180 GLN A OE1 1 
ATOM   618  N NE2 . GLN A 1 180 ? -6.08298  -12.93374 -6.14613  1.000 62.20000  ? 180 GLN A NE2 1 
ATOM   619  N N   . GLN A 1 181 ? -11.28361 -11.27579 -7.33841  1.000 66.33000  ? 181 GLN A N   1 
ATOM   620  C CA  . GLN A 1 181 ? -12.63139 -11.73014 -7.00896  1.000 67.38000  ? 181 GLN A CA  1 
ATOM   621  C C   . GLN A 1 181 ? -13.61002 -11.42077 -8.13590  1.000 68.34000  ? 181 GLN A C   1 
ATOM   622  O O   . GLN A 1 181 ? -14.39685 -12.28505 -8.53637  1.000 69.56000  ? 181 GLN A O   1 
ATOM   623  C CB  . GLN A 1 181 ? -13.10355 -11.09206 -5.70132  1.000 67.05000  ? 181 GLN A CB  1 
ATOM   624  C CG  . GLN A 1 181 ? -12.67651 -11.81477 -4.40107  1.000 76.50000  ? 181 GLN A CG  1 
ATOM   625  C CD  . GLN A 1 181 ? -12.81367 -13.32092 -4.47524  1.000 78.55000  ? 181 GLN A CD  1 
ATOM   626  O OE1 . GLN A 1 181 ? -11.83217 -14.04344 -4.69569  1.000 82.46000  ? 181 GLN A OE1 1 
ATOM   627  N NE2 . GLN A 1 181 ? -14.03859 -13.80554 -4.31023  1.000 81.67000  ? 181 GLN A NE2 1 
ATOM   628  N N   . GLN A 1 182 ? -13.58574 -10.18627 -8.65278  1.000 69.48000  ? 182 GLN A N   1 
ATOM   629  C CA  . GLN A 1 182 ? -14.52172 -9.81706  -9.71288  1.000 66.84000  ? 182 GLN A CA  1 
ATOM   630  C C   . GLN A 1 182 ? -14.28147 -10.65219 -10.96330 1.000 69.20000  ? 182 GLN A C   1 
ATOM   631  O O   . GLN A 1 182 ? -15.22206 -11.20873 -11.53223 1.000 71.15000  ? 182 GLN A O   1 
ATOM   632  C CB  . GLN A 1 182 ? -14.42633 -8.31859  -10.01176 1.000 61.11000  ? 182 GLN A CB  1 
ATOM   633  C CG  . GLN A 1 182 ? -15.33242 -7.46827  -9.11508  1.000 61.82000  ? 182 GLN A CG  1 
ATOM   634  C CD  . GLN A 1 182 ? -14.95826 -5.98087  -9.06713  1.000 74.48000  ? 182 GLN A CD  1 
ATOM   635  O OE1 . GLN A 1 182 ? -13.92971 -5.55312  -9.60293  1.000 72.11000  ? 182 GLN A OE1 1 
ATOM   636  N NE2 . GLN A 1 182 ? -15.80513 -5.18627  -8.41461  1.000 78.96000  ? 182 GLN A NE2 1 
ATOM   637  N N   . ALA A 1 183 ? -13.02358 -10.81100 -11.36223 1.000 67.77000  ? 183 ALA A N   1 
ATOM   638  C CA  . ALA A 1 183 ? -12.64288 -11.64644 -12.49449 1.000 66.51000  ? 183 ALA A CA  1 
ATOM   639  C C   . ALA A 1 183 ? -12.63902 -13.16021 -12.18640 1.000 72.94000  ? 183 ALA A C   1 
ATOM   640  O O   . ALA A 1 183 ? -11.98053 -13.91715 -12.92020 1.000 78.23000  ? 183 ALA A O   1 
ATOM   641  C CB  . ALA A 1 183 ? -11.26148 -11.22164 -13.00045 1.000 73.85000  ? 183 ALA A CB  1 
ATOM   642  N N   . GLY A 1 184 ? -13.32699 -13.61420 -11.13300 1.000 72.03000  ? 184 GLY A N   1 
ATOM   643  C CA  . GLY A 1 184 ? -13.36496 -15.01958 -10.74088 1.000 68.14000  ? 184 GLY A CA  1 
ATOM   644  C C   . GLY A 1 184 ? -12.06165 -15.80258 -10.68100 1.000 68.68000  ? 184 GLY A C   1 
ATOM   645  O O   . GLY A 1 184 ? -12.07464 -17.01345 -10.91055 1.000 68.45000  ? 184 GLY A O   1 
ATOM   646  N N   . LEU A 1 185 ? -10.93951 -15.14184 -10.37107 1.000 70.80000  ? 185 LEU A N   1 
ATOM   647  C CA  . LEU A 1 185 ? -9.65098  -15.81712 -10.21037 1.000 73.36000  ? 185 LEU A CA  1 
ATOM   648  C C   . LEU A 1 185 ? -9.63406  -16.66110 -8.92990  1.000 73.52000  ? 185 LEU A C   1 
ATOM   649  O O   . LEU A 1 185 ? -10.42734 -16.42667 -8.00946  1.000 68.32000  ? 185 LEU A O   1 
ATOM   650  C CB  . LEU A 1 185 ? -8.50864  -14.79394 -10.16811 1.000 70.48000  ? 185 LEU A CB  1 
ATOM   651  C CG  . LEU A 1 185 ? -7.77012  -14.37965 -11.44650 1.000 75.35000  ? 185 LEU A CG  1 
ATOM   652  C CD1 . LEU A 1 185 ? -6.71786  -15.39592 -11.89856 1.000 75.63000  ? 185 LEU A CD1 1 
ATOM   653  C CD2 . LEU A 1 185 ? -8.77802  -14.15364 -12.54646 1.000 76.56000  ? 185 LEU A CD2 1 
ATOM   654  N N   . PRO A 1 186 ? -8.73436  -17.64904 -8.84917  1.000 75.80000  ? 186 PRO A N   1 
ATOM   655  C CA  . PRO A 1 186 ? -8.61020  -18.44726 -7.62176  1.000 69.67000  ? 186 PRO A CA  1 
ATOM   656  C C   . PRO A 1 186 ? -8.46999  -17.57105 -6.38715  1.000 72.73000  ? 186 PRO A C   1 
ATOM   657  O O   . PRO A 1 186 ? -7.69804  -16.60291 -6.37060  1.000 72.27000  ? 186 PRO A O   1 
ATOM   658  C CB  . PRO A 1 186 ? -7.34360  -19.27307 -7.86974  1.000 66.99000  ? 186 PRO A CB  1 
ATOM   659  C CG  . PRO A 1 186 ? -7.29111  -19.44661 -9.31996  1.000 67.48000  ? 186 PRO A CG  1 
ATOM   660  C CD  . PRO A 1 186 ? -7.81784  -18.14061 -9.89894  1.000 76.46000  ? 186 PRO A CD  1 
ATOM   661  N N   . PHE A 1 187 ? -9.23359  -17.91610 -5.34905  1.000 73.11000  ? 187 PHE A N   1 
ATOM   662  C CA  . PHE A 1 187 ? -9.24922  -17.12360 -4.12727  1.000 70.32000  ? 187 PHE A CA  1 
ATOM   663  C C   . PHE A 1 187 ? -7.92631  -17.26705 -3.39666  1.000 68.23000  ? 187 PHE A C   1 
ATOM   664  O O   . PHE A 1 187 ? -7.48680  -18.38477 -3.11334  1.000 66.96000  ? 187 PHE A O   1 
ATOM   665  C CB  . PHE A 1 187 ? -10.39294 -17.56540 -3.22297  1.000 64.57000  ? 187 PHE A CB  1 
ATOM   666  C CG  . PHE A 1 187 ? -10.45910 -16.82841 -1.90925  1.000 66.31000  ? 187 PHE A CG  1 
ATOM   667  C CD1 . PHE A 1 187 ? -9.68289  -17.23873 -0.82144  1.000 62.09000  ? 187 PHE A CD1 1 
ATOM   668  C CD2 . PHE A 1 187 ? -11.34050 -15.76048 -1.73793  1.000 68.77000  ? 187 PHE A CD2 1 
ATOM   669  C CE1 . PHE A 1 187 ? -9.75370  -16.57312 0.40256   1.000 63.27000  ? 187 PHE A CE1 1 
ATOM   670  C CE2 . PHE A 1 187 ? -11.42542 -15.08359 -0.50788  1.000 69.22000  ? 187 PHE A CE2 1 
ATOM   671  C CZ  . PHE A 1 187 ? -10.63084 -15.49328 0.56477   1.000 66.00000  ? 187 PHE A CZ  1 
ATOM   672  N N   . GLU A 1 188 ? -7.28634  -16.12928 -3.11367  1.000 69.40000  ? 188 GLU A N   1 
ATOM   673  C CA  . GLU A 1 188 ? -6.17456  -16.04855 -2.17763  1.000 68.11000  ? 188 GLU A CA  1 
ATOM   674  C C   . GLU A 1 188 ? -6.39652  -14.85873 -1.24223  1.000 65.98000  ? 188 GLU A C   1 
ATOM   675  O O   . GLU A 1 188 ? -7.01139  -13.85731 -1.61519  1.000 67.32000  ? 188 GLU A O   1 
ATOM   676  C CB  . GLU A 1 188 ? -4.79754  -15.99801 -2.91689  1.000 62.96000  ? 188 GLU A CB  1 
ATOM   677  C CG  . GLU A 1 188 ? -4.69647  -15.07959 -4.12951  1.000 69.49000  ? 188 GLU A CG  1 
ATOM   678  C CD  . GLU A 1 188 ? -3.40619  -15.28527 -4.97787  1.000 76.40000  ? 188 GLU A CD  1 
ATOM   679  O OE1 . GLU A 1 188 ? -2.36683  -15.76245 -4.47247  1.000 69.13000  ? 188 GLU A OE1 1 
ATOM   680  O OE2 . GLU A 1 188 ? -3.44430  -14.99444 -6.19620  1.000 85.82000  ? 188 GLU A OE2 1 
ATOM   681  N N   . THR A 1 189 ? -5.94892  -15.01208 0.00555   1.000 62.92000  ? 189 THR A N   1 
ATOM   682  C CA  . THR A 1 189 ? -6.11930  -13.99344 1.03080   1.000 61.78000  ? 189 THR A CA  1 
ATOM   683  C C   . THR A 1 189 ? -5.22071  -12.79458 0.75841   1.000 63.10000  ? 189 THR A C   1 
ATOM   684  O O   . THR A 1 189 ? -4.26881  -12.85146 -0.03022  1.000 59.66000  ? 189 THR A O   1 
ATOM   685  C CB  . THR A 1 189 ? -5.76163  -14.53629 2.40924   1.000 60.55000  ? 189 THR A CB  1 
ATOM   686  O OG1 . THR A 1 189 ? -4.37008  -14.88833 2.41477   1.000 57.04000  ? 189 THR A OG1 1 
ATOM   687  C CG2 . THR A 1 189 ? -6.60474  -15.74212 2.74868   1.000 53.61000  ? 189 THR A CG2 1 
ATOM   688  N N   . VAL A 1 190 ? -5.51108  -11.70036 1.46544   1.000 63.53000  ? 190 VAL A N   1 
ATOM   689  C CA  . VAL A 1 190 ? -4.67706  -10.51327 1.32625   1.000 63.08000  ? 190 VAL A CA  1 
ATOM   690  C C   . VAL A 1 190 ? -3.25216  -10.80868 1.78305   1.000 64.80000  ? 190 VAL A C   1 
ATOM   691  O O   . VAL A 1 190 ? -2.28043  -10.29021 1.20847   1.000 60.13000  ? 190 VAL A O   1 
ATOM   692  C CB  . VAL A 1 190 ? -5.30796  -9.32861  2.07806   1.000 60.24000  ? 190 VAL A CB  1 
ATOM   693  C CG1 . VAL A 1 190 ? -4.35765  -8.16690  2.11545   1.000 60.73000  ? 190 VAL A CG1 1 
ATOM   694  C CG2 . VAL A 1 190 ? -6.54270  -8.89309  1.34572   1.000 61.91000  ? 190 VAL A CG2 1 
ATOM   695  N N   . LYS A 1 191 ? -3.09703  -11.68608 2.78740   1.000 63.44000  ? 191 LYS A N   1 
ATOM   696  C CA  . LYS A 1 191 ? -1.75053  -12.05297 3.22140   1.000 56.51000  ? 191 LYS A CA  1 
ATOM   697  C C   . LYS A 1 191 ? -1.01135  -12.83771 2.13478   1.000 59.36000  ? 191 LYS A C   1 
ATOM   698  O O   . LYS A 1 191 ? 0.16549   -12.57578 1.86395   1.000 58.45000  ? 191 LYS A O   1 
ATOM   699  C CB  . LYS A 1 191 ? -1.79734  -12.83734 4.53147   1.000 50.39000  ? 191 LYS A CB  1 
ATOM   700  C CG  . LYS A 1 191 ? -0.48830  -13.54401 4.83133   1.000 58.25000  ? 191 LYS A CG  1 
ATOM   701  C CD  . LYS A 1 191 ? -0.29213  -13.89494 6.28673   1.000 57.91000  ? 191 LYS A CD  1 
ATOM   702  C CE  . LYS A 1 191 ? 0.41486   -15.26112 6.43237   1.000 65.42000  ? 191 LYS A CE  1 
ATOM   703  N NZ  . LYS A 1 191 ? 1.71397   -15.42796 5.70327   1.000 64.01000  ? 191 LYS A NZ  1 
ATOM   704  N N   . GLN A 1 192 ? -1.69167  -13.77997 1.47554   1.000 60.32000  ? 192 GLN A N   1 
ATOM   705  C CA  . GLN A 1 192 ? -1.07553  -14.48343 0.34958   1.000 62.11000  ? 192 GLN A CA  1 
ATOM   706  C C   . GLN A 1 192 ? -0.68656  -13.53005 -0.77788  1.000 58.40000  ? 192 GLN A C   1 
ATOM   707  O O   . GLN A 1 192 ? 0.37388   -13.68538 -1.39631  1.000 57.89000  ? 192 GLN A O   1 
ATOM   708  C CB  . GLN A 1 192 ? -2.02689  -15.55338 -0.17404  1.000 60.35000  ? 192 GLN A CB  1 
ATOM   709  C CG  . GLN A 1 192 ? -2.44020  -16.56004 0.86685   1.000 60.45000  ? 192 GLN A CG  1 
ATOM   710  C CD  . GLN A 1 192 ? -3.35791  -17.59094 0.29016   1.000 64.85000  ? 192 GLN A CD  1 
ATOM   711  O OE1 . GLN A 1 192 ? -4.55988  -17.58721 0.54989   1.000 65.23000  ? 192 GLN A OE1 1 
ATOM   712  N NE2 . GLN A 1 192 ? -2.81248  -18.44886 -0.55793  1.000 74.16000  ? 192 GLN A NE2 1 
ATOM   713  N N   . ILE A 1 193 ? -1.53647  -12.55269 -1.07947  1.000 55.81000  ? 193 ILE A N   1 
ATOM   714  C CA  . ILE A 1 193 ? -1.21913  -11.62571 -2.15977  1.000 62.02000  ? 193 ILE A CA  1 
ATOM   715  C C   . ILE A 1 193 ? 0.03865   -10.83624 -1.82294  1.000 60.01000  ? 193 ILE A C   1 
ATOM   716  O O   . ILE A 1 193 ? 0.95986   -10.70935 -2.64539  1.000 55.21000  ? 193 ILE A O   1 
ATOM   717  C CB  . ILE A 1 193 ? -2.41255  -10.69202 -2.43401  1.000 63.40000  ? 193 ILE A CB  1 
ATOM   718  C CG1 . ILE A 1 193 ? -3.59921  -11.49153 -2.99037  1.000 62.37000  ? 193 ILE A CG1 1 
ATOM   719  C CG2 . ILE A 1 193 ? -1.97794  -9.53925  -3.36753  1.000 58.96000  ? 193 ILE A CG2 1 
ATOM   720  C CD1 . ILE A 1 193 ? -4.87404  -10.69733 -3.13687  1.000 58.08000  ? 193 ILE A CD1 1 
ATOM   721  N N   . ILE A 1 194 ? 0.08786   -10.28806 -0.59959  1.000 56.42000  ? 194 ILE A N   1 
ATOM   722  C CA  . ILE A 1 194 ? 1.25635   -9.53603  -0.15213  1.000 56.62000  ? 194 ILE A CA  1 
ATOM   723  C C   . ILE A 1 194 ? 2.48474   -10.43196 -0.16375  1.000 58.74000  ? 194 ILE A C   1 
ATOM   724  O O   . ILE A 1 194 ? 3.59531   -10.00234 -0.50030  1.000 58.15000  ? 194 ILE A O   1 
ATOM   725  C CB  . ILE A 1 194 ? 1.02060   -8.94622  1.25273   1.000 54.64000  ? 194 ILE A CB  1 
ATOM   726  C CG1 . ILE A 1 194 ? -0.11755  -7.94272  1.26555   1.000 50.07000  ? 194 ILE A CG1 1 
ATOM   727  C CG2 . ILE A 1 194 ? 2.25996   -8.24564  1.75129   1.000 55.81000  ? 194 ILE A CG2 1 
ATOM   728  C CD1 . ILE A 1 194 ? -0.38862  -7.36787  2.60749   1.000 50.29000  ? 194 ILE A CD1 1 
ATOM   729  N N   . ASP A 1 195 ? 2.30244   -11.69532 0.20734   1.000 57.85000  ? 195 ASP A N   1 
ATOM   730  C CA  . ASP A 1 195 ? 3.42119   -12.62436 0.23941   1.000 57.17000  ? 195 ASP A CA  1 
ATOM   731  C C   . ASP A 1 195 ? 3.96348   -12.84979 -1.15848  1.000 57.31000  ? 195 ASP A C   1 
ATOM   732  O O   . ASP A 1 195 ? 5.17332   -12.74902 -1.39638  1.000 56.96000  ? 195 ASP A O   1 
ATOM   733  C CB  . ASP A 1 195 ? 2.97193   -13.93921 0.88069   1.000 64.06000  ? 195 ASP A CB  1 
ATOM   734  C CG  . ASP A 1 195 ? 3.51703   -14.12065 2.30131   1.000 66.90000  ? 195 ASP A CG  1 
ATOM   735  O OD1 . ASP A 1 195 ? 4.50144   -13.41807 2.67733   1.000 63.89000  ? 195 ASP A OD1 1 
ATOM   736  O OD2 . ASP A 1 195 ? 2.90859   -14.93001 3.04503   1.000 65.26000  ? 195 ASP A OD2 1 
ATOM   737  N N   . ARG A 1 196 ? 3.07250   -13.12177 -2.10725  1.000 62.29000  ? 196 ARG A N   1 
ATOM   738  C CA  . ARG A 1 196 ? 3.51525   -13.35616 -3.46917  1.000 57.14000  ? 196 ARG A CA  1 
ATOM   739  C C   . ARG A 1 196 ? 4.16110   -12.11317 -4.07025  1.000 57.09000  ? 196 ARG A C   1 
ATOM   740  O O   . ARG A 1 196 ? 5.13772   -12.21597 -4.81716  1.000 58.54000  ? 196 ARG A O   1 
ATOM   741  C CB  . ARG A 1 196 ? 2.34531   -13.85522 -4.29926  1.000 57.34000  ? 196 ARG A CB  1 
ATOM   742  C CG  . ARG A 1 196 ? 2.61644   -15.19460 -4.92899  1.000 61.15000  ? 196 ARG A CG  1 
ATOM   743  C CD  . ARG A 1 196 ? 1.38064   -15.66382 -5.64891  1.000 76.37000  ? 196 ARG A CD  1 
ATOM   744  N NE  . ARG A 1 196 ? 1.49341   -15.46685 -7.08927  1.000 77.26000  ? 196 ARG A NE  1 
ATOM   745  C CZ  . ARG A 1 196 ? 0.48531   -15.62919 -7.93269  1.000 80.58000  ? 196 ARG A CZ  1 
ATOM   746  N NH1 . ARG A 1 196 ? -0.69336  -16.07599 -7.51992  1.000 79.77000  ? 196 ARG A NH1 1 
ATOM   747  N NH2 . ARG A 1 196 ? 0.66541   -15.35194 -9.22378  1.000 85.84000  ? 196 ARG A NH2 1 
ATOM   748  N N   . LEU A 1 197 ? 3.68229   -10.92823 -3.73508  1.000 53.20000  ? 197 LEU A N   1 
ATOM   749  C CA  . LEU A 1 197 ? 4.36155   -9.81030  -4.35975  1.000 59.02000  ? 197 LEU A CA  1 
ATOM   750  C C   . LEU A 1 197 ? 5.56601   -9.31562  -3.56557  1.000 62.21000  ? 197 LEU A C   1 
ATOM   751  O O   . LEU A 1 197 ? 6.39583   -8.58151  -4.11984  1.000 59.50000  ? 197 LEU A O   1 
ATOM   752  C CB  . LEU A 1 197 ? 3.36704   -8.68795  -4.66625  1.000 61.12000  ? 197 LEU A CB  1 
ATOM   753  C CG  . LEU A 1 197 ? 2.70887   -7.85614  -3.60308  1.000 63.56000  ? 197 LEU A CG  1 
ATOM   754  C CD1 . LEU A 1 197 ? 3.58387   -6.64834  -3.38427  1.000 72.73000  ? 197 LEU A CD1 1 
ATOM   755  C CD2 . LEU A 1 197 ? 1.33843   -7.44468  -4.11827  1.000 60.70000  ? 197 LEU A CD2 1 
ATOM   756  N N   . ASN A 1 198 ? 5.70393   -9.73003  -2.29733  1.000 64.63000  ? 198 ASN A N   1 
ATOM   757  C CA  . ASN A 1 198 ? 6.96832   -9.54861  -1.58506  1.000 55.21000  ? 198 ASN A CA  1 
ATOM   758  C C   . ASN A 1 198 ? 8.08380   -10.33354 -2.26796  1.000 59.32000  ? 198 ASN A C   1 
ATOM   759  O O   . ASN A 1 198 ? 9.21945   -9.85314  -2.38833  1.000 61.22000  ? 198 ASN A O   1 
ATOM   760  C CB  . ASN A 1 198 ? 6.79828   -9.98495  -0.13485  1.000 53.89000  ? 198 ASN A CB  1 
ATOM   761  C CG  . ASN A 1 198 ? 6.62437   -8.80896  0.82192   1.000 66.34000  ? 198 ASN A CG  1 
ATOM   762  O OD1 . ASN A 1 198 ? 6.70713   -7.63457  0.41474   1.000 64.77000  ? 198 ASN A OD1 1 
ATOM   763  N ND2 . ASN A 1 198 ? 6.38014   -9.11928  2.10976   1.000 59.33000  ? 198 ASN A ND2 1 
ATOM   764  N N   . ALA A 1 199 ? 7.74805   -11.52797 -2.76581  1.000 58.74000  ? 199 ALA A N   1 
ATOM   765  C CA  . ALA A 1 199 ? 8.70044   -12.38232 -3.46917  1.000 58.50000  ? 199 ALA A CA  1 
ATOM   766  C C   . ALA A 1 199 ? 9.04993   -11.82448 -4.83880  1.000 60.67000  ? 199 ALA A C   1 
ATOM   767  O O   . ALA A 1 199 ? 10.22915  -11.69527 -5.18407  1.000 60.33000  ? 199 ALA A O   1 
ATOM   768  C CB  . ALA A 1 199 ? 8.12514   -13.79075 -3.62084  1.000 53.64000  ? 199 ALA A CB  1 
ATOM   769  N N   . GLU A 1 200 ? 8.03128   -11.53273 -5.65273  1.000 65.15000  ? 200 GLU A N   1 
ATOM   770  C CA  . GLU A 1 200 ? 8.27045   -11.07132 -7.01499  1.000 63.31000  ? 200 GLU A CA  1 
ATOM   771  C C   . GLU A 1 200 ? 9.06474   -9.78285  -7.04378  1.000 64.95000  ? 200 GLU A C   1 
ATOM   772  O O   . GLU A 1 200 ? 9.65410   -9.45086  -8.07934  1.000 64.10000  ? 200 GLU A O   1 
ATOM   773  C CB  . GLU A 1 200 ? 6.95183   -10.85333 -7.73464  1.000 60.27000  ? 200 GLU A CB  1 
ATOM   774  C CG  . GLU A 1 200 ? 6.09427   -12.08193 -7.82416  1.000 66.37000  ? 200 GLU A CG  1 
ATOM   775  C CD  . GLU A 1 200 ? 4.78112   -11.77507 -8.50589  1.000 67.06000  ? 200 GLU A CD  1 
ATOM   776  O OE1 . GLU A 1 200 ? 4.71156   -10.66643 -9.08938  1.000 57.26000  ? 200 GLU A OE1 1 
ATOM   777  O OE2 . GLU A 1 200 ? 3.84660   -12.62647 -8.45205  1.000 69.36000  ? 200 GLU A OE2 1 
ATOM   778  N N   . ALA A 1 201 ? 9.06884   -9.04131  -5.93499  1.000 63.86000  ? 201 ALA A N   1 
ATOM   779  C CA  . ALA A 1 201 ? 9.85054   -7.82269  -5.83086  1.000 63.05000  ? 201 ALA A CA  1 
ATOM   780  C C   . ALA A 1 201 ? 11.29278  -8.09897  -5.43268  1.000 69.83000  ? 201 ALA A C   1 
ATOM   781  O O   . ALA A 1 201 ? 12.18969  -7.35232  -5.84423  1.000 66.06000  ? 201 ALA A O   1 
ATOM   782  C CB  . ALA A 1 201 ? 9.20319   -6.86988  -4.82441  1.000 58.48000  ? 201 ALA A CB  1 
ATOM   783  N N   . LYS A 1 202 ? 11.53257  -9.14990  -4.63134  1.000 72.63000  ? 202 LYS A N   1 
ATOM   784  C CA  . LYS A 1 202 ? 12.90236  -9.55523  -4.31909  1.000 67.23000  ? 202 LYS A CA  1 
ATOM   785  C C   . LYS A 1 202 ? 13.57431  -10.18009 -5.54384  1.000 72.93000  ? 202 LYS A C   1 
ATOM   786  O O   . LYS A 1 202 ? 14.77541  -9.98745  -5.76738  1.000 72.62000  ? 202 LYS A O   1 
ATOM   787  C CB  . LYS A 1 202 ? 12.90023  -10.52168 -3.12709  1.000 64.18000  ? 202 LYS A CB  1 
ATOM   788  C CG  . LYS A 1 202 ? 14.05269  -10.31898 -2.13942  1.000 75.05000  ? 202 LYS A CG  1 
ATOM   789  C CD  . LYS A 1 202 ? 13.78920  -10.92403 -0.74052  1.000 75.15000  ? 202 LYS A CD  1 
ATOM   790  C CE  . LYS A 1 202 ? 15.10404  -11.28977 -0.03060  1.000 86.14000  ? 202 LYS A CE  1 
ATOM   791  N NZ  . LYS A 1 202 ? 14.97985  -11.61111 1.43317   1.000 80.68000  ? 202 LYS A NZ  1 
ATOM   792  N N   . ALA A 1 203 ? 12.79822  -10.90189 -6.36865  1.000 70.19000  ? 203 ALA A N   1 
ATOM   793  C CA  . ALA A 1 203 ? 13.34152  -11.56093 -7.55395  1.000 64.61000  ? 203 ALA A CA  1 
ATOM   794  C C   . ALA A 1 203 ? 13.70623  -10.55135 -8.64223  1.000 75.98000  ? 203 ALA A C   1 
ATOM   795  O O   . ALA A 1 203 ? 14.74730  -10.69014 -9.30559  1.000 77.46000  ? 203 ALA A O   1 
ATOM   796  C CB  . ALA A 1 203 ? 12.33088  -12.57654 -8.08207  1.000 61.56000  ? 203 ALA A CB  1 
ATOM   797  N N   . ASP A 1 204 ? 12.86097  -9.54969  -8.84870  1.000 75.96000  ? 204 ASP A N   1 
ATOM   798  C CA  . ASP A 1 204 ? 13.10726  -8.48603  -9.82537  1.000 73.13000  ? 204 ASP A CA  1 
ATOM   799  C C   . ASP A 1 204 ? 12.59514  -7.17678  -9.24131  1.000 72.62000  ? 204 ASP A C   1 
ATOM   800  O O   . ASP A 1 204 ? 11.38008  -6.91950  -9.26291  1.000 71.39000  ? 204 ASP A O   1 
ATOM   801  C CB  . ASP A 1 204 ? 12.43565  -8.79017  -11.16183 1.000 76.80000  ? 204 ASP A CB  1 
ATOM   802  C CG  . ASP A 1 204 ? 12.79410  -7.77315  -12.25265 1.000 85.59000  ? 204 ASP A CG  1 
ATOM   803  O OD1 . ASP A 1 204 ? 13.56413  -6.81445  -11.98393 1.000 83.59000  ? 204 ASP A OD1 1 
ATOM   804  O OD2 . ASP A 1 204 ? 12.27152  -7.91789  -13.38304 1.000 90.54000  ? 204 ASP A OD2 1 
ATOM   805  N N   . PRO A 1 205 ? 13.48123  -6.32429  -8.71609  1.000 74.01000  ? 205 PRO A N   1 
ATOM   806  C CA  . PRO A 1 205 ? 13.04288  -5.05166  -8.12438  1.000 73.04000  ? 205 PRO A CA  1 
ATOM   807  C C   . PRO A 1 205 ? 12.65173  -3.99523  -9.14311  1.000 74.37000  ? 205 PRO A C   1 
ATOM   808  O O   . PRO A 1 205 ? 12.25481  -2.88613  -8.75229  1.000 74.68000  ? 205 PRO A O   1 
ATOM   809  C CB  . PRO A 1 205 ? 14.27442  -4.60527  -7.31789  1.000 66.15000  ? 205 PRO A CB  1 
ATOM   810  C CG  . PRO A 1 205 ? 15.41444  -5.22972  -7.99755  1.000 65.42000  ? 205 PRO A CG  1 
ATOM   811  C CD  . PRO A 1 205 ? 14.93595  -6.51856  -8.60342  1.000 70.62000  ? 205 PRO A CD  1 
ATOM   812  N N   . ASP A 1 206 ? 12.76263  -4.30053  -10.43211 1.000 78.26000  ? 206 ASP A N   1 
ATOM   813  C CA  . ASP A 1 206 ? 12.40888  -3.33495  -11.45366 1.000 81.35000  ? 206 ASP A CA  1 
ATOM   814  C C   . ASP A 1 206 ? 10.98970  -3.53365  -11.96345 1.000 77.08000  ? 206 ASP A C   1 
ATOM   815  O O   . ASP A 1 206 ? 10.43849  -2.61748  -12.58792 1.000 74.39000  ? 206 ASP A O   1 
ATOM   816  C CB  . ASP A 1 206 ? 13.41113  -3.41185  -12.61096 1.000 84.13000  ? 206 ASP A CB  1 
ATOM   817  C CG  . ASP A 1 206 ? 14.62230  -2.50764  -12.39842 1.000 88.13000  ? 206 ASP A CG  1 
ATOM   818  O OD1 . ASP A 1 206 ? 14.68513  -1.79923  -11.36454 1.000 80.27000  ? 206 ASP A OD1 1 
ATOM   819  O OD2 . ASP A 1 206 ? 15.51691  -2.51185  -13.27138 1.000 98.51000  ? 206 ASP A OD2 1 
ATOM   820  N N   . SER A 1 207 ? 10.37783  -4.68384  -11.67136 1.000 68.82000  ? 207 SER A N   1 
ATOM   821  C CA  . SER A 1 207 ? 9.01811   -4.94457  -12.10685 1.000 67.97000  ? 207 SER A CA  1 
ATOM   822  C C   . SER A 1 207 ? 8.03944   -4.06369  -11.34849 1.000 68.56000  ? 207 SER A C   1 
ATOM   823  O O   . SER A 1 207 ? 8.41190   -3.19059  -10.56346 1.000 70.28000  ? 207 SER A O   1 
ATOM   824  C CB  . SER A 1 207 ? 8.63477   -6.40320  -11.90152 1.000 66.31000  ? 207 SER A CB  1 
ATOM   825  O OG  . SER A 1 207 ? 8.75790   -6.75236  -10.54823 1.000 64.73000  ? 207 SER A OG  1 
ATOM   826  N N   . THR A 1 208 ? 6.75761   -4.32101  -11.58967 1.000 68.90000  ? 208 THR A N   1 
ATOM   827  C CA  . THR A 1 208 ? 5.70964   -3.50537  -10.99038 1.000 67.76000  ? 208 THR A CA  1 
ATOM   828  C C   . THR A 1 208 ? 5.59560   -3.79270  -9.49125  1.000 67.60000  ? 208 THR A C   1 
ATOM   829  O O   . THR A 1 208 ? 5.49807   -2.86608  -8.67555  1.000 65.94000  ? 208 THR A O   1 
ATOM   830  C CB  . THR A 1 208 ? 4.39511   -3.76173  -11.73684 1.000 62.33000  ? 208 THR A CB  1 
ATOM   831  O OG1 . THR A 1 208 ? 4.61925   -3.62479  -13.14649 1.000 68.26000  ? 208 THR A OG1 1 
ATOM   832  C CG2 . THR A 1 208 ? 3.34375   -2.78177  -11.33335 1.000 56.79000  ? 208 THR A CG2 1 
ATOM   833  N N   . ALA A 1 209 ? 5.63556   -5.07375  -9.11107  1.000 63.30000  ? 209 ALA A N   1 
ATOM   834  C CA  . ALA A 1 209 ? 5.82239   -5.44529  -7.71176  1.000 63.98000  ? 209 ALA A CA  1 
ATOM   835  C C   . ALA A 1 209 ? 6.96108   -4.65855  -7.06226  1.000 65.19000  ? 209 ALA A C   1 
ATOM   836  O O   . ALA A 1 209 ? 6.80579   -4.10413  -5.96835  1.000 65.91000  ? 209 ALA A O   1 
ATOM   837  C CB  . ALA A 1 209 ? 6.09284   -6.94855  -7.60920  1.000 59.23000  ? 209 ALA A CB  1 
ATOM   838  N N   . GLY A 1 210 ? 8.11579   -4.59801  -7.72241  1.000 62.53000  ? 210 GLY A N   1 
ATOM   839  C CA  . GLY A 1 210 ? 9.26259   -3.95090  -7.11431  1.000 63.52000  ? 210 GLY A CA  1 
ATOM   840  C C   . GLY A 1 210 ? 9.10441   -2.44876  -6.97754  1.000 68.35000  ? 210 GLY A C   1 
ATOM   841  O O   . GLY A 1 210 ? 9.52870   -1.86091  -5.97741  1.000 70.45000  ? 210 GLY A O   1 
ATOM   842  N N   . GLN A 1 211 ? 8.52849   -1.79745  -7.99052  1.000 71.66000  ? 211 GLN A N   1 
ATOM   843  C CA  . GLN A 1 211 ? 8.24287   -0.37200  -7.87355  1.000 71.70000  ? 211 GLN A CA  1 
ATOM   844  C C   . GLN A 1 211 ? 7.24279   -0.11721  -6.75151  1.000 67.73000  ? 211 GLN A C   1 
ATOM   845  O O   . GLN A 1 211 ? 7.34380   0.88689   -6.04032  1.000 69.35000  ? 211 GLN A O   1 
ATOM   846  C CB  . GLN A 1 211 ? 7.74169   0.15371   -9.21741  1.000 65.88000  ? 211 GLN A CB  1 
ATOM   847  C CG  . GLN A 1 211 ? 8.85655   0.74557   -10.08799 1.000 79.63000  ? 211 GLN A CG  1 
ATOM   848  C CD  . GLN A 1 211 ? 8.61156   0.57498   -11.60992 1.000 94.13000  ? 211 GLN A CD  1 
ATOM   849  O OE1 . GLN A 1 211 ? 7.48442   0.32179   -12.05886 1.000 90.19000  ? 211 GLN A OE1 1 
ATOM   850  N NE2 . GLN A 1 211 ? 9.68494   0.68993   -12.39965 1.000 93.08000  ? 211 GLN A NE2 1 
ATOM   851  N N   . VAL A 1 212 ? 6.31340   -1.04751  -6.54076  1.000 63.59000  ? 212 VAL A N   1 
ATOM   852  C CA  . VAL A 1 212 ? 5.34858   -0.91716  -5.45337  1.000 62.50000  ? 212 VAL A CA  1 
ATOM   853  C C   . VAL A 1 212 ? 6.04299   -1.01616  -4.09210  1.000 67.03000  ? 212 VAL A C   1 
ATOM   854  O O   . VAL A 1 212 ? 5.78266   -0.20357  -3.19792  1.000 64.88000  ? 212 VAL A O   1 
ATOM   855  C CB  . VAL A 1 212 ? 4.23101   -1.96657  -5.61599  1.000 64.34000  ? 212 VAL A CB  1 
ATOM   856  C CG1 . VAL A 1 212 ? 3.54555   -2.25352  -4.30675  1.000 66.04000  ? 212 VAL A CG1 1 
ATOM   857  C CG2 . VAL A 1 212 ? 3.21687   -1.49931  -6.61870  1.000 58.33000  ? 212 VAL A CG2 1 
ATOM   858  N N   . ARG A 1 213 ? 6.93141   -2.01621  -3.90991  1.000 69.11000  ? 213 ARG A N   1 
ATOM   859  C CA  . ARG A 1 213 ? 7.68035   -2.15965  -2.65311  1.000 63.21000  ? 213 ARG A CA  1 
ATOM   860  C C   . ARG A 1 213 ? 8.51597   -0.92546  -2.36314  1.000 64.01000  ? 213 ARG A C   1 
ATOM   861  O O   . ARG A 1 213 ? 8.54394   -0.44167  -1.22637  1.000 62.32000  ? 213 ARG A O   1 
ATOM   862  C CB  . ARG A 1 213 ? 8.61300   -3.37163  -2.69667  1.000 61.72000  ? 213 ARG A CB  1 
ATOM   863  C CG  . ARG A 1 213 ? 8.07227   -4.64405  -2.08158  1.000 70.67000  ? 213 ARG A CG  1 
ATOM   864  C CD  . ARG A 1 213 ? 8.05661   -4.67683  -0.56206  1.000 71.29000  ? 213 ARG A CD  1 
ATOM   865  N NE  . ARG A 1 213 ? 9.36014   -4.56533  0.07811   1.000 72.23000  ? 213 ARG A NE  1 
ATOM   866  C CZ  . ARG A 1 213 ? 9.53028   -4.72123  1.38450   1.000 72.08000  ? 213 ARG A CZ  1 
ATOM   867  N NH1 . ARG A 1 213 ? 8.50755   -5.01542  2.17862   1.000 66.80000  ? 213 ARG A NH1 1 
ATOM   868  N NH2 . ARG A 1 213 ? 10.74809  -4.57691  1.90653   1.000 68.14000  ? 213 ARG A NH2 1 
ATOM   869  N N   . ARG A 1 214 ? 9.24038   -0.42997  -3.37131  1.000 66.00000  ? 214 ARG A N   1 
ATOM   870  C CA  . ARG A 1 214 ? 10.05014  0.76999   -3.19704  1.000 64.08000  ? 214 ARG A CA  1 
ATOM   871  C C   . ARG A 1 214 ? 9.19770   1.91135   -2.65645  1.000 64.32000  ? 214 ARG A C   1 
ATOM   872  O O   . ARG A 1 214 ? 9.55062   2.54657   -1.65573  1.000 62.45000  ? 214 ARG A O   1 
ATOM   873  C CB  . ARG A 1 214 ? 10.70502  1.13684   -4.52915  1.000 65.95000  ? 214 ARG A CB  1 
ATOM   874  C CG  . ARG A 1 214 ? 11.42118  2.46516   -4.58722  1.000 71.30000  ? 214 ARG A CG  1 
ATOM   875  C CD  . ARG A 1 214 ? 12.59378  2.34704   -5.55626  1.000 86.74000  ? 214 ARG A CD  1 
ATOM   876  N NE  . ARG A 1 214 ? 12.16250  2.56553   -6.93832  1.000 104.41000 ? 214 ARG A NE  1 
ATOM   877  C CZ  . ARG A 1 214 ? 12.07243  1.62925   -7.88197  1.000 101.14000 ? 214 ARG A CZ  1 
ATOM   878  N NH1 . ARG A 1 214 ? 12.40570  0.36149   -7.64834  1.000 85.26000  ? 214 ARG A NH1 1 
ATOM   879  N NH2 . ARG A 1 214 ? 11.63206  1.97268   -9.09220  1.000 97.23000  ? 214 ARG A NH2 1 
ATOM   880  N N   . ASP A 1 215 ? 8.03298   2.13992   -3.27507  1.000 66.61000  ? 215 ASP A N   1 
ATOM   881  C CA  . ASP A 1 215 ? 7.13006   3.20572   -2.83572  1.000 69.57000  ? 215 ASP A CA  1 
ATOM   882  C C   . ASP A 1 215 ? 6.56164   2.94673   -1.43444  1.000 63.52000  ? 215 ASP A C   1 
ATOM   883  O O   . ASP A 1 215 ? 6.24423   3.89577   -0.70678  1.000 60.82000  ? 215 ASP A O   1 
ATOM   884  C CB  . ASP A 1 215 ? 6.01150   3.38256   -3.86990  1.000 64.09000  ? 215 ASP A CB  1 
ATOM   885  C CG  . ASP A 1 215 ? 6.49130   4.08518   -5.13600  1.000 73.90000  ? 215 ASP A CG  1 
ATOM   886  O OD1 . ASP A 1 215 ? 7.68326   4.49664   -5.17918  1.000 78.20000  ? 215 ASP A OD1 1 
ATOM   887  O OD2 . ASP A 1 215 ? 5.68049   4.21700   -6.08754  1.000 76.06000  ? 215 ASP A OD2 1 
ATOM   888  N N   . TYR A 1 216 ? 6.44012   1.68180   -1.03583  1.000 61.03000  ? 216 TYR A N   1 
ATOM   889  C CA  . TYR A 1 216 ? 5.97122   1.36779   0.30897   1.000 57.49000  ? 216 TYR A CA  1 
ATOM   890  C C   . TYR A 1 216 ? 7.05955   1.64411   1.34270   1.000 61.46000  ? 216 TYR A C   1 
ATOM   891  O O   . TYR A 1 216 ? 6.78436   2.19280   2.41826   1.000 61.04000  ? 216 TYR A O   1 
ATOM   892  C CB  . TYR A 1 216 ? 5.51453   -0.09428  0.35015   1.000 60.67000  ? 216 TYR A CB  1 
ATOM   893  C CG  . TYR A 1 216 ? 5.30803   -0.70493  1.72226   1.000 62.63000  ? 216 TYR A CG  1 
ATOM   894  C CD1 . TYR A 1 216 ? 4.29899   -0.24117  2.55844   1.000 60.98000  ? 216 TYR A CD1 1 
ATOM   895  C CD2 . TYR A 1 216 ? 6.08979   -1.77194  2.16104   1.000 60.96000  ? 216 TYR A CD2 1 
ATOM   896  C CE1 . TYR A 1 216 ? 4.09608   -0.80033  3.80585   1.000 66.20000  ? 216 TYR A CE1 1 
ATOM   897  C CE2 . TYR A 1 216 ? 5.88941   -2.33220  3.40963   1.000 65.07000  ? 216 TYR A CE2 1 
ATOM   898  C CZ  . TYR A 1 216 ? 4.88633   -1.84217  4.22684   1.000 64.74000  ? 216 TYR A CZ  1 
ATOM   899  O OH  . TYR A 1 216 ? 4.65236   -2.39080  5.46594   1.000 70.84000  ? 216 TYR A OH  1 
ATOM   900  N N   . VAL A 1 217 ? 8.30334   1.27586   1.02800   1.000 58.02000  ? 217 VAL A N   1 
ATOM   901  C CA  . VAL A 1 217 ? 9.42053   1.55699   1.91901   1.000 53.66000  ? 217 VAL A CA  1 
ATOM   902  C C   . VAL A 1 217 ? 9.61288   3.05831   2.08581   1.000 54.94000  ? 217 VAL A C   1 
ATOM   903  O O   . VAL A 1 217 ? 9.74895   3.56457   3.20716   1.000 51.63000  ? 217 VAL A O   1 
ATOM   904  C CB  . VAL A 1 217 ? 10.68727  0.87995   1.38087   1.000 53.82000  ? 217 VAL A CB  1 
ATOM   905  C CG1 . VAL A 1 217 ? 11.90163  1.43288   2.07793   1.000 54.21000  ? 217 VAL A CG1 1 
ATOM   906  C CG2 . VAL A 1 217 ? 10.58415  -0.62895  1.55313   1.000 59.04000  ? 217 VAL A CG2 1 
ATOM   907  N N   . GLU A 1 218 ? 9.60934   3.79823   0.97370   1.000 58.15000  ? 218 GLU A N   1 
ATOM   908  C CA  . GLU A 1 218 ? 9.77281   5.24466   1.04268   1.000 54.24000  ? 218 GLU A CA  1 
ATOM   909  C C   . GLU A 1 218 ? 8.66369   5.87553   1.86672   1.000 54.59000  ? 218 GLU A C   1 
ATOM   910  O O   . GLU A 1 218 ? 8.91246   6.79654   2.65584   1.000 53.10000  ? 218 GLU A O   1 
ATOM   911  C CB  . GLU A 1 218 ? 9.80645   5.82550   -0.36930  1.000 57.37000  ? 218 GLU A CB  1 
ATOM   912  C CG  . GLU A 1 218 ? 11.20305  5.98764   -0.99563  1.000 58.86000  ? 218 GLU A CG  1 
ATOM   913  C CD  . GLU A 1 218 ? 11.12027  6.44837   -2.45596  1.000 87.04000  ? 218 GLU A CD  1 
ATOM   914  O OE1 . GLU A 1 218 ? 10.03136  6.91410   -2.89764  1.000 80.26000  ? 218 GLU A OE1 1 
ATOM   915  O OE2 . GLU A 1 218 ? 12.14071  6.31714   -3.17327  1.000 98.80000  ? 218 GLU A OE2 1 
ATOM   916  N N   . GLN A 1 219 ? 7.43003   5.37506   1.71259   1.000 57.40000  ? 219 GLN A N   1 
ATOM   917  C CA  . GLN A 1 219 ? 6.30525   5.90643   2.47841   1.000 54.62000  ? 219 GLN A CA  1 
ATOM   918  C C   . GLN A 1 219 ? 6.43266   5.57054   3.94713   1.000 56.00000  ? 219 GLN A C   1 
ATOM   919  O O   . GLN A 1 219 ? 6.22052   6.43341   4.80225   1.000 60.11000  ? 219 GLN A O   1 
ATOM   920  C CB  . GLN A 1 219 ? 4.97825   5.36994   1.96363   1.000 54.25000  ? 219 GLN A CB  1 
ATOM   921  C CG  . GLN A 1 219 ? 3.83050   6.33101   2.21780   1.000 52.69000  ? 219 GLN A CG  1 
ATOM   922  C CD  . GLN A 1 219 ? 2.51269   5.62629   2.44225   1.000 60.79000  ? 219 GLN A CD  1 
ATOM   923  O OE1 . GLN A 1 219 ? 2.43818   4.37777   2.46744   1.000 59.60000  ? 219 GLN A OE1 1 
ATOM   924  N NE2 . GLN A 1 219 ? 1.44802   6.41973   2.58312   1.000 63.24000  ? 219 GLN A NE2 1 
ATOM   925  N N   . THR A 1 220 ? 6.72446   4.30705   4.26046   1.000 51.29000  ? 220 THR A N   1 
ATOM   926  C CA  . THR A 1 220 ? 6.91873   3.94946   5.65592   1.000 54.88000  ? 220 THR A CA  1 
ATOM   927  C C   . THR A 1 220 ? 8.01866   4.80845   6.26915   1.000 53.78000  ? 220 THR A C   1 
ATOM   928  O O   . THR A 1 220 ? 7.83250   5.37797   7.34754   1.000 54.42000  ? 220 THR A O   1 
ATOM   929  C CB  . THR A 1 220 ? 7.22189   2.44942   5.79560   1.000 56.39000  ? 220 THR A CB  1 
ATOM   930  O OG1 . THR A 1 220 ? 6.09578   1.68156   5.34331   1.000 57.78000  ? 220 THR A OG1 1 
ATOM   931  C CG2 . THR A 1 220 ? 7.48933   2.08694   7.23386   1.000 52.65000  ? 220 THR A CG2 1 
ATOM   932  N N   . ALA A 1 221 ? 9.14048   4.97665   5.55998   1.000 51.71000  ? 221 ALA A N   1 
ATOM   933  C CA  . ALA A 1 221 ? 10.24443  5.76673   6.10371   1.000 52.35000  ? 221 ALA A CA  1 
ATOM   934  C C   . ALA A 1 221 ? 9.82767   7.19835   6.40428   1.000 51.84000  ? 221 ALA A C   1 
ATOM   935  O O   . ALA A 1 221 ? 10.34327  7.82064   7.33765   1.000 50.98000  ? 221 ALA A O   1 
ATOM   936  C CB  . ALA A 1 221 ? 11.42232  5.76152   5.13501   1.000 49.57000  ? 221 ALA A CB  1 
ATOM   937  N N   . ALA A 1 222 ? 8.91425   7.74628   5.61280   1.000 56.03000  ? 222 ALA A N   1 
ATOM   938  C CA  . ALA A 1 222 ? 8.46413   9.10678   5.84491   1.000 49.62000  ? 222 ALA A CA  1 
ATOM   939  C C   . ALA A 1 222 ? 7.55885   9.18061   7.06772   1.000 51.24000  ? 222 ALA A C   1 
ATOM   940  O O   . ALA A 1 222 ? 7.58547   10.16215  7.81180   1.000 49.33000  ? 222 ALA A O   1 
ATOM   941  C CB  . ALA A 1 222 ? 7.75365   9.60142   4.59722   1.000 45.77000  ? 222 ALA A CB  1 
ATOM   942  N N   . GLN A 1 223 ? 6.74289   8.14814   7.28327   1.000 54.56000  ? 223 GLN A N   1 
ATOM   943  C CA  . GLN A 1 223 ? 5.84041   8.13871   8.42580   1.000 52.17000  ? 223 GLN A CA  1 
ATOM   944  C C   . GLN A 1 223 ? 6.62198   7.94013   9.71400   1.000 54.07000  ? 223 GLN A C   1 
ATOM   945  O O   . GLN A 1 223 ? 6.39155   8.63669   10.70600  1.000 55.73000  ? 223 GLN A O   1 
ATOM   946  C CB  . GLN A 1 223 ? 4.79816   7.03746   8.25586   1.000 51.49000  ? 223 GLN A CB  1 
ATOM   947  C CG  . GLN A 1 223 ? 4.02284   7.09848   6.93819   1.000 55.65000  ? 223 GLN A CG  1 
ATOM   948  C CD  . GLN A 1 223 ? 3.14210   5.86873   6.71810   1.000 64.54000  ? 223 GLN A CD  1 
ATOM   949  O OE1 . GLN A 1 223 ? 3.21400   4.88994   7.46784   1.000 76.08000  ? 223 GLN A OE1 1 
ATOM   950  N NE2 . GLN A 1 223 ? 2.30795   5.91540   5.68895   1.000 59.78000  ? 223 GLN A NE2 1 
ATOM   951  N N   . GLN A 1 224 ? 7.55700   6.99005   9.70632   1.000 57.80000  ? 224 GLN A N   1 
ATOM   952  C CA  . GLN A 1 224 ? 8.50129   6.83877   10.80292  1.000 53.71000  ? 224 GLN A CA  1 
ATOM   953  C C   . GLN A 1 224 ? 9.20481   8.15539   11.12093  1.000 56.27000  ? 224 GLN A C   1 
ATOM   954  O O   . GLN A 1 224 ? 9.40577   8.49494   12.29571  1.000 56.77000  ? 224 GLN A O   1 
ATOM   955  C CB  . GLN A 1 224 ? 9.52394   5.76380   10.44411  1.000 54.20000  ? 224 GLN A CB  1 
ATOM   956  C CG  . GLN A 1 224 ? 8.97393   4.36722   10.46586  1.000 56.01000  ? 224 GLN A CG  1 
ATOM   957  C CD  . GLN A 1 224 ? 8.98516   3.79962   11.85903  1.000 66.06000  ? 224 GLN A CD  1 
ATOM   958  O OE1 . GLN A 1 224 ? 7.93157   3.50805   12.42099  1.000 68.24000  ? 224 GLN A OE1 1 
ATOM   959  N NE2 . GLN A 1 224 ? 10.18052  3.69914   12.45712  1.000 69.95000  ? 224 GLN A NE2 1 
ATOM   960  N N   . ALA A 1 225 ? 9.58977   8.92020   10.09160  1.000 53.49000  ? 225 ALA A N   1 
ATOM   961  C CA  . ALA A 1 225 ? 10.30354  10.15800  10.37099  1.000 52.17000  ? 225 ALA A CA  1 
ATOM   962  C C   . ALA A 1 225 ? 9.38169   11.17709  11.02782  1.000 53.12000  ? 225 ALA A C   1 
ATOM   963  O O   . ALA A 1 225 ? 9.75851   11.80961  12.02388  1.000 54.44000  ? 225 ALA A O   1 
ATOM   964  C CB  . ALA A 1 225 ? 10.94248  10.70837  9.10060   1.000 44.95000  ? 225 ALA A CB  1 
ATOM   965  N N   . ALA A 1 226 ? 8.14805   11.30484  10.52573  1.000 50.39000  ? 226 ALA A N   1 
ATOM   966  C CA  . ALA A 1 226 ? 7.21962   12.28695  11.08060  1.000 48.96000  ? 226 ALA A CA  1 
ATOM   967  C C   . ALA A 1 226 ? 6.89764   11.97032  12.53258  1.000 55.80000  ? 226 ALA A C   1 
ATOM   968  O O   . ALA A 1 226 ? 6.90292   12.86448  13.38996  1.000 55.95000  ? 226 ALA A O   1 
ATOM   969  C CB  . ALA A 1 226 ? 5.94690   12.33995  10.23833  1.000 44.56000  ? 226 ALA A CB  1 
ATOM   970  N N   . ALA A 1 227 ? 6.65026   10.68949  12.82686  1.000 54.49000  ? 227 ALA A N   1 
ATOM   971  C CA  . ALA A 1 227 ? 6.33374   10.25543  14.18478  1.000 52.84000  ? 227 ALA A CA  1 
ATOM   972  C C   . ALA A 1 227 ? 7.48026   10.52988  15.13650  1.000 53.61000  ? 227 ALA A C   1 
ATOM   973  O O   . ALA A 1 227 ? 7.27977   11.08622  16.22071  1.000 51.77000  ? 227 ALA A O   1 
ATOM   974  C CB  . ALA A 1 227 ? 6.00932   8.76363   14.18886  1.000 48.27000  ? 227 ALA A CB  1 
ATOM   975  N N   . TRP A 1 228 ? 8.68651   10.09338  14.76502  1.000 58.33000  ? 228 TRP A N   1 
ATOM   976  C CA  . TRP A 1 228 ? 9.85637   10.37271  15.58513  1.000 57.29000  ? 228 TRP A CA  1 
ATOM   977  C C   . TRP A 1 228 ? 9.98416   11.86825  15.84819  1.000 55.59000  ? 228 TRP A C   1 
ATOM   978  O O   . TRP A 1 228 ? 10.24497  12.28718  16.98169  1.000 54.58000  ? 228 TRP A O   1 
ATOM   979  C CB  . TRP A 1 228 ? 11.12038  9.82913   14.91453  1.000 52.96000  ? 228 TRP A CB  1 
ATOM   980  C CG  . TRP A 1 228 ? 12.32907  10.28181  15.62727  1.000 54.01000  ? 228 TRP A CG  1 
ATOM   981  C CD1 . TRP A 1 228 ? 12.94806  9.65458   16.67286  1.000 61.08000  ? 228 TRP A CD1 1 
ATOM   982  C CD2 . TRP A 1 228 ? 13.06421  11.48488  15.38941  1.000 54.34000  ? 228 TRP A CD2 1 
ATOM   983  N NE1 . TRP A 1 228 ? 14.03162  10.39181  17.09896  1.000 59.60000  ? 228 TRP A NE1 1 
ATOM   984  C CE2 . TRP A 1 228 ? 14.12090  11.52209  16.32955  1.000 56.89000  ? 228 TRP A CE2 1 
ATOM   985  C CE3 . TRP A 1 228 ? 12.93288  12.53610  14.47803  1.000 51.55000  ? 228 TRP A CE3 1 
ATOM   986  C CZ2 . TRP A 1 228 ? 15.03570  12.56246  16.37790  1.000 53.55000  ? 228 TRP A CZ2 1 
ATOM   987  C CZ3 . TRP A 1 228 ? 13.84138  13.56482  14.52314  1.000 51.55000  ? 228 TRP A CZ3 1 
ATOM   988  C CH2 . TRP A 1 228 ? 14.88576  13.57087  15.46499  1.000 56.12000  ? 228 TRP A CH2 1 
ATOM   989  N N   . THR A 1 229 ? 9.78859   12.68735  14.81364  1.000 52.17000  ? 229 THR A N   1 
ATOM   990  C CA  . THR A 1 229 ? 9.86175   14.13008  14.99460  1.000 52.14000  ? 229 THR A CA  1 
ATOM   991  C C   . THR A 1 229 ? 8.84617   14.59661  16.02433  1.000 57.60000  ? 229 THR A C   1 
ATOM   992  O O   . THR A 1 229 ? 9.19449   15.28461  16.98808  1.000 62.12000  ? 229 THR A O   1 
ATOM   993  C CB  . THR A 1 229 ? 9.62786   14.83685  13.66484  1.000 52.24000  ? 229 THR A CB  1 
ATOM   994  O OG1 . THR A 1 229 ? 10.50350  14.29277  12.67965  1.000 53.31000  ? 229 THR A OG1 1 
ATOM   995  C CG2 . THR A 1 229 ? 9.91235   16.30763  13.79348  1.000 47.09000  ? 229 THR A CG2 1 
ATOM   996  N N   . ALA A 1 230 ? 7.58461   14.20451  15.85362  1.000 56.10000  ? 230 ALA A N   1 
ATOM   997  C CA  . ALA A 1 230 ? 6.54774   14.66321  16.76203  1.000 50.73000  ? 230 ALA A CA  1 
ATOM   998  C C   . ALA A 1 230 ? 6.70204   14.10167  18.17329  1.000 58.72000  ? 230 ALA A C   1 
ATOM   999  O O   . ALA A 1 230 ? 6.04850   14.61077  19.08544  1.000 67.79000  ? 230 ALA A O   1 
ATOM   1000 C CB  . ALA A 1 230 ? 5.17872   14.32095  16.19911  1.000 51.04000  ? 230 ALA A CB  1 
ATOM   1001 N N   . ARG A 1 231 ? 7.53837   13.07520  18.38266  1.000 57.37000  ? 231 ARG A N   1 
ATOM   1002 C CA  . ARG A 1 231 ? 7.84226   12.59204  19.73104  1.000 55.76000  ? 231 ARG A CA  1 
ATOM   1003 C C   . ARG A 1 231 ? 8.97777   13.35171  20.37912  1.000 62.90000  ? 231 ARG A C   1 
ATOM   1004 O O   . ARG A 1 231 ? 9.03009   13.45087  21.60993  1.000 65.38000  ? 231 ARG A O   1 
ATOM   1005 C CB  . ARG A 1 231 ? 8.25638   11.12273  19.73097  1.000 53.21000  ? 231 ARG A CB  1 
ATOM   1006 C CG  . ARG A 1 231 ? 7.13794   10.12790  19.62708  1.000 59.33000  ? 231 ARG A CG  1 
ATOM   1007 C CD  . ARG A 1 231 ? 7.63890   8.68764   19.80895  1.000 57.21000  ? 231 ARG A CD  1 
ATOM   1008 N NE  . ARG A 1 231 ? 8.82453   8.38452   19.01264  1.000 59.81000  ? 231 ARG A NE  1 
ATOM   1009 C CZ  . ARG A 1 231 ? 8.82291   7.59419   17.94911  1.000 57.56000  ? 231 ARG A CZ  1 
ATOM   1010 N NH1 . ARG A 1 231 ? 7.70293   7.06152   17.50053  1.000 60.17000  ? 231 ARG A NH1 1 
ATOM   1011 N NH2 . ARG A 1 231 ? 9.97158   7.33499   17.32611  1.000 56.85000  ? 231 ARG A NH2 1 
ATOM   1012 N N   . ASN A 1 232 ? 9.91589   13.84807  19.58673  1.000 62.41000  ? 232 ASN A N   1 
ATOM   1013 C CA  . ASN A 1 232 ? 11.11237  14.47168  20.12203  1.000 61.33000  ? 232 ASN A CA  1 
ATOM   1014 C C   . ASN A 1 232 ? 11.31959  15.81268  19.46094  1.000 57.04000  ? 232 ASN A C   1 
ATOM   1015 O O   . ASN A 1 232 ? 12.39918  16.13155  18.96709  1.000 59.19000  ? 232 ASN A O   1 
ATOM   1016 C CB  . ASN A 1 232 ? 12.30962  13.54922  19.94777  1.000 63.01000  ? 232 ASN A CB  1 
ATOM   1017 C CG  . ASN A 1 232 ? 12.11753  12.22388  20.65975  1.000 64.77000  ? 232 ASN A CG  1 
ATOM   1018 O OD1 . ASN A 1 232 ? 12.50589  12.06395  21.83168  1.000 67.32000  ? 232 ASN A OD1 1 
ATOM   1019 N ND2 . ASN A 1 232 ? 11.50238  11.26408  19.96030  1.000 53.69000  ? 232 ASN A ND2 1 
ATOM   1020 N N   . LEU A 1 233 ? 10.24032  16.60194  19.43034  1.000 58.36000  ? 233 LEU A N   1 
ATOM   1021 C CA  . LEU A 1 233 ? 10.28552  18.00038  19.00937  1.000 54.68000  ? 233 LEU A CA  1 
ATOM   1022 C C   . LEU A 1 233 ? 11.54553  18.73044  19.46799  1.000 56.04000  ? 233 LEU A C   1 
ATOM   1023 O O   . LEU A 1 233 ? 12.23411  19.35843  18.65802  1.000 56.29000  ? 233 LEU A O   1 
ATOM   1024 C CB  . LEU A 1 233 ? 9.03180   18.71177  19.51751  1.000 50.45000  ? 233 LEU A CB  1 
ATOM   1025 C CG  . LEU A 1 233 ? 7.84340   18.92644  18.59165  1.000 57.87000  ? 233 LEU A CG  1 
ATOM   1026 C CD1 . LEU A 1 233 ? 7.41337   17.65822  17.96952  1.000 66.16000  ? 233 LEU A CD1 1 
ATOM   1027 C CD2 . LEU A 1 233 ? 6.70817   19.45775  19.43777  1.000 60.25000  ? 233 LEU A CD2 1 
ATOM   1028 N N   . GLU A 1 234 ? 11.88582  18.65426  20.75861  1.000 55.84000  ? 234 GLU A N   1 
ATOM   1029 C CA  . GLU A 1 234 ? 13.04497  19.42322  21.20627  1.000 55.75000  ? 234 GLU A CA  1 
ATOM   1030 C C   . GLU A 1 234 ? 14.35249  18.81165  20.72212  1.000 60.70000  ? 234 GLU A C   1 
ATOM   1031 O O   . GLU A 1 234 ? 15.30984  19.54847  20.45101  1.000 62.16000  ? 234 GLU A O   1 
ATOM   1032 C CB  . GLU A 1 234 ? 13.04687  19.56250  22.71829  1.000 55.07000  ? 234 GLU A CB  1 
ATOM   1033 C CG  . GLU A 1 234 ? 11.70817  19.90440  23.29536  1.000 51.11000  ? 234 GLU A CG  1 
ATOM   1034 C CD  . GLU A 1 234 ? 11.78512  20.09007  24.79277  1.000 64.55000  ? 234 GLU A CD  1 
ATOM   1035 O OE1 . GLU A 1 234 ? 12.74416  20.73960  25.29301  1.000 67.90000  ? 234 GLU A OE1 1 
ATOM   1036 O OE2 . GLU A 1 234 ? 10.88833  19.56207  25.47513  1.000 63.37000  ? 234 GLU A OE2 1 
ATOM   1037 N N   . TRP A 1 235 ? 14.41304  17.47844  20.60448  1.000 62.65000  ? 235 TRP A N   1 
ATOM   1038 C CA  . TRP A 1 235 ? 15.60040  16.82576  20.05507  1.000 57.01000  ? 235 TRP A CA  1 
ATOM   1039 C C   . TRP A 1 235 ? 15.82210  17.21484  18.59411  1.000 57.82000  ? 235 TRP A C   1 
ATOM   1040 O O   . TRP A 1 235 ? 16.95151  17.51658  18.18705  1.000 59.50000  ? 235 TRP A O   1 
ATOM   1041 C CB  . TRP A 1 235 ? 15.46987  15.30844  20.20880  1.000 53.24000  ? 235 TRP A CB  1 
ATOM   1042 C CG  . TRP A 1 235 ? 16.73845  14.54300  19.92355  1.000 52.38000  ? 235 TRP A CG  1 
ATOM   1043 C CD1 . TRP A 1 235 ? 17.98591  15.06184  19.66029  1.000 51.57000  ? 235 TRP A CD1 1 
ATOM   1044 C CD2 . TRP A 1 235 ? 16.87921  13.11935  19.85838  1.000 53.27000  ? 235 TRP A CD2 1 
ATOM   1045 N NE1 . TRP A 1 235 ? 18.88800  14.04385  19.43398  1.000 48.74000  ? 235 TRP A NE1 1 
ATOM   1046 C CE2 . TRP A 1 235 ? 18.23654  12.84282  19.55558  1.000 53.10000  ? 235 TRP A CE2 1 
ATOM   1047 C CE3 . TRP A 1 235 ? 15.99192  12.04502  20.02864  1.000 56.77000  ? 235 TRP A CE3 1 
ATOM   1048 C CZ2 . TRP A 1 235 ? 18.72312  11.53690  19.42254  1.000 52.39000  ? 235 TRP A CZ2 1 
ATOM   1049 C CZ3 . TRP A 1 235 ? 16.48347  10.74660  19.89785  1.000 56.94000  ? 235 TRP A CZ3 1 
ATOM   1050 C CH2 . TRP A 1 235 ? 17.83379  10.50719  19.59035  1.000 52.90000  ? 235 TRP A CH2 1 
ATOM   1051 N N   . ALA A 1 236 ? 14.75540  17.21615  17.78970  1.000 55.49000  ? 236 ALA A N   1 
ATOM   1052 C CA  . ALA A 1 236 ? 14.87478  17.66133  16.40244  1.000 61.02000  ? 236 ALA A CA  1 
ATOM   1053 C C   . ALA A 1 236 ? 15.35968  19.10927  16.31625  1.000 61.77000  ? 236 ALA A C   1 
ATOM   1054 O O   . ALA A 1 236 ? 16.25074  19.42512  15.51980  1.000 63.69000  ? 236 ALA A O   1 
ATOM   1055 C CB  . ALA A 1 236 ? 13.53356  17.50238  15.67335  1.000 53.45000  ? 236 ALA A CB  1 
ATOM   1056 N N   . THR A 1 237 ? 14.78665  20.00350  17.12242  1.000 57.22000  ? 237 THR A N   1 
ATOM   1057 C CA  . THR A 1 237 ? 15.20085  21.40045  17.08822  1.000 59.17000  ? 237 THR A CA  1 
ATOM   1058 C C   . THR A 1 237 ? 16.67371  21.55217  17.46919  1.000 61.09000  ? 237 THR A C   1 
ATOM   1059 O O   . THR A 1 237 ? 17.43928  22.24031  16.77912  1.000 58.35000  ? 237 THR A O   1 
ATOM   1060 C CB  . THR A 1 237 ? 14.29939  22.21980  18.00728  1.000 57.29000  ? 237 THR A CB  1 
ATOM   1061 O OG1 . THR A 1 237 ? 12.95943  21.74912  17.86329  1.000 54.24000  ? 237 THR A OG1 1 
ATOM   1062 C CG2 . THR A 1 237 ? 14.34104  23.68926  17.64234  1.000 54.66000  ? 237 THR A CG2 1 
ATOM   1063 N N   . TYR A 1 238 ? 17.09312  20.91466  18.56769  1.000 58.95000  ? 238 TYR A N   1 
ATOM   1064 C CA  . TYR A 1 238 ? 18.50622  20.94412  18.91572  1.000 57.90000  ? 238 TYR A CA  1 
ATOM   1065 C C   . TYR A 1 238 ? 19.36649  20.52565  17.72532  1.000 60.90000  ? 238 TYR A C   1 
ATOM   1066 O O   . TYR A 1 238 ? 20.35401  21.19111  17.40007  1.000 63.30000  ? 238 TYR A O   1 
ATOM   1067 C CB  . TYR A 1 238 ? 18.76258  20.05133  20.12736  1.000 60.07000  ? 238 TYR A CB  1 
ATOM   1068 C CG  . TYR A 1 238 ? 20.23408  19.88479  20.47895  1.000 63.18000  ? 238 TYR A CG  1 
ATOM   1069 C CD1 . TYR A 1 238 ? 20.97243  20.94260  21.00104  1.000 57.87000  ? 238 TYR A CD1 1 
ATOM   1070 C CD2 . TYR A 1 238 ? 20.88097  18.66356  20.28454  1.000 65.17000  ? 238 TYR A CD2 1 
ATOM   1071 C CE1 . TYR A 1 238 ? 22.30781  20.79052  21.30808  1.000 57.92000  ? 238 TYR A CE1 1 
ATOM   1072 C CE2 . TYR A 1 238 ? 22.21162  18.50261  20.58668  1.000 61.96000  ? 238 TYR A CE2 1 
ATOM   1073 C CZ  . TYR A 1 238 ? 22.92055  19.56890  21.09076  1.000 65.06000  ? 238 TYR A CZ  1 
ATOM   1074 O OH  . TYR A 1 238 ? 24.24806  19.40132  21.39263  1.000 78.20000  ? 238 TYR A OH  1 
ATOM   1075 N N   . LEU A 1 239 ? 18.96388  19.46538  17.01948  1.000 59.76000  ? 239 LEU A N   1 
ATOM   1076 C CA  . LEU A 1 239 ? 19.72833  18.98615  15.86909  1.000 63.16000  ? 239 LEU A CA  1 
ATOM   1077 C C   . LEU A 1 239 ? 19.73214  19.98488  14.71293  1.000 63.21000  ? 239 LEU A C   1 
ATOM   1078 O O   . LEU A 1 239 ? 20.73797  20.11996  14.00585  1.000 63.40000  ? 239 LEU A O   1 
ATOM   1079 C CB  . LEU A 1 239 ? 19.17052  17.64496  15.40651  1.000 60.71000  ? 239 LEU A CB  1 
ATOM   1080 C CG  . LEU A 1 239 ? 19.59183  16.48424  16.29363  1.000 56.17000  ? 239 LEU A CG  1 
ATOM   1081 C CD1 . LEU A 1 239 ? 18.68817  15.27702  16.06056  1.000 48.83000  ? 239 LEU A CD1 1 
ATOM   1082 C CD2 . LEU A 1 239 ? 21.04956  16.16669  16.01525  1.000 49.27000  ? 239 LEU A CD2 1 
ATOM   1083 N N   . ALA A 1 240 ? 18.60798  20.66158  14.47502  1.000 63.04000  ? 240 ALA A N   1 
ATOM   1084 C CA  . ALA A 1 240 ? 18.57376  21.68295  13.43382  1.000 61.23000  ? 240 ALA A CA  1 
ATOM   1085 C C   . ALA A 1 240 ? 19.51822  22.83073  13.76933  1.000 66.07000  ? 240 ALA A C   1 
ATOM   1086 O O   . ALA A 1 240 ? 20.35759  23.20414  12.94486  1.000 67.21000  ? 240 ALA A O   1 
ATOM   1087 C CB  . ALA A 1 240 ? 17.14431  22.18655  13.22946  1.000 56.37000  ? 240 ALA A CB  1 
ATOM   1088 N N   . LYS A 1 241 ? 19.39627  23.40561  14.97806  1.000 66.55000  ? 241 LYS A N   1 
ATOM   1089 C CA  . LYS A 1 241 ? 20.34597  24.42236  15.43863  1.000 62.87000  ? 241 LYS A CA  1 
ATOM   1090 C C   . LYS A 1 241 ? 21.79122  24.02094  15.17102  1.000 64.54000  ? 241 LYS A C   1 
ATOM   1091 O O   . LYS A 1 241 ? 22.52171  24.71178  14.44846  1.000 61.13000  ? 241 LYS A O   1 
ATOM   1092 C CB  . LYS A 1 241 ? 20.15660  24.71894  16.92679  1.000 58.66000  ? 241 LYS A CB  1 
ATOM   1093 C CG  . LYS A 1 241 ? 21.23399  25.66945  17.44008  1.000 64.64000  ? 241 LYS A CG  1 
ATOM   1094 C CD  . LYS A 1 241 ? 21.00321  27.14006  17.55246  1.000 61.91000  ? 241 LYS A CD  1 
ATOM   1095 C CE  . LYS A 1 241 ? 21.81019  27.60096  18.77161  1.000 66.95000  ? 241 LYS A CE  1 
ATOM   1096 N NZ  . LYS A 1 241 ? 21.86392  29.07786  18.97267  1.000 78.90000  ? 241 LYS A NZ  1 
ATOM   1097 N N   . VAL A 1 242 ? 22.21677  22.89828  15.75196  1.000 68.75000  ? 242 VAL A N   1 
ATOM   1098 C CA  . VAL A 1 242 ? 23.62082  22.50168  15.67964  1.000 67.39000  ? 242 VAL A CA  1 
ATOM   1099 C C   . VAL A 1 242 ? 24.03036  22.22817  14.24222  1.000 65.56000  ? 242 VAL A C   1 
ATOM   1100 O O   . VAL A 1 242 ? 25.10915  22.64225  13.79637  1.000 66.26000  ? 242 VAL A O   1 
ATOM   1101 C CB  . VAL A 1 242 ? 23.87273  21.27920  16.57299  1.000 58.92000  ? 242 VAL A CB  1 
ATOM   1102 C CG1 . VAL A 1 242 ? 25.32569  20.85744  16.48581  1.000 62.33000  ? 242 VAL A CG1 1 
ATOM   1103 C CG2 . VAL A 1 242 ? 23.48718  21.61379  17.98084  1.000 56.30000  ? 242 VAL A CG2 1 
ATOM   1104 N N   . ARG A 1 243 ? 23.18645  21.53004  13.49371  1.000 66.50000  ? 243 ARG A N   1 
ATOM   1105 C CA  . ARG A 1 243 ? 23.56006  21.18891  12.13099  1.000 65.70000  ? 243 ARG A CA  1 
ATOM   1106 C C   . ARG A 1 243 ? 23.37670  22.35911  11.16711  1.000 63.41000  ? 243 ARG A C   1 
ATOM   1107 O O   . ARG A 1 243 ? 23.75833  22.23964  10.00405  1.000 72.51000  ? 243 ARG A O   1 
ATOM   1108 C CB  . ARG A 1 243 ? 22.77500  19.95094  11.67503  1.000 59.46000  ? 243 ARG A CB  1 
ATOM   1109 C CG  . ARG A 1 243 ? 23.27566  18.70735  12.38197  1.000 58.44000  ? 243 ARG A CG  1 
ATOM   1110 C CD  . ARG A 1 243 ? 23.24523  17.51217  11.48940  1.000 69.46000  ? 243 ARG A CD  1 
ATOM   1111 N NE  . ARG A 1 243 ? 22.14774  16.57486  11.69338  1.000 68.11000  ? 243 ARG A NE  1 
ATOM   1112 C CZ  . ARG A 1 243 ? 22.20734  15.53035  12.51038  1.000 72.64000  ? 243 ARG A CZ  1 
ATOM   1113 N NH1 . ARG A 1 243 ? 23.22889  15.35873  13.34591  1.000 68.45000  ? 243 ARG A NH1 1 
ATOM   1114 N NH2 . ARG A 1 243 ? 21.24199  14.61273  12.46001  1.000 67.80000  ? 243 ARG A NH2 1 
ATOM   1115 N N   . GLY A 1 244 ? 22.84683  23.49069  11.62200  1.000 58.65000  ? 244 GLY A N   1 
ATOM   1116 C CA  . GLY A 1 244 ? 22.65648  24.63514  10.74443  1.000 55.82000  ? 244 GLY A CA  1 
ATOM   1117 C C   . GLY A 1 244 ? 21.67295  24.40093  9.61605   1.000 63.39000  ? 244 GLY A C   1 
ATOM   1118 O O   . GLY A 1 244 ? 21.91342  24.83429  8.48085   1.000 66.96000  ? 244 GLY A O   1 
ATOM   1119 N N   . ILE A 1 245 ? 20.57317  23.70445  9.89566   1.000 62.58000  ? 245 ILE A N   1 
ATOM   1120 C CA  . ILE A 1 245 ? 19.56598  23.35940  8.90709   1.000 59.08000  ? 245 ILE A CA  1 
ATOM   1121 C C   . ILE A 1 245 ? 18.19397  23.55892  9.53963   1.000 59.69000  ? 245 ILE A C   1 
ATOM   1122 O O   . ILE A 1 245 ? 18.07549  23.90592  10.71545  1.000 61.87000  ? 245 ILE A O   1 
ATOM   1123 C CB  . ILE A 1 245 ? 19.73700  21.91844  8.39063   1.000 55.75000  ? 245 ILE A CB  1 
ATOM   1124 C CG1 . ILE A 1 245 ? 19.28344  20.92062  9.44654   1.000 60.81000  ? 245 ILE A CG1 1 
ATOM   1125 C CG2 . ILE A 1 245 ? 21.18176  21.64224  8.07586   1.000 50.51000  ? 245 ILE A CG2 1 
ATOM   1126 C CD1 . ILE A 1 245 ? 19.67526  19.48053  9.14840   1.000 56.42000  ? 245 ILE A CD1 1 
ATOM   1127 N N   . THR A 1 246 ? 17.14781  23.36341  8.74471   1.000 59.29000  ? 246 THR A N   1 
ATOM   1128 C CA  . THR A 1 246 ? 15.78728  23.51538  9.23502   1.000 61.34000  ? 246 THR A CA  1 
ATOM   1129 C C   . THR A 1 246 ? 15.34394  22.25775  9.97305   1.000 62.93000  ? 246 THR A C   1 
ATOM   1130 O O   . THR A 1 246 ? 15.97546  21.20347  9.88241   1.000 62.10000  ? 246 THR A O   1 
ATOM   1131 C CB  . THR A 1 246 ? 14.83368  23.78026  8.08327   1.000 61.71000  ? 246 THR A CB  1 
ATOM   1132 O OG1 . THR A 1 246 ? 14.38412  22.52049  7.57233   1.000 61.05000  ? 246 THR A OG1 1 
ATOM   1133 C CG2 . THR A 1 246 ? 15.54684  24.51926  6.99733   1.000 60.45000  ? 246 THR A CG2 1 
ATOM   1134 N N   . VAL A 1 247 ? 14.22144  22.36181  10.69521  1.000 64.40000  ? 247 VAL A N   1 
ATOM   1135 C CA  . VAL A 1 247 ? 13.72221  21.18937  11.41619  1.000 60.99000  ? 247 VAL A CA  1 
ATOM   1136 C C   . VAL A 1 247 ? 13.22869  20.13432  10.43140  1.000 60.02000  ? 247 VAL A C   1 
ATOM   1137 O O   . VAL A 1 247 ? 13.50149  18.93514  10.60495  1.000 53.80000  ? 247 VAL A O   1 
ATOM   1138 C CB  . VAL A 1 247 ? 12.63596  21.58942  12.44007  1.000 56.56000  ? 247 VAL A CB  1 
ATOM   1139 C CG1 . VAL A 1 247 ? 11.83920  20.38534  12.90667  1.000 43.98000  ? 247 VAL A CG1 1 
ATOM   1140 C CG2 . VAL A 1 247 ? 13.26554  22.26414  13.64031  1.000 57.05000  ? 247 VAL A CG2 1 
ATOM   1141 N N   . ALA A 1 248 ? 12.52888  20.56499  9.36128   1.000 53.69000  ? 248 ALA A N   1 
ATOM   1142 C CA  . ALA A 1 248 ? 12.05661  19.61409  8.35386   1.000 51.19000  ? 248 ALA A CA  1 
ATOM   1143 C C   . ALA A 1 248 ? 13.20820  18.89099  7.66019   1.000 53.79000  ? 248 ALA A C   1 
ATOM   1144 O O   . ALA A 1 248 ? 13.07091  17.72413  7.26743   1.000 50.82000  ? 248 ALA A O   1 
ATOM   1145 C CB  . ALA A 1 248 ? 11.19470  20.32721  7.31972   1.000 43.24000  ? 248 ALA A CB  1 
ATOM   1146 N N   . GLU A 1 249 ? 14.34267  19.56665  7.48291   1.000 53.55000  ? 249 GLU A N   1 
ATOM   1147 C CA  . GLU A 1 249 ? 15.48095  18.92589  6.85135   1.000 52.91000  ? 249 GLU A CA  1 
ATOM   1148 C C   . GLU A 1 249 ? 16.07186  17.85111  7.73562   1.000 55.78000  ? 249 GLU A C   1 
ATOM   1149 O O   . GLU A 1 249 ? 16.77395  16.96477  7.23116   1.000 55.16000  ? 249 GLU A O   1 
ATOM   1150 C CB  . GLU A 1 249 ? 16.53069  19.98163  6.49325   1.000 62.20000  ? 249 GLU A CB  1 
ATOM   1151 C CG  . GLU A 1 249 ? 16.10911  20.83047  5.29035   1.000 63.88000  ? 249 GLU A CG  1 
ATOM   1152 C CD  . GLU A 1 249 ? 17.08587  21.93239  4.94797   1.000 72.13000  ? 249 GLU A CD  1 
ATOM   1153 O OE1 . GLU A 1 249 ? 17.88755  22.33458  5.83123   1.000 68.36000  ? 249 GLU A OE1 1 
ATOM   1154 O OE2 . GLU A 1 249 ? 17.03927  22.39917  3.78278   1.000 82.11000  ? 249 GLU A OE2 1 
ATOM   1155 N N   . VAL A 1 250 ? 15.80005  17.93200  9.04458   1.000 59.88000  ? 250 VAL A N   1 
ATOM   1156 C CA  . VAL A 1 250 ? 16.21701  16.91984  10.00308  1.000 50.62000  ? 250 VAL A CA  1 
ATOM   1157 C C   . VAL A 1 250 ? 15.31201  15.71008  9.90661   1.000 50.13000  ? 250 VAL A C   1 
ATOM   1158 O O   . VAL A 1 250 ? 15.78739  14.57667  9.81655   1.000 54.23000  ? 250 VAL A O   1 
ATOM   1159 C CB  . VAL A 1 250 ? 16.21297  17.50728  11.42282  1.000 53.53000  ? 250 VAL A CB  1 
ATOM   1160 C CG1 . VAL A 1 250 ? 16.58707  16.43285  12.45298  1.000 52.55000  ? 250 VAL A CG1 1 
ATOM   1161 C CG2 . VAL A 1 250 ? 17.13217  18.69959  11.50476  1.000 55.71000  ? 250 VAL A CG2 1 
ATOM   1162 N N   . THR A 1 251 ? 13.99236  15.93612  9.91616   1.000 49.12000  ? 251 THR A N   1 
ATOM   1163 C CA  . THR A 1 251 ? 13.04896  14.85970  9.61514   1.000 50.37000  ? 251 THR A CA  1 
ATOM   1164 C C   . THR A 1 251 ? 13.44018  14.12019  8.34048   1.000 52.86000  ? 251 THR A C   1 
ATOM   1165 O O   . THR A 1 251 ? 13.36864  12.88548  8.28625   1.000 55.74000  ? 251 THR A O   1 
ATOM   1166 C CB  . THR A 1 251 ? 11.62543  15.40502  9.46585   1.000 49.55000  ? 251 THR A CB  1 
ATOM   1167 O OG1 . THR A 1 251 ? 11.39429  16.45600  10.40975  1.000 51.64000  ? 251 THR A OG1 1 
ATOM   1168 C CG2 . THR A 1 251 ? 10.60449  14.29198  9.67104   1.000 43.90000  ? 251 THR A CG2 1 
ATOM   1169 N N   . ALA A 1 252 ? 13.86802  14.86427  7.31000   1.000 53.76000  ? 252 ALA A N   1 
ATOM   1170 C CA  . ALA A 1 252 ? 14.21585  14.26607  6.02671   1.000 48.36000  ? 252 ALA A CA  1 
ATOM   1171 C C   . ALA A 1 252 ? 15.42854  13.36093  6.13045   1.000 48.30000  ? 252 ALA A C   1 
ATOM   1172 O O   . ALA A 1 252 ? 15.51876  12.37231  5.39599   1.000 53.23000  ? 252 ALA A O   1 
ATOM   1173 C CB  . ALA A 1 252 ? 14.47390  15.35649  4.99524   1.000 44.52000  ? 252 ALA A CB  1 
ATOM   1174 N N   . ALA A 1 253 ? 16.38125  13.68873  7.00510   1.000 48.35000  ? 253 ALA A N   1 
ATOM   1175 C CA  . ALA A 1 253 ? 17.56230  12.84302  7.15845   1.000 46.77000  ? 253 ALA A CA  1 
ATOM   1176 C C   . ALA A 1 253 ? 17.19513  11.49231  7.75699   1.000 53.24000  ? 253 ALA A C   1 
ATOM   1177 O O   . ALA A 1 253 ? 17.69947  10.45830  7.30520   1.000 53.21000  ? 253 ALA A O   1 
ATOM   1178 C CB  . ALA A 1 253 ? 18.60559  13.54358  8.02319   1.000 40.17000  ? 253 ALA A CB  1 
ATOM   1179 N N   . TYR A 1 254 ? 16.33721  11.49445  8.79391   1.000 54.10000  ? 254 TYR A N   1 
ATOM   1180 C CA  . TYR A 1 254 ? 15.77852  10.26212  9.34646   1.000 52.42000  ? 254 TYR A CA  1 
ATOM   1181 C C   . TYR A 1 254 ? 15.16453  9.41032   8.24854   1.000 54.09000  ? 254 TYR A C   1 
ATOM   1182 O O   . TYR A 1 254 ? 15.46043  8.21933   8.13079   1.000 55.81000  ? 254 TYR A O   1 
ATOM   1183 C CB  . TYR A 1 254 ? 14.72266  10.59893  10.40833  1.000 56.61000  ? 254 TYR A CB  1 
ATOM   1184 C CG  . TYR A 1 254 ? 14.16994  9.43203   11.25990  1.000 58.89000  ? 254 TYR A CG  1 
ATOM   1185 C CD1 . TYR A 1 254 ? 13.29119  8.48751   10.73681  1.000 52.74000  ? 254 TYR A CD1 1 
ATOM   1186 C CD2 . TYR A 1 254 ? 14.52275  9.30964   12.61570  1.000 57.36000  ? 254 TYR A CD2 1 
ATOM   1187 C CE1 . TYR A 1 254 ? 12.78469  7.45614   11.53613  1.000 55.19000  ? 254 TYR A CE1 1 
ATOM   1188 C CE2 . TYR A 1 254 ? 14.02084  8.27802   13.41595  1.000 56.69000  ? 254 TYR A CE2 1 
ATOM   1189 C CZ  . TYR A 1 254 ? 13.15590  7.35511   12.87476  1.000 56.57000  ? 254 TYR A CZ  1 
ATOM   1190 O OH  . TYR A 1 254 ? 12.66739  6.33730   13.67179  1.000 55.78000  ? 254 TYR A OH  1 
ATOM   1191 N N   . ALA A 1 255 ? 14.30519  10.01593  7.42753   1.000 51.59000  ? 255 ALA A N   1 
ATOM   1192 C CA  . ALA A 1 255 ? 13.63096  9.26152   6.37585   1.000 52.76000  ? 255 ALA A CA  1 
ATOM   1193 C C   . ALA A 1 255 ? 14.62316  8.69972   5.35269   1.000 53.98000  ? 255 ALA A C   1 
ATOM   1194 O O   . ALA A 1 255 ? 14.46388  7.56564   4.88310   1.000 54.67000  ? 255 ALA A O   1 
ATOM   1195 C CB  . ALA A 1 255 ? 12.58070  10.14454  5.70431   1.000 48.94000  ? 255 ALA A CB  1 
ATOM   1196 N N   . ALA A 1 256 ? 15.65309  9.46560   4.99403   1.000 50.92000  ? 256 ALA A N   1 
ATOM   1197 C CA  . ALA A 1 256 ? 16.69562  8.91497   4.13568   1.000 50.08000  ? 256 ALA A CA  1 
ATOM   1198 C C   . ALA A 1 256 ? 17.30597  7.65964   4.76295   1.000 52.23000  ? 256 ALA A C   1 
ATOM   1199 O O   . ALA A 1 256 ? 17.40633  6.60567   4.11834   1.000 51.80000  ? 256 ALA A O   1 
ATOM   1200 C CB  . ALA A 1 256 ? 17.75197  9.98404   3.86763   1.000 42.73000  ? 256 ALA A CB  1 
ATOM   1201 N N   . ASN A 1 257 ? 17.67857  7.75007   6.04497   1.000 53.18000  ? 257 ASN A N   1 
ATOM   1202 C CA  . ASN A 1 257 ? 18.27401  6.61839   6.74906   1.000 53.59000  ? 257 ASN A CA  1 
ATOM   1203 C C   . ASN A 1 257 ? 17.33885  5.42120   6.78286   1.000 57.29000  ? 257 ASN A C   1 
ATOM   1204 O O   . ASN A 1 257 ? 17.76949  4.28914   6.54465   1.000 59.69000  ? 257 ASN A O   1 
ATOM   1205 C CB  . ASN A 1 257 ? 18.65457  7.03903   8.16626   1.000 53.18000  ? 257 ASN A CB  1 
ATOM   1206 C CG  . ASN A 1 257 ? 19.27458  5.90942   8.99117   1.000 58.19000  ? 257 ASN A CG  1 
ATOM   1207 O OD1 . ASN A 1 257 ? 18.64907  4.86710   9.24569   1.000 57.28000  ? 257 ASN A OD1 1 
ATOM   1208 N ND2 . ASN A 1 257 ? 20.49943  6.13887   9.45239   1.000 62.11000  ? 257 ASN A ND2 1 
ATOM   1209 N N   . ALA A 1 258 ? 16.05954  5.64851   7.09792   1.000 60.68000  ? 258 ALA A N   1 
ATOM   1210 C CA  . ALA A 1 258 ? 15.11848  4.53943   7.25210   1.000 58.82000  ? 258 ALA A CA  1 
ATOM   1211 C C   . ALA A 1 258 ? 14.82722  3.87234   5.91279   1.000 58.31000  ? 258 ALA A C   1 
ATOM   1212 O O   . ALA A 1 258 ? 14.67763  2.64463   5.84357   1.000 56.64000  ? 258 ALA A O   1 
ATOM   1213 C CB  . ALA A 1 258 ? 13.82931  5.03237   7.90842   1.000 52.63000  ? 258 ALA A CB  1 
ATOM   1214 N N   . ALA A 1 259 ? 14.75131  4.66317   4.83396   1.000 54.17000  ? 259 ALA A N   1 
ATOM   1215 C CA  . ALA A 1 259 ? 14.54894  4.07418   3.51805   1.000 51.23000  ? 259 ALA A CA  1 
ATOM   1216 C C   . ALA A 1 259 ? 15.72636  3.19582   3.13082   1.000 57.23000  ? 259 ALA A C   1 
ATOM   1217 O O   . ALA A 1 259 ? 15.54834  2.18051   2.44494   1.000 60.60000  ? 259 ALA A O   1 
ATOM   1218 C CB  . ALA A 1 259 ? 14.31764  5.16255   2.48160   1.000 46.49000  ? 259 ALA A CB  1 
ATOM   1219 N N   . ARG A 1 260 ? 16.91217  3.49039   3.63992   1.000 52.30000  ? 260 ARG A N   1 
ATOM   1220 C CA  . ARG A 1 260 ? 18.06880  2.64854   3.26094   1.000 52.81000  ? 260 ARG A CA  1 
ATOM   1221 C C   . ARG A 1 260 ? 17.99497  1.29206   3.96045   1.000 54.80000  ? 260 ARG A C   1 
ATOM   1222 O O   . ARG A 1 260 ? 18.70603  0.39000   3.53938   1.000 54.69000  ? 260 ARG A O   1 
ATOM   1223 C CB  . ARG A 1 260 ? 19.37335  3.34061   3.64771   1.000 50.24000  ? 260 ARG A CB  1 
ATOM   1224 C CG  . ARG A 1 260 ? 19.85011  4.37388   2.64379   1.000 48.29000  ? 260 ARG A CG  1 
ATOM   1225 C CD  . ARG A 1 260 ? 21.12633  5.01545   3.12612   1.000 52.51000  ? 260 ARG A CD  1 
ATOM   1226 N NE  . ARG A 1 260 ? 20.92075  6.40524   3.48476   1.000 60.67000  ? 260 ARG A NE  1 
ATOM   1227 C CZ  . ARG A 1 260 ? 21.33258  6.95633   4.61436   1.000 63.29000  ? 260 ARG A CZ  1 
ATOM   1228 N NH1 . ARG A 1 260 ? 21.97846  6.23356   5.51037   1.000 62.09000  ? 260 ARG A NH1 1 
ATOM   1229 N NH2 . ARG A 1 260 ? 21.10059  8.23157   4.84141   1.000 56.91000  ? 260 ARG A NH2 1 
ATOM   1230 N N   . HIS A 1 261 ? 17.16442  1.15178   4.98591   1.000 54.58000  ? 261 HIS A N   1 
ATOM   1231 C CA  . HIS A 1 261 ? 17.12905  -0.11069  5.72000   1.000 58.38000  ? 261 HIS A CA  1 
ATOM   1232 C C   . HIS A 1 261 ? 15.68484  -0.58968  5.82598   1.000 55.61000  ? 261 HIS A C   1 
ATOM   1233 O O   . HIS A 1 261 ? 15.15166  -0.78936  6.91154   1.000 62.46000  ? 261 HIS A O   1 
ATOM   1234 C CB  . HIS A 1 261 ? 17.77796  0.00010   7.11130   1.000 64.98000  ? 261 HIS A CB  1 
ATOM   1235 C CG  . HIS A 1 261 ? 19.16919  0.55730   7.08353   1.000 67.17000  ? 261 HIS A CG  1 
ATOM   1236 N ND1 . HIS A 1 261 ? 19.43606  1.90005   7.26511   1.000 66.19000  ? 261 HIS A ND1 1 
ATOM   1237 C CD2 . HIS A 1 261 ? 20.36182  -0.02744  6.82766   1.000 68.77000  ? 261 HIS A CD2 1 
ATOM   1238 C CE1 . HIS A 1 261 ? 20.73431  2.11051   7.14827   1.000 67.11000  ? 261 HIS A CE1 1 
ATOM   1239 N NE2 . HIS A 1 261 ? 21.32145  0.95672   6.88352   1.000 70.71000  ? 261 HIS A NE2 1 
ATOM   1240 N N   . GLY A 1 262 ? 15.04269  -0.74959  4.67196   1.000 62.92000  ? 262 GLY A N   1 
ATOM   1241 C CA  . GLY A 1 262 ? 13.75279  -1.41648  4.57563   1.000 62.57000  ? 262 GLY A CA  1 
ATOM   1242 C C   . GLY A 1 262 ? 12.59176  -0.73452  5.26062   1.000 57.61000  ? 262 GLY A C   1 
ATOM   1243 O O   . GLY A 1 262 ? 11.51793  -1.33757  5.37159   1.000 58.45000  ? 262 GLY A O   1 
ATOM   1244 N N   . GLY A 1 263 ? 12.76178  0.49625   5.73263   1.000 60.66000  ? 263 GLY A N   1 
ATOM   1245 C CA  . GLY A 1 263 ? 11.68518  1.25998   6.33752   1.000 61.85000  ? 263 GLY A CA  1 
ATOM   1246 C C   . GLY A 1 263 ? 11.99111  1.80696   7.71777   1.000 60.84000  ? 263 GLY A C   1 
ATOM   1247 O O   . GLY A 1 263 ? 11.34131  2.77764   8.14234   1.000 57.81000  ? 263 GLY A O   1 
ATOM   1248 N N   . TYR A 1 264 ? 12.96496  1.23941   8.43394   1.000 60.13000  ? 264 TYR A N   1 
ATOM   1249 C CA  . TYR A 1 264 ? 13.19197  1.57772   9.82956   1.000 61.01000  ? 264 TYR A CA  1 
ATOM   1250 C C   . TYR A 1 264 ? 14.59158  2.10822   10.03183  1.000 58.65000  ? 264 TYR A C   1 
ATOM   1251 O O   . TYR A 1 264 ? 15.54770  1.59643   9.44599   1.000 61.14000  ? 264 TYR A O   1 
ATOM   1252 C CB  . TYR A 1 264 ? 12.96714  0.37976   10.70279  1.000 58.73000  ? 264 TYR A CB  1 
ATOM   1253 C CG  . TYR A 1 264 ? 11.62888  -0.19521  10.43319  1.000 64.66000  ? 264 TYR A CG  1 
ATOM   1254 C CD1 . TYR A 1 264 ? 10.46398  0.39743   10.94373  1.000 63.63000  ? 264 TYR A CD1 1 
ATOM   1255 C CD2 . TYR A 1 264 ? 11.51032  -1.27853  9.57794   1.000 69.79000  ? 264 TYR A CD2 1 
ATOM   1256 C CE1 . TYR A 1 264 ? 9.21431   -0.13052  10.64878  1.000 66.88000  ? 264 TYR A CE1 1 
ATOM   1257 C CE2 . TYR A 1 264 ? 10.28342  -1.81039  9.27283   1.000 72.50000  ? 264 TYR A CE2 1 
ATOM   1258 C CZ  . TYR A 1 264 ? 9.14602   -1.24107  9.80357   1.000 73.60000  ? 264 TYR A CZ  1 
ATOM   1259 O OH  . TYR A 1 264 ? 7.97162   -1.83179  9.45463   1.000 79.69000  ? 264 TYR A OH  1 
ATOM   1260 N N   . TYR A 1 265 ? 14.68883  3.11944   10.88871  1.000 59.30000  ? 265 TYR A N   1 
ATOM   1261 C CA  . TYR A 1 265 ? 15.96929  3.72937   11.21845  1.000 61.96000  ? 265 TYR A CA  1 
ATOM   1262 C C   . TYR A 1 265 ? 16.95135  2.72427   11.83547  1.000 61.07000  ? 265 TYR A C   1 
ATOM   1263 O O   . TYR A 1 265 ? 16.57130  1.81234   12.58436  1.000 56.27000  ? 265 TYR A O   1 
ATOM   1264 C CB  . TYR A 1 265 ? 15.73513  4.89685   12.17887  1.000 59.55000  ? 265 TYR A CB  1 
ATOM   1265 C CG  . TYR A 1 265 ? 16.94430  5.77743   12.35412  1.000 63.45000  ? 265 TYR A CG  1 
ATOM   1266 C CD1 . TYR A 1 265 ? 17.89827  5.50425   13.33151  1.000 58.37000  ? 265 TYR A CD1 1 
ATOM   1267 C CD2 . TYR A 1 265 ? 17.14477  6.88014   11.52874  1.000 60.29000  ? 265 TYR A CD2 1 
ATOM   1268 C CE1 . TYR A 1 265 ? 19.00866  6.31109   13.47643  1.000 55.72000  ? 265 TYR A CE1 1 
ATOM   1269 C CE2 . TYR A 1 265 ? 18.25217  7.68705   11.67335  1.000 55.05000  ? 265 TYR A CE2 1 
ATOM   1270 C CZ  . TYR A 1 265 ? 19.17557  7.39800   12.64140  1.000 55.86000  ? 265 TYR A CZ  1 
ATOM   1271 O OH  . TYR A 1 265 ? 20.26641  8.21492   12.75449  1.000 62.24000  ? 265 TYR A OH  1 
ATOM   1272 N N   . GLN A 1 266 ? 18.22663  2.90416   11.49977  1.000 57.78000  ? 266 GLN A N   1 
ATOM   1273 C CA  . GLN A 1 266 ? 19.32736  2.11442   12.02458  1.000 61.19000  ? 266 GLN A CA  1 
ATOM   1274 C C   . GLN A 1 266 ? 20.55092  3.02159   12.07201  1.000 66.64000  ? 266 GLN A C   1 
ATOM   1275 O O   . GLN A 1 266 ? 20.74082  3.85988   11.18608  1.000 66.52000  ? 266 GLN A O   1 
ATOM   1276 C CB  . GLN A 1 266 ? 19.60260  0.88588   11.15091  1.000 66.07000  ? 266 GLN A CB  1 
ATOM   1277 C CG  . GLN A 1 266 ? 18.70901  -0.31306  11.44901  1.000 76.49000  ? 266 GLN A CG  1 
ATOM   1278 C CD  . GLN A 1 266 ? 18.91343  -1.48548  10.47067  1.000 83.95000  ? 266 GLN A CD  1 
ATOM   1279 O OE1 . GLN A 1 266 ? 20.05766  -1.82540  10.11107  1.000 72.11000  ? 266 GLN A OE1 1 
ATOM   1280 N NE2 . GLN A 1 266 ? 17.79689  -2.11407  10.04768  1.000 79.40000  ? 266 GLN A NE2 1 
ATOM   1281 N N   . PHE A 1 267 ? 21.38241  2.85178   13.09580  1.000 67.02000  ? 267 PHE A N   1 
ATOM   1282 C CA  . PHE A 1 267 ? 22.51334  3.75275   13.29276  1.000 64.95000  ? 267 PHE A CA  1 
ATOM   1283 C C   . PHE A 1 267 ? 23.68044  3.37071   12.39050  1.000 72.00000  ? 267 PHE A C   1 
ATOM   1284 O O   . PHE A 1 267 ? 24.04477  2.19426   12.28518  1.000 69.91000  ? 267 PHE A O   1 
ATOM   1285 C CB  . PHE A 1 267 ? 22.95642  3.74095   14.75542  1.000 58.72000  ? 267 PHE A CB  1 
ATOM   1286 C CG  . PHE A 1 267 ? 22.07532  4.54511   15.66237  1.000 51.79000  ? 267 PHE A CG  1 
ATOM   1287 C CD1 . PHE A 1 267 ? 22.29143  5.89743   15.82189  1.000 49.09000  ? 267 PHE A CD1 1 
ATOM   1288 C CD2 . PHE A 1 267 ? 21.03493  3.94434   16.35828  1.000 55.87000  ? 267 PHE A CD2 1 
ATOM   1289 C CE1 . PHE A 1 267 ? 21.48699  6.64248   16.64978  1.000 51.52000  ? 267 PHE A CE1 1 
ATOM   1290 C CE2 . PHE A 1 267 ? 20.21512  4.68734   17.20121  1.000 57.19000  ? 267 PHE A CE2 1 
ATOM   1291 C CZ  . PHE A 1 267 ? 20.44182  6.03795   17.34567  1.000 57.46000  ? 267 PHE A CZ  1 
ATOM   1292 N N   . GLU A 1 268 ? 24.18592  4.35635   11.65448  1.000 75.46000  ? 268 GLU A N   1 
ATOM   1293 C CA  . GLU A 1 268 ? 25.28136  4.10738   10.68539  1.000 82.66000  ? 268 GLU A CA  1 
ATOM   1294 C C   . GLU A 1 268 ? 26.60099  4.63977   11.24709  1.000 83.09000  ? 268 GLU A C   1 
ATOM   1295 O O   . GLU A 1 268 ? 27.62073  3.97673   10.98870  1.000 89.75000  ? 268 GLU A O   1 
ATOM   1296 C CB  . GLU A 1 268 ? 24.93396  4.74207   9.33814   1.000 86.64000  ? 268 GLU A CB  1 
ATOM   1297 C CG  . GLU A 1 268 ? 23.61201  4.25836   8.77751   1.000 84.00000  ? 268 GLU A CG  1 
ATOM   1298 C CD  . GLU A 1 268 ? 23.13799  4.94623   7.51449   1.000 75.32000  ? 268 GLU A CD  1 
ATOM   1299 O OE1 . GLU A 1 268 ? 23.53466  6.08655   7.28043   1.000 64.40000  ? 268 GLU A OE1 1 
ATOM   1300 O OE2 . GLU A 1 268 ? 22.36776  4.33468   6.77645   1.000 85.93000  ? 268 GLU A OE2 1 
HETATM 1301 O O1  . PG4 B 2 .   ? 19.45004  12.13809  11.37822  1.000 59.85000  ? 501 PG4 A O1  1 
HETATM 1302 C C1  . PG4 B 2 .   ? 18.59863  12.15835  12.52941  1.000 63.79000  ? 501 PG4 A C1  1 
HETATM 1303 C C2  . PG4 B 2 .   ? 18.74846  10.87930  13.34156  1.000 78.26000  ? 501 PG4 A C2  1 
HETATM 1304 O O2  . PG4 B 2 .   ? 18.06646  10.91722  14.61377  1.000 69.45000  ? 501 PG4 A O2  1 
HETATM 1305 C C3  . PG4 B 2 .   ? 18.25975  9.74325   15.42179  1.000 60.42000  ? 501 PG4 A C3  1 
HETATM 1306 C C4  . PG4 B 2 .   ? 17.02736  8.87996   15.45215  1.000 64.57000  ? 501 PG4 A C4  1 
HETATM 1307 O O3  . PG4 B 2 .   ? 17.12561  7.74350   16.34336  1.000 68.00000  ? 501 PG4 A O3  1 
HETATM 1308 C C5  . PG4 B 2 .   ? 15.81136  7.38167   16.79234  1.000 63.20000  ? 501 PG4 A C5  1 
HETATM 1309 C C6  . PG4 B 2 .   ? 15.79871  6.14706   17.63872  1.000 64.15000  ? 501 PG4 A C6  1 
HETATM 1310 O O4  . PG4 B 2 .   ? 15.97896  6.43418   19.03713  1.000 76.59000  ? 501 PG4 A O4  1 
HETATM 1311 C C7  . PG4 B 2 .   ? 16.97268  5.55862   19.58484  1.000 75.62000  ? 501 PG4 A C7  1 
HETATM 1312 C C8  . PG4 B 2 .   ? 17.30312  5.84691   21.02823  1.000 68.75000  ? 501 PG4 A C8  1 
HETATM 1313 O O5  . PG4 B 2 .   ? 18.23847  4.91180   21.57895  1.000 62.47000  ? 501 PG4 A O5  1 
# 
loop_
_pdbx_poly_seq_scheme.asym_id 
_pdbx_poly_seq_scheme.entity_id 
_pdbx_poly_seq_scheme.seq_id 
_pdbx_poly_seq_scheme.mon_id 
_pdbx_poly_seq_scheme.ndb_seq_num 
_pdbx_poly_seq_scheme.pdb_seq_num 
_pdbx_poly_seq_scheme.auth_seq_num 
_pdbx_poly_seq_scheme.pdb_mon_id 
_pdbx_poly_seq_scheme.auth_mon_id 
_pdbx_poly_seq_scheme.pdb_strand_id 
_pdbx_poly_seq_scheme.pdb_ins_code 
_pdbx_poly_seq_scheme.hetero 
A 1 1   MET 1   1   ?   ?   ?   A . n 
A 1 2   ALA 2   2   ?   ?   ?   A . n 
A 1 3   GLU 3   3   ?   ?   ?   A . n 
A 1 4   GLN 4   4   ?   ?   ?   A . n 
A 1 5   SER 5   5   ?   ?   ?   A . n 
A 1 6   VAL 6   6   ?   ?   ?   A . n 
A 1 7   THR 7   7   ?   ?   ?   A . n 
A 1 8   LEU 8   8   ?   ?   ?   A . n 
A 1 9   GLN 9   9   ?   ?   ?   A . n 
A 1 10  PRO 10  10  ?   ?   ?   A . n 
A 1 11  GLY 11  11  ?   ?   ?   A . n 
A 1 12  GLU 12  12  ?   ?   ?   A . n 
A 1 13  SER 13  13  ?   ?   ?   A . n 
A 1 14  LYS 14  14  ?   ?   ?   A . n 
A 1 15  VAL 15  15  ?   ?   ?   A . n 
A 1 16  VAL 16  16  ?   ?   ?   A . n 
A 1 17  SER 17  17  ?   ?   ?   A . n 
A 1 18  PHE 18  18  ?   ?   ?   A . n 
A 1 19  GLU 19  19  ?   ?   ?   A . n 
A 1 20  ALA 20  20  ?   ?   ?   A . n 
A 1 21  THR 21  21  ?   ?   ?   A . n 
A 1 22  PRO 22  22  ?   ?   ?   A . n 
A 1 23  HIS 23  23  ?   ?   ?   A . n 
A 1 24  GLU 24  24  ?   ?   ?   A . n 
A 1 25  ALA 25  25  ?   ?   ?   A . n 
A 1 26  ARG 26  26  ?   ?   ?   A . n 
A 1 27  ALA 27  27  ?   ?   ?   A . n 
A 1 28  TYR 28  28  ?   ?   ?   A . n 
A 1 29  GLN 29  29  ?   ?   ?   A . n 
A 1 30  VAL 30  30  ?   ?   ?   A . n 
A 1 31  SER 31  31  ?   ?   ?   A . n 
A 1 32  VAL 32  32  ?   ?   ?   A . n 
A 1 33  ASP 33  33  ?   ?   ?   A . n 
A 1 34  GLY 34  34  ?   ?   ?   A . n 
A 1 35  LEU 35  35  ?   ?   ?   A . n 
A 1 36  THR 36  36  ?   ?   ?   A . n 
A 1 37  GLY 37  37  ?   ?   ?   A . n 
A 1 38  SER 38  38  ?   ?   ?   A . n 
A 1 39  PHE 39  39  ?   ?   ?   A . n 
A 1 40  GLU 40  40  ?   ?   ?   A . n 
A 1 41  ALA 41  41  ?   ?   ?   A . n 
A 1 42  ILE 42  42  ?   ?   ?   A . n 
A 1 43  GLY 43  43  ?   ?   ?   A . n 
A 1 44  ALA 44  44  ?   ?   ?   A . n 
A 1 45  THR 45  45  ?   ?   ?   A . n 
A 1 46  VAL 46  46  ?   ?   ?   A . n 
A 1 47  ALA 47  47  ?   ?   ?   A . n 
A 1 48  GLU 48  48  ?   ?   ?   A . n 
A 1 49  ILE 49  49  ?   ?   ?   A . n 
A 1 50  GLU 50  50  ?   ?   ?   A . n 
A 1 51  ALA 51  51  ?   ?   ?   A . n 
A 1 52  ALA 52  52  ?   ?   ?   A . n 
A 1 53  ALA 53  53  ?   ?   ?   A . n 
A 1 54  GLU 54  54  ?   ?   ?   A . n 
A 1 55  LEU 55  55  ?   ?   ?   A . n 
A 1 56  GLU 56  56  ?   ?   ?   A . n 
A 1 57  ALA 57  57  ?   ?   ?   A . n 
A 1 58  GLU 58  58  ?   ?   ?   A . n 
A 1 59  ALA 59  59  ?   ?   ?   A . n 
A 1 60  ALA 60  60  ?   ?   ?   A . n 
A 1 61  GLN 61  61  ?   ?   ?   A . n 
A 1 62  ALA 62  62  ?   ?   ?   A . n 
A 1 63  GLU 63  63  ?   ?   ?   A . n 
A 1 64  ALA 64  64  ?   ?   ?   A . n 
A 1 65  ALA 65  65  ?   ?   ?   A . n 
A 1 66  GLN 66  66  ?   ?   ?   A . n 
A 1 67  ILE 67  67  ?   ?   ?   A . n 
A 1 68  ALA 68  68  ?   ?   ?   A . n 
A 1 69  ALA 69  69  ?   ?   ?   A . n 
A 1 70  GLU 70  70  ?   ?   ?   A . n 
A 1 71  ALA 71  71  ?   ?   ?   A . n 
A 1 72  ALA 72  72  ?   ?   ?   A . n 
A 1 73  ALA 73  73  ?   ?   ?   A . n 
A 1 74  SER 74  74  ?   ?   ?   A . n 
A 1 75  PRO 75  75  ?   ?   ?   A . n 
A 1 76  TRP 76  76  ?   ?   ?   A . n 
A 1 77  ALA 77  77  ?   ?   ?   A . n 
A 1 78  LEU 78  78  ?   ?   ?   A . n 
A 1 79  THR 79  79  ?   ?   ?   A . n 
A 1 80  ALA 80  80  ?   ?   ?   A . n 
A 1 81  GLU 81  81  ?   ?   ?   A . n 
A 1 82  GLU 82  82  ?   ?   ?   A . n 
A 1 83  LEU 83  83  ?   ?   ?   A . n 
A 1 84  ALA 84  84  ?   ?   ?   A . n 
A 1 85  ALA 85  85  ?   ?   ?   A . n 
A 1 86  TYR 86  86  ?   ?   ?   A . n 
A 1 87  ARG 87  87  ?   ?   ?   A . n 
A 1 88  GLU 88  88  ?   ?   ?   A . n 
A 1 89  THR 89  89  ?   ?   ?   A . n 
A 1 90  ILE 90  90  ?   ?   ?   A . n 
A 1 91  GLY 91  91  ?   ?   ?   A . n 
A 1 92  GLY 92  92  ?   ?   ?   A . n 
A 1 93  VAL 93  93  ?   ?   ?   A . n 
A 1 94  LEU 94  94  ?   ?   ?   A . n 
A 1 95  THR 95  95  ?   ?   ?   A . n 
A 1 96  ALA 96  96  ?   ?   ?   A . n 
A 1 97  ALA 97  97  ?   ?   ?   A . n 
A 1 98  GLY 98  98  ?   ?   ?   A . n 
A 1 99  ILE 99  99  99  ILE ILE A . n 
A 1 100 PRO 100 100 100 PRO PRO A . n 
A 1 101 VAL 101 101 101 VAL VAL A . n 
A 1 102 ILE 102 102 102 ILE ILE A . n 
A 1 103 PRO 103 103 103 PRO PRO A . n 
A 1 104 GLY 104 104 104 GLY GLY A . n 
A 1 105 ILE 105 105 105 ILE ILE A . n 
A 1 106 GLU 106 106 106 GLU GLU A . n 
A 1 107 GLY 107 107 107 GLY GLY A . n 
A 1 108 ALA 108 108 108 ALA ALA A . n 
A 1 109 ILE 109 109 109 ILE ILE A . n 
A 1 110 SER 110 110 110 SER SER A . n 
A 1 111 LYS 111 111 111 LYS LYS A . n 
A 1 112 SER 112 112 112 SER SER A . n 
A 1 113 GLU 113 113 113 GLU GLU A . n 
A 1 114 ILE 114 114 114 ILE ILE A . n 
A 1 115 ILE 115 115 115 ILE ILE A . n 
A 1 116 ALA 116 116 116 ALA ALA A . n 
A 1 117 LEU 117 117 117 LEU LEU A . n 
A 1 118 ILE 118 118 118 ILE ILE A . n 
A 1 119 GLN 119 119 119 GLN GLN A . n 
A 1 120 THR 120 120 120 THR THR A . n 
A 1 121 THR 121 121 121 THR THR A . n 
A 1 122 THR 122 122 122 THR THR A . n 
A 1 123 GLY 123 123 123 GLY GLY A . n 
A 1 124 LEU 124 124 124 LEU LEU A . n 
A 1 125 GLU 125 125 125 GLU GLU A . n 
A 1 126 ASN 126 126 126 ASN ASN A . n 
A 1 127 ILE 127 127 127 ILE ILE A . n 
A 1 128 TRP 128 128 128 TRP TRP A . n 
A 1 129 GLU 129 129 129 GLU GLU A . n 
A 1 130 GLN 130 130 130 GLN GLN A . n 
A 1 131 TYR 131 131 131 TYR TYR A . n 
A 1 132 ALA 132 132 132 ALA ALA A . n 
A 1 133 ALA 133 133 133 ALA ALA A . n 
A 1 134 TYR 134 134 134 TYR TYR A . n 
A 1 135 GLU 135 135 135 GLU GLU A . n 
A 1 136 ASN 136 136 136 ASN ASN A . n 
A 1 137 ALA 137 137 137 ALA ALA A . n 
A 1 138 PRO 138 138 138 PRO PRO A . n 
A 1 139 ARG 139 139 139 ARG ARG A . n 
A 1 140 ILE 140 140 140 ILE ILE A . n 
A 1 141 ASP 141 141 141 ASP ASP A . n 
A 1 142 PRO 142 142 142 PRO PRO A . n 
A 1 143 THR 143 143 143 THR THR A . n 
A 1 144 GLY 144 144 144 GLY GLY A . n 
A 1 145 LEU 145 145 145 LEU LEU A . n 
A 1 146 SER 146 146 146 SER SER A . n 
A 1 147 GLU 147 147 147 GLU GLU A . n 
A 1 148 GLU 148 148 148 GLU GLU A . n 
A 1 149 ALA 149 149 149 ALA ALA A . n 
A 1 150 ALA 150 150 150 ALA ALA A . n 
A 1 151 ALA 151 151 151 ALA ALA A . n 
A 1 152 ARG 152 152 152 ARG ARG A . n 
A 1 153 ALA 153 153 153 ALA ALA A . n 
A 1 154 ARG 154 154 154 ARG ARG A . n 
A 1 155 MET 155 155 155 MET MET A . n 
A 1 156 LEU 156 156 156 LEU LEU A . n 
A 1 157 ASN 157 157 157 ASN ASN A . n 
A 1 158 MET 158 158 158 MET MET A . n 
A 1 159 MET 159 159 159 MET MET A . n 
A 1 160 ARG 160 160 160 ARG ARG A . n 
A 1 161 GLN 161 161 161 GLN GLN A . n 
A 1 162 ALA 162 162 162 ALA ALA A . n 
A 1 163 ALA 163 163 163 ALA ALA A . n 
A 1 164 SER 164 164 164 SER SER A . n 
A 1 165 SER 165 165 165 SER SER A . n 
A 1 166 ARG 166 166 166 ARG ARG A . n 
A 1 167 SER 167 167 167 SER SER A . n 
A 1 168 ILE 168 168 168 ILE ILE A . n 
A 1 169 LEU 169 169 169 LEU LEU A . n 
A 1 170 VAL 170 170 170 VAL VAL A . n 
A 1 171 ARG 171 171 171 ARG ARG A . n 
A 1 172 ALA 172 172 172 ALA ALA A . n 
A 1 173 ALA 173 173 173 ALA ALA A . n 
A 1 174 SER 174 174 174 SER SER A . n 
A 1 175 ALA 175 175 175 ALA ALA A . n 
A 1 176 ILE 176 176 176 ILE ILE A . n 
A 1 177 PHE 177 177 177 PHE PHE A . n 
A 1 178 ILE 178 178 178 ILE ILE A . n 
A 1 179 ALA 179 179 179 ALA ALA A . n 
A 1 180 GLN 180 180 180 GLN GLN A . n 
A 1 181 GLN 181 181 181 GLN GLN A . n 
A 1 182 GLN 182 182 182 GLN GLN A . n 
A 1 183 ALA 183 183 183 ALA ALA A . n 
A 1 184 GLY 184 184 184 GLY GLY A . n 
A 1 185 LEU 185 185 185 LEU LEU A . n 
A 1 186 PRO 186 186 186 PRO PRO A . n 
A 1 187 PHE 187 187 187 PHE PHE A . n 
A 1 188 GLU 188 188 188 GLU GLU A . n 
A 1 189 THR 189 189 189 THR THR A . n 
A 1 190 VAL 190 190 190 VAL VAL A . n 
A 1 191 LYS 191 191 191 LYS LYS A . n 
A 1 192 GLN 192 192 192 GLN GLN A . n 
A 1 193 ILE 193 193 193 ILE ILE A . n 
A 1 194 ILE 194 194 194 ILE ILE A . n 
A 1 195 ASP 195 195 195 ASP ASP A . n 
A 1 196 ARG 196 196 196 ARG ARG A . n 
A 1 197 LEU 197 197 197 LEU LEU A . n 
A 1 198 ASN 198 198 198 ASN ASN A . n 
A 1 199 ALA 199 199 199 ALA ALA A . n 
A 1 200 GLU 200 200 200 GLU GLU A . n 
A 1 201 ALA 201 201 201 ALA ALA A . n 
A 1 202 LYS 202 202 202 LYS LYS A . n 
A 1 203 ALA 203 203 203 ALA ALA A . n 
A 1 204 ASP 204 204 204 ASP ASP A . n 
A 1 205 PRO 205 205 205 PRO PRO A . n 
A 1 206 ASP 206 206 206 ASP ASP A . n 
A 1 207 SER 207 207 207 SER SER A . n 
A 1 208 THR 208 208 208 THR THR A . n 
A 1 209 ALA 209 209 209 ALA ALA A . n 
A 1 210 GLY 210 210 210 GLY GLY A . n 
A 1 211 GLN 211 211 211 GLN GLN A . n 
A 1 212 VAL 212 212 212 VAL VAL A . n 
A 1 213 ARG 213 213 213 ARG ARG A . n 
A 1 214 ARG 214 214 214 ARG ARG A . n 
A 1 215 ASP 215 215 215 ASP ASP A . n 
A 1 216 TYR 216 216 216 TYR TYR A . n 
A 1 217 VAL 217 217 217 VAL VAL A . n 
A 1 218 GLU 218 218 218 GLU GLU A . n 
A 1 219 GLN 219 219 219 GLN GLN A . n 
A 1 220 THR 220 220 220 THR THR A . n 
A 1 221 ALA 221 221 221 ALA ALA A . n 
A 1 222 ALA 222 222 222 ALA ALA A . n 
A 1 223 GLN 223 223 223 GLN GLN A . n 
A 1 224 GLN 224 224 224 GLN GLN A . n 
A 1 225 ALA 225 225 225 ALA ALA A . n 
A 1 226 ALA 226 226 226 ALA ALA A . n 
A 1 227 ALA 227 227 227 ALA ALA A . n 
A 1 228 TRP 228 228 228 TRP TRP A . n 
A 1 229 THR 229 229 229 THR THR A . n 
A 1 230 ALA 230 230 230 ALA ALA A . n 
A 1 231 ARG 231 231 231 ARG ARG A . n 
A 1 232 ASN 232 232 232 ASN ASN A . n 
A 1 233 LEU 233 233 233 LEU LEU A . n 
A 1 234 GLU 234 234 234 GLU GLU A . n 
A 1 235 TRP 235 235 235 TRP TRP A . n 
A 1 236 ALA 236 236 236 ALA ALA A . n 
A 1 237 THR 237 237 237 THR THR A . n 
A 1 238 TYR 238 238 238 TYR TYR A . n 
A 1 239 LEU 239 239 239 LEU LEU A . n 
A 1 240 ALA 240 240 240 ALA ALA A . n 
A 1 241 LYS 241 241 241 LYS LYS A . n 
A 1 242 VAL 242 242 242 VAL VAL A . n 
A 1 243 ARG 243 243 243 ARG ARG A . n 
A 1 244 GLY 244 244 244 GLY GLY A . n 
A 1 245 ILE 245 245 245 ILE ILE A . n 
A 1 246 THR 246 246 246 THR THR A . n 
A 1 247 VAL 247 247 247 VAL VAL A . n 
A 1 248 ALA 248 248 248 ALA ALA A . n 
A 1 249 GLU 249 249 249 GLU GLU A . n 
A 1 250 VAL 250 250 250 VAL VAL A . n 
A 1 251 THR 251 251 251 THR THR A . n 
A 1 252 ALA 252 252 252 ALA ALA A . n 
A 1 253 ALA 253 253 253 ALA ALA A . n 
A 1 254 TYR 254 254 254 TYR TYR A . n 
A 1 255 ALA 255 255 255 ALA ALA A . n 
A 1 256 ALA 256 256 256 ALA ALA A . n 
A 1 257 ASN 257 257 257 ASN ASN A . n 
A 1 258 ALA 258 258 258 ALA ALA A . n 
A 1 259 ALA 259 259 259 ALA ALA A . n 
A 1 260 ARG 260 260 260 ARG ARG A . n 
A 1 261 HIS 261 261 261 HIS HIS A . n 
A 1 262 GLY 262 262 262 GLY GLY A . n 
A 1 263 GLY 263 263 263 GLY GLY A . n 
A 1 264 TYR 264 264 264 TYR TYR A . n 
A 1 265 TYR 265 265 265 TYR TYR A . n 
A 1 266 GLN 266 266 266 GLN GLN A . n 
A 1 267 PHE 267 267 267 PHE PHE A . n 
A 1 268 GLU 268 268 268 GLU GLU A . n 
A 1 269 LEU 269 269 ?   ?   ?   A . n 
A 1 270 HIS 270 270 ?   ?   ?   A . n 
A 1 271 PRO 271 271 ?   ?   ?   A . n 
A 1 272 PRO 272 272 ?   ?   ?   A . n 
A 1 273 PRO 273 273 ?   ?   ?   A . n 
A 1 274 PRO 274 274 ?   ?   ?   A . n 
A 1 275 PRO 275 275 ?   ?   ?   A . n 
A 1 276 TYR 276 276 ?   ?   ?   A . n 
A 1 277 ILE 277 277 ?   ?   ?   A . n 
A 1 278 PRO 278 278 ?   ?   ?   A . n 
A 1 279 PRO 279 279 ?   ?   ?   A . n 
A 1 280 GLU 280 280 ?   ?   ?   A . n 
A 1 281 ALA 281 281 ?   ?   ?   A . n 
A 1 282 ALA 282 282 ?   ?   ?   A . n 
A 1 283 GLN 283 283 ?   ?   ?   A . n 
A 1 284 ILE 284 284 ?   ?   ?   A . n 
A 1 285 ALA 285 285 ?   ?   ?   A . n 
A 1 286 GLU 286 286 ?   ?   ?   A . n 
A 1 287 GLU 287 287 ?   ?   ?   A . n 
A 1 288 ALA 288 288 ?   ?   ?   A . n 
A 1 289 ALA 289 289 ?   ?   ?   A . n 
A 1 290 ALA 290 290 ?   ?   ?   A . n 
A 1 291 ALA 291 291 ?   ?   ?   A . n 
A 1 292 GLN 292 292 ?   ?   ?   A . n 
A 1 293 ALA 293 293 ?   ?   ?   A . n 
A 1 294 GLU 294 294 ?   ?   ?   A . n 
A 1 295 ALA 295 295 ?   ?   ?   A . n 
A 1 296 ALA 296 296 ?   ?   ?   A . n 
A 1 297 ARG 297 297 ?   ?   ?   A . n 
A 1 298 ALA 298 298 ?   ?   ?   A . n 
A 1 299 ALA 299 299 ?   ?   ?   A . n 
A 1 300 GLN 300 300 ?   ?   ?   A . n 
A 1 301 ALA 301 301 ?   ?   ?   A . n 
A 1 302 GLU 302 302 ?   ?   ?   A . n 
A 1 303 ALA 303 303 ?   ?   ?   A . n 
A 1 304 GLU 304 304 ?   ?   ?   A . n 
A 1 305 ALA 305 305 ?   ?   ?   A . n 
A 1 306 ALA 306 306 ?   ?   ?   A . n 
A 1 307 GLN 307 307 ?   ?   ?   A . n 
A 1 308 ALA 308 308 ?   ?   ?   A . n 
A 1 309 ALA 309 309 ?   ?   ?   A . n 
A 1 310 GLN 310 310 ?   ?   ?   A . n 
A 1 311 GLU 311 311 ?   ?   ?   A . n 
A 1 312 ALA 312 312 ?   ?   ?   A . n 
A 1 313 ALA 313 313 ?   ?   ?   A . n 
A 1 314 ALA 314 314 ?   ?   ?   A . n 
A 1 315 ALA 315 315 ?   ?   ?   A . n 
A 1 316 GLN 316 316 ?   ?   ?   A . n 
A 1 317 ALA 317 317 ?   ?   ?   A . n 
A 1 318 GLU 318 318 ?   ?   ?   A . n 
A 1 319 ALA 319 319 ?   ?   ?   A . n 
A 1 320 GLU 320 320 ?   ?   ?   A . n 
A 1 321 ALA 321 321 ?   ?   ?   A . n 
A 1 322 ALA 322 322 ?   ?   ?   A . n 
A 1 323 GLN 323 323 ?   ?   ?   A . n 
A 1 324 ILE 324 324 ?   ?   ?   A . n 
A 1 325 ALA 325 325 ?   ?   ?   A . n 
A 1 326 ALA 326 326 ?   ?   ?   A . n 
A 1 327 LYS 327 327 ?   ?   ?   A . n 
A 1 328 ALA 328 328 ?   ?   ?   A . n 
A 1 329 GLU 329 329 ?   ?   ?   A . n 
A 1 330 ALA 330 330 ?   ?   ?   A . n 
A 1 331 ALA 331 331 ?   ?   ?   A . n 
A 1 332 GLN 332 332 ?   ?   ?   A . n 
A 1 333 SER 333 333 ?   ?   ?   A . n 
A 1 334 GLU 334 334 ?   ?   ?   A . n 
A 1 335 ALA 335 335 ?   ?   ?   A . n 
A 1 336 ALA 336 336 ?   ?   ?   A . n 
A 1 337 ARG 337 337 ?   ?   ?   A . n 
A 1 338 ALA 338 338 ?   ?   ?   A . n 
A 1 339 ALA 339 339 ?   ?   ?   A . n 
A 1 340 ALA 340 340 ?   ?   ?   A . n 
A 1 341 ALA 341 341 ?   ?   ?   A . n 
A 1 342 GLN 342 342 ?   ?   ?   A . n 
A 1 343 ALA 343 343 ?   ?   ?   A . n 
A 1 344 THR 344 344 ?   ?   ?   A . n 
A 1 345 ALA 345 345 ?   ?   ?   A . n 
A 1 346 GLU 346 346 ?   ?   ?   A . n 
A 1 347 ALA 347 347 ?   ?   ?   A . n 
A 1 348 LYS 348 348 ?   ?   ?   A . n 
A 1 349 ALA 349 349 ?   ?   ?   A . n 
A 1 350 ARG 350 350 ?   ?   ?   A . n 
A 1 351 ALA 351 351 ?   ?   ?   A . n 
A 1 352 GLU 352 352 ?   ?   ?   A . n 
A 1 353 ARG 353 353 ?   ?   ?   A . n 
A 1 354 VAL 354 354 ?   ?   ?   A . n 
A 1 355 ALA 355 355 ?   ?   ?   A . n 
A 1 356 ALA 356 356 ?   ?   ?   A . n 
A 1 357 GLU 357 357 ?   ?   ?   A . n 
A 1 358 MET 358 358 ?   ?   ?   A . n 
A 1 359 ALA 359 359 ?   ?   ?   A . n 
A 1 360 ALA 360 360 ?   ?   ?   A . n 
A 1 361 VAL 361 361 ?   ?   ?   A . n 
A 1 362 ARG 362 362 ?   ?   ?   A . n 
A 1 363 GLU 363 363 ?   ?   ?   A . n 
A 1 364 ALA 364 364 ?   ?   ?   A . n 
A 1 365 ALA 365 365 ?   ?   ?   A . n 
A 1 366 GLN 366 366 ?   ?   ?   A . n 
A 1 367 ARG 367 367 ?   ?   ?   A . n 
A 1 368 ALA 368 368 ?   ?   ?   A . n 
A 1 369 GLU 369 369 ?   ?   ?   A . n 
A 1 370 GLU 370 370 ?   ?   ?   A . n 
A 1 371 ALA 371 371 ?   ?   ?   A . n 
A 1 372 ALA 372 372 ?   ?   ?   A . n 
A 1 373 ALA 373 373 ?   ?   ?   A . n 
A 1 374 ALA 374 374 ?   ?   ?   A . n 
A 1 375 ALA 375 375 ?   ?   ?   A . n 
A 1 376 GLN 376 376 ?   ?   ?   A . n 
A 1 377 ALA 377 377 ?   ?   ?   A . n 
A 1 378 GLU 378 378 ?   ?   ?   A . n 
A 1 379 ALA 379 379 ?   ?   ?   A . n 
A 1 380 ALA 380 380 ?   ?   ?   A . n 
A 1 381 ARG 381 381 ?   ?   ?   A . n 
A 1 382 ALA 382 382 ?   ?   ?   A . n 
A 1 383 ALA 383 383 ?   ?   ?   A . n 
A 1 384 ALA 384 384 ?   ?   ?   A . n 
A 1 385 ALA 385 385 ?   ?   ?   A . n 
A 1 386 GLN 386 386 ?   ?   ?   A . n 
A 1 387 ALA 387 387 ?   ?   ?   A . n 
A 1 388 THR 388 388 ?   ?   ?   A . n 
A 1 389 ALA 389 389 ?   ?   ?   A . n 
A 1 390 GLU 390 390 ?   ?   ?   A . n 
A 1 391 ALA 391 391 ?   ?   ?   A . n 
A 1 392 LYS 392 392 ?   ?   ?   A . n 
A 1 393 ALA 393 393 ?   ?   ?   A . n 
A 1 394 ARG 394 394 ?   ?   ?   A . n 
A 1 395 ALA 395 395 ?   ?   ?   A . n 
A 1 396 GLU 396 396 ?   ?   ?   A . n 
A 1 397 ARG 397 397 ?   ?   ?   A . n 
A 1 398 VAL 398 398 ?   ?   ?   A . n 
A 1 399 ALA 399 399 ?   ?   ?   A . n 
A 1 400 ALA 400 400 ?   ?   ?   A . n 
A 1 401 GLU 401 401 ?   ?   ?   A . n 
A 1 402 MET 402 402 ?   ?   ?   A . n 
A 1 403 ALA 403 403 ?   ?   ?   A . n 
A 1 404 ALA 404 404 ?   ?   ?   A . n 
A 1 405 VAL 405 405 ?   ?   ?   A . n 
A 1 406 ARG 406 406 ?   ?   ?   A . n 
A 1 407 GLU 407 407 ?   ?   ?   A . n 
A 1 408 ALA 408 408 ?   ?   ?   A . n 
A 1 409 VAL 409 409 ?   ?   ?   A . n 
A 1 410 GLN 410 410 ?   ?   ?   A . n 
A 1 411 ARG 411 411 ?   ?   ?   A . n 
A 1 412 ALA 412 412 ?   ?   ?   A . n 
A 1 413 GLU 413 413 ?   ?   ?   A . n 
A 1 414 ALA 414 414 ?   ?   ?   A . n 
A 1 415 ALA 415 415 ?   ?   ?   A . n 
A 1 416 ALA 416 416 ?   ?   ?   A . n 
A 1 417 ALA 417 417 ?   ?   ?   A . n 
A 1 418 ALA 418 418 ?   ?   ?   A . n 
A 1 419 GLN 419 419 ?   ?   ?   A . n 
A 1 420 ALA 420 420 ?   ?   ?   A . n 
A 1 421 ALA 421 421 ?   ?   ?   A . n 
A 1 422 ALA 422 422 ?   ?   ?   A . n 
A 1 423 GLN 423 423 ?   ?   ?   A . n 
A 1 424 ALA 424 424 ?   ?   ?   A . n 
A 1 425 ALA 425 425 ?   ?   ?   A . n 
A 1 426 ALA 426 426 ?   ?   ?   A . n 
A 1 427 GLN 427 427 ?   ?   ?   A . n 
A 1 428 ALA 428 428 ?   ?   ?   A . n 
A 1 429 GLU 429 429 ?   ?   ?   A . n 
A 1 430 ALA 430 430 ?   ?   ?   A . n 
A 1 431 ALA 431 431 ?   ?   ?   A . n 
A 1 432 ARG 432 432 ?   ?   ?   A . n 
A 1 433 ALA 433 433 ?   ?   ?   A . n 
A 1 434 ALA 434 434 ?   ?   ?   A . n 
A 1 435 ALA 435 435 ?   ?   ?   A . n 
A 1 436 ALA 436 436 ?   ?   ?   A . n 
A 1 437 LYS 437 437 ?   ?   ?   A . n 
A 1 438 THR 438 438 ?   ?   ?   A . n 
A 1 439 GLN 439 439 ?   ?   ?   A . n 
A 1 440 ALA 440 440 ?   ?   ?   A . n 
A 1 441 GLU 441 441 ?   ?   ?   A . n 
A 1 442 ILE 442 442 ?   ?   ?   A . n 
A 1 443 GLU 443 443 ?   ?   ?   A . n 
A 1 444 ALA 444 444 ?   ?   ?   A . n 
A 1 445 ALA 445 445 ?   ?   ?   A . n 
A 1 446 MET 446 446 ?   ?   ?   A . n 
A 1 447 LYS 447 447 ?   ?   ?   A . n 
A 1 448 GLU 448 448 ?   ?   ?   A . n 
A 1 449 ILE 449 449 ?   ?   ?   A . n 
A 1 450 LEU 450 450 ?   ?   ?   A . n 
A 1 451 GLU 451 451 ?   ?   ?   A . n 
A 1 452 LYS 452 452 ?   ?   ?   A . n 
A 1 453 TRP 453 453 ?   ?   ?   A . n 
A 1 454 GLY 454 454 ?   ?   ?   A . n 
A 1 455 GLY 455 455 ?   ?   ?   A . n 
A 1 456 ALA 456 456 ?   ?   ?   A . n 
A 1 457 ARG 457 457 ?   ?   ?   A . n 
A 1 458 TRP 458 458 ?   ?   ?   A . n 
# 
_pdbx_contact_author.id                 2 
_pdbx_contact_author.email              raquel.lieberman@chemistry.gatech.edu 
_pdbx_contact_author.name_first         'Raquel L.' 
_pdbx_contact_author.name_last          Lieberman 
_pdbx_contact_author.name_mi            ? 
_pdbx_contact_author.role               'principal investigator/group leader' 
_pdbx_contact_author.identifier_ORCID   0000-0001-9345-3735 
# 
_pdbx_nonpoly_scheme.asym_id         B 
_pdbx_nonpoly_scheme.entity_id       2 
_pdbx_nonpoly_scheme.mon_id          PG4 
_pdbx_nonpoly_scheme.ndb_seq_num     1 
_pdbx_nonpoly_scheme.pdb_seq_num     501 
_pdbx_nonpoly_scheme.auth_seq_num    274 
_pdbx_nonpoly_scheme.pdb_mon_id      PG4 
_pdbx_nonpoly_scheme.auth_mon_id     PG4 
_pdbx_nonpoly_scheme.pdb_strand_id   A 
_pdbx_nonpoly_scheme.pdb_ins_code    . 
# 
_pdbx_struct_assembly.id                   1 
_pdbx_struct_assembly.details              software_defined_assembly 
_pdbx_struct_assembly.method_details       PISA 
_pdbx_struct_assembly.oligomeric_details   monomeric 
_pdbx_struct_assembly.oligomeric_count     1 
# 
_pdbx_struct_assembly_gen.assembly_id       1 
_pdbx_struct_assembly_gen.oper_expression   1 
_pdbx_struct_assembly_gen.asym_id_list      A,B 
# 
_pdbx_struct_oper_list.id                   1 
_pdbx_struct_oper_list.type                 'identity operation' 
_pdbx_struct_oper_list.name                 1_555 
_pdbx_struct_oper_list.symmetry_operation   x,y,z 
_pdbx_struct_oper_list.matrix[1][1]         1.0000000000 
_pdbx_struct_oper_list.matrix[1][2]         0.0000000000 
_pdbx_struct_oper_list.matrix[1][3]         0.0000000000 
_pdbx_struct_oper_list.vector[1]            0.0000000000 
_pdbx_struct_oper_list.matrix[2][1]         0.0000000000 
_pdbx_struct_oper_list.matrix[2][2]         1.0000000000 
_pdbx_struct_oper_list.matrix[2][3]         0.0000000000 
_pdbx_struct_oper_list.vector[2]            0.0000000000 
_pdbx_struct_oper_list.matrix[3][1]         0.0000000000 
_pdbx_struct_oper_list.matrix[3][2]         0.0000000000 
_pdbx_struct_oper_list.matrix[3][3]         1.0000000000 
_pdbx_struct_oper_list.vector[3]            0.0000000000 
# 
_pdbx_audit_revision_history.ordinal             1 
_pdbx_audit_revision_history.data_content_type   'Structure model' 
_pdbx_audit_revision_history.major_revision      1 
_pdbx_audit_revision_history.minor_revision      0 
_pdbx_audit_revision_history.revision_date       2023-09-13 
# 
_pdbx_audit_revision_details.ordinal             1 
_pdbx_audit_revision_details.revision_ordinal    1 
_pdbx_audit_revision_details.data_content_type   'Structure model' 
_pdbx_audit_revision_details.provider            repository 
_pdbx_audit_revision_details.type                'Initial release' 
_pdbx_audit_revision_details.description         ? 
_pdbx_audit_revision_details.details             ? 
# 
loop_
_space_group_symop.id 
_space_group_symop.operation_xyz 
1 x,y,z               
2 -y+1/2,x+1/2,z+3/4  
3 y+1/2,-x+1/2,z+1/4  
4 x+1/2,-y+1/2,-z+1/4 
5 -x+1/2,y+1/2,-z+3/4 
6 -x,-y,z+1/2         
7 y,x,-z              
8 -y,-x,-z+1/2        
# 
loop_
_software.citation_id 
_software.classification 
_software.compiler_name 
_software.compiler_version 
_software.contact_author 
_software.contact_author_email 
_software.date 
_software.description 
_software.dependencies 
_software.hardware 
_software.language 
_software.location 
_software.mods 
_software.name 
_software.os 
_software.os_version 
_software.type 
_software.version 
_software.pdbx_ordinal 
? refinement       ? ? ? ? ? ? ? ? ? ? ? PHENIX ? ? ? 1.20.1_4487 1 
? 'data reduction' ? ? ? ? ? ? ? ? ? ? ? XDS    ? ? ? .           2 
? 'data scaling'   ? ? ? ? ? ? ? ? ? ? ? XSCALE ? ? ? .           3 
? phasing          ? ? ? ? ? ? ? ? ? ? ? PHASER ? ? ? .           4 
# 
_pdbx_entry_details.entry_id                 8DOT 
_pdbx_entry_details.has_ligand_of_interest   N 
_pdbx_entry_details.compound_details         ? 
_pdbx_entry_details.source_details           ? 
_pdbx_entry_details.nonpolymer_details       ? 
_pdbx_entry_details.sequence_details         ? 
# 
_pdbx_validate_torsion.id              1 
_pdbx_validate_torsion.PDB_model_num   1 
_pdbx_validate_torsion.auth_comp_id    SER 
_pdbx_validate_torsion.auth_asym_id    A 
_pdbx_validate_torsion.auth_seq_id     207 
_pdbx_validate_torsion.PDB_ins_code    ? 
_pdbx_validate_torsion.label_alt_id    ? 
_pdbx_validate_torsion.phi             -69.83 
_pdbx_validate_torsion.psi             -173.95 
# 
loop_
_pdbx_unobs_or_zero_occ_residues.id 
_pdbx_unobs_or_zero_occ_residues.PDB_model_num 
_pdbx_unobs_or_zero_occ_residues.polymer_flag 
_pdbx_unobs_or_zero_occ_residues.occupancy_flag 
_pdbx_unobs_or_zero_occ_residues.auth_asym_id 
_pdbx_unobs_or_zero_occ_residues.auth_comp_id 
_pdbx_unobs_or_zero_occ_residues.auth_seq_id 
_pdbx_unobs_or_zero_occ_residues.PDB_ins_code 
_pdbx_unobs_or_zero_occ_residues.label_asym_id 
_pdbx_unobs_or_zero_occ_residues.label_comp_id 
_pdbx_unobs_or_zero_occ_residues.label_seq_id 
1   1 Y 1 A MET 1   ? A MET 1   
2   1 Y 1 A ALA 2   ? A ALA 2   
3   1 Y 1 A GLU 3   ? A GLU 3   
4   1 Y 1 A GLN 4   ? A GLN 4   
5   1 Y 1 A SER 5   ? A SER 5   
6   1 Y 1 A VAL 6   ? A VAL 6   
7   1 Y 1 A THR 7   ? A THR 7   
8   1 Y 1 A LEU 8   ? A LEU 8   
9   1 Y 1 A GLN 9   ? A GLN 9   
10  1 Y 1 A PRO 10  ? A PRO 10  
11  1 Y 1 A GLY 11  ? A GLY 11  
12  1 Y 1 A GLU 12  ? A GLU 12  
13  1 Y 1 A SER 13  ? A SER 13  
14  1 Y 1 A LYS 14  ? A LYS 14  
15  1 Y 1 A VAL 15  ? A VAL 15  
16  1 Y 1 A VAL 16  ? A VAL 16  
17  1 Y 1 A SER 17  ? A SER 17  
18  1 Y 1 A PHE 18  ? A PHE 18  
19  1 Y 1 A GLU 19  ? A GLU 19  
20  1 Y 1 A ALA 20  ? A ALA 20  
21  1 Y 1 A THR 21  ? A THR 21  
22  1 Y 1 A PRO 22  ? A PRO 22  
23  1 Y 1 A HIS 23  ? A HIS 23  
24  1 Y 1 A GLU 24  ? A GLU 24  
25  1 Y 1 A ALA 25  ? A ALA 25  
26  1 Y 1 A ARG 26  ? A ARG 26  
27  1 Y 1 A ALA 27  ? A ALA 27  
28  1 Y 1 A TYR 28  ? A TYR 28  
29  1 Y 1 A GLN 29  ? A GLN 29  
30  1 Y 1 A VAL 30  ? A VAL 30  
31  1 Y 1 A SER 31  ? A SER 31  
32  1 Y 1 A VAL 32  ? A VAL 32  
33  1 Y 1 A ASP 33  ? A ASP 33  
34  1 Y 1 A GLY 34  ? A GLY 34  
35  1 Y 1 A LEU 35  ? A LEU 35  
36  1 Y 1 A THR 36  ? A THR 36  
37  1 Y 1 A GLY 37  ? A GLY 37  
38  1 Y 1 A SER 38  ? A SER 38  
39  1 Y 1 A PHE 39  ? A PHE 39  
40  1 Y 1 A GLU 40  ? A GLU 40  
41  1 Y 1 A ALA 41  ? A ALA 41  
42  1 Y 1 A ILE 42  ? A ILE 42  
43  1 Y 1 A GLY 43  ? A GLY 43  
44  1 Y 1 A ALA 44  ? A ALA 44  
45  1 Y 1 A THR 45  ? A THR 45  
46  1 Y 1 A VAL 46  ? A VAL 46  
47  1 Y 1 A ALA 47  ? A ALA 47  
48  1 Y 1 A GLU 48  ? A GLU 48  
49  1 Y 1 A ILE 49  ? A ILE 49  
50  1 Y 1 A GLU 50  ? A GLU 50  
51  1 Y 1 A ALA 51  ? A ALA 51  
52  1 Y 1 A ALA 52  ? A ALA 52  
53  1 Y 1 A ALA 53  ? A ALA 53  
54  1 Y 1 A GLU 54  ? A GLU 54  
55  1 Y 1 A LEU 55  ? A LEU 55  
56  1 Y 1 A GLU 56  ? A GLU 56  
57  1 Y 1 A ALA 57  ? A ALA 57  
58  1 Y 1 A GLU 58  ? A GLU 58  
59  1 Y 1 A ALA 59  ? A ALA 59  
60  1 Y 1 A ALA 60  ? A ALA 60  
61  1 Y 1 A GLN 61  ? A GLN 61  
62  1 Y 1 A ALA 62  ? A ALA 62  
63  1 Y 1 A GLU 63  ? A GLU 63  
64  1 Y 1 A ALA 64  ? A ALA 64  
65  1 Y 1 A ALA 65  ? A ALA 65  
66  1 Y 1 A GLN 66  ? A GLN 66  
67  1 Y 1 A ILE 67  ? A ILE 67  
68  1 Y 1 A ALA 68  ? A ALA 68  
69  1 Y 1 A ALA 69  ? A ALA 69  
70  1 Y 1 A GLU 70  ? A GLU 70  
71  1 Y 1 A ALA 71  ? A ALA 71  
72  1 Y 1 A ALA 72  ? A ALA 72  
73  1 Y 1 A ALA 73  ? A ALA 73  
74  1 Y 1 A SER 74  ? A SER 74  
75  1 Y 1 A PRO 75  ? A PRO 75  
76  1 Y 1 A TRP 76  ? A TRP 76  
77  1 Y 1 A ALA 77  ? A ALA 77  
78  1 Y 1 A LEU 78  ? A LEU 78  
79  1 Y 1 A THR 79  ? A THR 79  
80  1 Y 1 A ALA 80  ? A ALA 80  
81  1 Y 1 A GLU 81  ? A GLU 81  
82  1 Y 1 A GLU 82  ? A GLU 82  
83  1 Y 1 A LEU 83  ? A LEU 83  
84  1 Y 1 A ALA 84  ? A ALA 84  
85  1 Y 1 A ALA 85  ? A ALA 85  
86  1 Y 1 A TYR 86  ? A TYR 86  
87  1 Y 1 A ARG 87  ? A ARG 87  
88  1 Y 1 A GLU 88  ? A GLU 88  
89  1 Y 1 A THR 89  ? A THR 89  
90  1 Y 1 A ILE 90  ? A ILE 90  
91  1 Y 1 A GLY 91  ? A GLY 91  
92  1 Y 1 A GLY 92  ? A GLY 92  
93  1 Y 1 A VAL 93  ? A VAL 93  
94  1 Y 1 A LEU 94  ? A LEU 94  
95  1 Y 1 A THR 95  ? A THR 95  
96  1 Y 1 A ALA 96  ? A ALA 96  
97  1 Y 1 A ALA 97  ? A ALA 97  
98  1 Y 1 A GLY 98  ? A GLY 98  
99  1 Y 1 A LEU 269 ? A LEU 269 
100 1 Y 1 A HIS 270 ? A HIS 270 
101 1 Y 1 A PRO 271 ? A PRO 271 
102 1 Y 1 A PRO 272 ? A PRO 272 
103 1 Y 1 A PRO 273 ? A PRO 273 
104 1 Y 1 A PRO 274 ? A PRO 274 
105 1 Y 1 A PRO 275 ? A PRO 275 
106 1 Y 1 A TYR 276 ? A TYR 276 
107 1 Y 1 A ILE 277 ? A ILE 277 
108 1 Y 1 A PRO 278 ? A PRO 278 
109 1 Y 1 A PRO 279 ? A PRO 279 
110 1 Y 1 A GLU 280 ? A GLU 280 
111 1 Y 1 A ALA 281 ? A ALA 281 
112 1 Y 1 A ALA 282 ? A ALA 282 
113 1 Y 1 A GLN 283 ? A GLN 283 
114 1 Y 1 A ILE 284 ? A ILE 284 
115 1 Y 1 A ALA 285 ? A ALA 285 
116 1 Y 1 A GLU 286 ? A GLU 286 
117 1 Y 1 A GLU 287 ? A GLU 287 
118 1 Y 1 A ALA 288 ? A ALA 288 
119 1 Y 1 A ALA 289 ? A ALA 289 
120 1 Y 1 A ALA 290 ? A ALA 290 
121 1 Y 1 A ALA 291 ? A ALA 291 
122 1 Y 1 A GLN 292 ? A GLN 292 
123 1 Y 1 A ALA 293 ? A ALA 293 
124 1 Y 1 A GLU 294 ? A GLU 294 
125 1 Y 1 A ALA 295 ? A ALA 295 
126 1 Y 1 A ALA 296 ? A ALA 296 
127 1 Y 1 A ARG 297 ? A ARG 297 
128 1 Y 1 A ALA 298 ? A ALA 298 
129 1 Y 1 A ALA 299 ? A ALA 299 
130 1 Y 1 A GLN 300 ? A GLN 300 
131 1 Y 1 A ALA 301 ? A ALA 301 
132 1 Y 1 A GLU 302 ? A GLU 302 
133 1 Y 1 A ALA 303 ? A ALA 303 
134 1 Y 1 A GLU 304 ? A GLU 304 
135 1 Y 1 A ALA 305 ? A ALA 305 
136 1 Y 1 A ALA 306 ? A ALA 306 
137 1 Y 1 A GLN 307 ? A GLN 307 
138 1 Y 1 A ALA 308 ? A ALA 308 
139 1 Y 1 A ALA 309 ? A ALA 309 
140 1 Y 1 A GLN 310 ? A GLN 310 
141 1 Y 1 A GLU 311 ? A GLU 311 
142 1 Y 1 A ALA 312 ? A ALA 312 
143 1 Y 1 A ALA 313 ? A ALA 313 
144 1 Y 1 A ALA 314 ? A ALA 314 
145 1 Y 1 A ALA 315 ? A ALA 315 
146 1 Y 1 A GLN 316 ? A GLN 316 
147 1 Y 1 A ALA 317 ? A ALA 317 
148 1 Y 1 A GLU 318 ? A GLU 318 
149 1 Y 1 A ALA 319 ? A ALA 319 
150 1 Y 1 A GLU 320 ? A GLU 320 
151 1 Y 1 A ALA 321 ? A ALA 321 
152 1 Y 1 A ALA 322 ? A ALA 322 
153 1 Y 1 A GLN 323 ? A GLN 323 
154 1 Y 1 A ILE 324 ? A ILE 324 
155 1 Y 1 A ALA 325 ? A ALA 325 
156 1 Y 1 A ALA 326 ? A ALA 326 
157 1 Y 1 A LYS 327 ? A LYS 327 
158 1 Y 1 A ALA 328 ? A ALA 328 
159 1 Y 1 A GLU 329 ? A GLU 329 
160 1 Y 1 A ALA 330 ? A ALA 330 
161 1 Y 1 A ALA 331 ? A ALA 331 
162 1 Y 1 A GLN 332 ? A GLN 332 
163 1 Y 1 A SER 333 ? A SER 333 
164 1 Y 1 A GLU 334 ? A GLU 334 
165 1 Y 1 A ALA 335 ? A ALA 335 
166 1 Y 1 A ALA 336 ? A ALA 336 
167 1 Y 1 A ARG 337 ? A ARG 337 
168 1 Y 1 A ALA 338 ? A ALA 338 
169 1 Y 1 A ALA 339 ? A ALA 339 
170 1 Y 1 A ALA 340 ? A ALA 340 
171 1 Y 1 A ALA 341 ? A ALA 341 
172 1 Y 1 A GLN 342 ? A GLN 342 
173 1 Y 1 A ALA 343 ? A ALA 343 
174 1 Y 1 A THR 344 ? A THR 344 
175 1 Y 1 A ALA 345 ? A ALA 345 
176 1 Y 1 A GLU 346 ? A GLU 346 
177 1 Y 1 A ALA 347 ? A ALA 347 
178 1 Y 1 A LYS 348 ? A LYS 348 
179 1 Y 1 A ALA 349 ? A ALA 349 
180 1 Y 1 A ARG 350 ? A ARG 350 
181 1 Y 1 A ALA 351 ? A ALA 351 
182 1 Y 1 A GLU 352 ? A GLU 352 
183 1 Y 1 A ARG 353 ? A ARG 353 
184 1 Y 1 A VAL 354 ? A VAL 354 
185 1 Y 1 A ALA 355 ? A ALA 355 
186 1 Y 1 A ALA 356 ? A ALA 356 
187 1 Y 1 A GLU 357 ? A GLU 357 
188 1 Y 1 A MET 358 ? A MET 358 
189 1 Y 1 A ALA 359 ? A ALA 359 
190 1 Y 1 A ALA 360 ? A ALA 360 
191 1 Y 1 A VAL 361 ? A VAL 361 
192 1 Y 1 A ARG 362 ? A ARG 362 
193 1 Y 1 A GLU 363 ? A GLU 363 
194 1 Y 1 A ALA 364 ? A ALA 364 
195 1 Y 1 A ALA 365 ? A ALA 365 
196 1 Y 1 A GLN 366 ? A GLN 366 
197 1 Y 1 A ARG 367 ? A ARG 367 
198 1 Y 1 A ALA 368 ? A ALA 368 
199 1 Y 1 A GLU 369 ? A GLU 369 
200 1 Y 1 A GLU 370 ? A GLU 370 
201 1 Y 1 A ALA 371 ? A ALA 371 
202 1 Y 1 A ALA 372 ? A ALA 372 
203 1 Y 1 A ALA 373 ? A ALA 373 
204 1 Y 1 A ALA 374 ? A ALA 374 
205 1 Y 1 A ALA 375 ? A ALA 375 
206 1 Y 1 A GLN 376 ? A GLN 376 
207 1 Y 1 A ALA 377 ? A ALA 377 
208 1 Y 1 A GLU 378 ? A GLU 378 
209 1 Y 1 A ALA 379 ? A ALA 379 
210 1 Y 1 A ALA 380 ? A ALA 380 
211 1 Y 1 A ARG 381 ? A ARG 381 
212 1 Y 1 A ALA 382 ? A ALA 382 
213 1 Y 1 A ALA 383 ? A ALA 383 
214 1 Y 1 A ALA 384 ? A ALA 384 
215 1 Y 1 A ALA 385 ? A ALA 385 
216 1 Y 1 A GLN 386 ? A GLN 386 
217 1 Y 1 A ALA 387 ? A ALA 387 
218 1 Y 1 A THR 388 ? A THR 388 
219 1 Y 1 A ALA 389 ? A ALA 389 
220 1 Y 1 A GLU 390 ? A GLU 390 
221 1 Y 1 A ALA 391 ? A ALA 391 
222 1 Y 1 A LYS 392 ? A LYS 392 
223 1 Y 1 A ALA 393 ? A ALA 393 
224 1 Y 1 A ARG 394 ? A ARG 394 
225 1 Y 1 A ALA 395 ? A ALA 395 
226 1 Y 1 A GLU 396 ? A GLU 396 
227 1 Y 1 A ARG 397 ? A ARG 397 
228 1 Y 1 A VAL 398 ? A VAL 398 
229 1 Y 1 A ALA 399 ? A ALA 399 
230 1 Y 1 A ALA 400 ? A ALA 400 
231 1 Y 1 A GLU 401 ? A GLU 401 
232 1 Y 1 A MET 402 ? A MET 402 
233 1 Y 1 A ALA 403 ? A ALA 403 
234 1 Y 1 A ALA 404 ? A ALA 404 
235 1 Y 1 A VAL 405 ? A VAL 405 
236 1 Y 1 A ARG 406 ? A ARG 406 
237 1 Y 1 A GLU 407 ? A GLU 407 
238 1 Y 1 A ALA 408 ? A ALA 408 
239 1 Y 1 A VAL 409 ? A VAL 409 
240 1 Y 1 A GLN 410 ? A GLN 410 
241 1 Y 1 A ARG 411 ? A ARG 411 
242 1 Y 1 A ALA 412 ? A ALA 412 
243 1 Y 1 A GLU 413 ? A GLU 413 
244 1 Y 1 A ALA 414 ? A ALA 414 
245 1 Y 1 A ALA 415 ? A ALA 415 
246 1 Y 1 A ALA 416 ? A ALA 416 
247 1 Y 1 A ALA 417 ? A ALA 417 
248 1 Y 1 A ALA 418 ? A ALA 418 
249 1 Y 1 A GLN 419 ? A GLN 419 
250 1 Y 1 A ALA 420 ? A ALA 420 
251 1 Y 1 A ALA 421 ? A ALA 421 
252 1 Y 1 A ALA 422 ? A ALA 422 
253 1 Y 1 A GLN 423 ? A GLN 423 
254 1 Y 1 A ALA 424 ? A ALA 424 
255 1 Y 1 A ALA 425 ? A ALA 425 
256 1 Y 1 A ALA 426 ? A ALA 426 
257 1 Y 1 A GLN 427 ? A GLN 427 
258 1 Y 1 A ALA 428 ? A ALA 428 
259 1 Y 1 A GLU 429 ? A GLU 429 
260 1 Y 1 A ALA 430 ? A ALA 430 
261 1 Y 1 A ALA 431 ? A ALA 431 
262 1 Y 1 A ARG 432 ? A ARG 432 
263 1 Y 1 A ALA 433 ? A ALA 433 
264 1 Y 1 A ALA 434 ? A ALA 434 
265 1 Y 1 A ALA 435 ? A ALA 435 
266 1 Y 1 A ALA 436 ? A ALA 436 
267 1 Y 1 A LYS 437 ? A LYS 437 
268 1 Y 1 A THR 438 ? A THR 438 
269 1 Y 1 A GLN 439 ? A GLN 439 
270 1 Y 1 A ALA 440 ? A ALA 440 
271 1 Y 1 A GLU 441 ? A GLU 441 
272 1 Y 1 A ILE 442 ? A ILE 442 
273 1 Y 1 A GLU 443 ? A GLU 443 
274 1 Y 1 A ALA 444 ? A ALA 444 
275 1 Y 1 A ALA 445 ? A ALA 445 
276 1 Y 1 A MET 446 ? A MET 446 
277 1 Y 1 A LYS 447 ? A LYS 447 
278 1 Y 1 A GLU 448 ? A GLU 448 
279 1 Y 1 A ILE 449 ? A ILE 449 
280 1 Y 1 A LEU 450 ? A LEU 450 
281 1 Y 1 A GLU 451 ? A GLU 451 
282 1 Y 1 A LYS 452 ? A LYS 452 
283 1 Y 1 A TRP 453 ? A TRP 453 
284 1 Y 1 A GLY 454 ? A GLY 454 
285 1 Y 1 A GLY 455 ? A GLY 455 
286 1 Y 1 A ALA 456 ? A ALA 456 
287 1 Y 1 A ARG 457 ? A ARG 457 
288 1 Y 1 A TRP 458 ? A TRP 458 
# 
loop_
_chem_comp_atom.comp_id 
_chem_comp_atom.atom_id 
_chem_comp_atom.type_symbol 
_chem_comp_atom.pdbx_aromatic_flag 
_chem_comp_atom.pdbx_stereo_config 
_chem_comp_atom.pdbx_ordinal 
ALA N    N N N 1   
ALA CA   C N S 2   
ALA C    C N N 3   
ALA O    O N N 4   
ALA CB   C N N 5   
ALA OXT  O N N 6   
ALA H    H N N 7   
ALA H2   H N N 8   
ALA HA   H N N 9   
ALA HB1  H N N 10  
ALA HB2  H N N 11  
ALA HB3  H N N 12  
ALA HXT  H N N 13  
ARG N    N N N 14  
ARG CA   C N S 15  
ARG C    C N N 16  
ARG O    O N N 17  
ARG CB   C N N 18  
ARG CG   C N N 19  
ARG CD   C N N 20  
ARG NE   N N N 21  
ARG CZ   C N N 22  
ARG NH1  N N N 23  
ARG NH2  N N N 24  
ARG OXT  O N N 25  
ARG H    H N N 26  
ARG H2   H N N 27  
ARG HA   H N N 28  
ARG HB2  H N N 29  
ARG HB3  H N N 30  
ARG HG2  H N N 31  
ARG HG3  H N N 32  
ARG HD2  H N N 33  
ARG HD3  H N N 34  
ARG HE   H N N 35  
ARG HH11 H N N 36  
ARG HH12 H N N 37  
ARG HH21 H N N 38  
ARG HH22 H N N 39  
ARG HXT  H N N 40  
ASN N    N N N 41  
ASN CA   C N S 42  
ASN C    C N N 43  
ASN O    O N N 44  
ASN CB   C N N 45  
ASN CG   C N N 46  
ASN OD1  O N N 47  
ASN ND2  N N N 48  
ASN OXT  O N N 49  
ASN H    H N N 50  
ASN H2   H N N 51  
ASN HA   H N N 52  
ASN HB2  H N N 53  
ASN HB3  H N N 54  
ASN HD21 H N N 55  
ASN HD22 H N N 56  
ASN HXT  H N N 57  
ASP N    N N N 58  
ASP CA   C N S 59  
ASP C    C N N 60  
ASP O    O N N 61  
ASP CB   C N N 62  
ASP CG   C N N 63  
ASP OD1  O N N 64  
ASP OD2  O N N 65  
ASP OXT  O N N 66  
ASP H    H N N 67  
ASP H2   H N N 68  
ASP HA   H N N 69  
ASP HB2  H N N 70  
ASP HB3  H N N 71  
ASP HD2  H N N 72  
ASP HXT  H N N 73  
GLN N    N N N 74  
GLN CA   C N S 75  
GLN C    C N N 76  
GLN O    O N N 77  
GLN CB   C N N 78  
GLN CG   C N N 79  
GLN CD   C N N 80  
GLN OE1  O N N 81  
GLN NE2  N N N 82  
GLN OXT  O N N 83  
GLN H    H N N 84  
GLN H2   H N N 85  
GLN HA   H N N 86  
GLN HB2  H N N 87  
GLN HB3  H N N 88  
GLN HG2  H N N 89  
GLN HG3  H N N 90  
GLN HE21 H N N 91  
GLN HE22 H N N 92  
GLN HXT  H N N 93  
GLU N    N N N 94  
GLU CA   C N S 95  
GLU C    C N N 96  
GLU O    O N N 97  
GLU CB   C N N 98  
GLU CG   C N N 99  
GLU CD   C N N 100 
GLU OE1  O N N 101 
GLU OE2  O N N 102 
GLU OXT  O N N 103 
GLU H    H N N 104 
GLU H2   H N N 105 
GLU HA   H N N 106 
GLU HB2  H N N 107 
GLU HB3  H N N 108 
GLU HG2  H N N 109 
GLU HG3  H N N 110 
GLU HE2  H N N 111 
GLU HXT  H N N 112 
GLY N    N N N 113 
GLY CA   C N N 114 
GLY C    C N N 115 
GLY O    O N N 116 
GLY OXT  O N N 117 
GLY H    H N N 118 
GLY H2   H N N 119 
GLY HA2  H N N 120 
GLY HA3  H N N 121 
GLY HXT  H N N 122 
HIS N    N N N 123 
HIS CA   C N S 124 
HIS C    C N N 125 
HIS O    O N N 126 
HIS CB   C N N 127 
HIS CG   C Y N 128 
HIS ND1  N Y N 129 
HIS CD2  C Y N 130 
HIS CE1  C Y N 131 
HIS NE2  N Y N 132 
HIS OXT  O N N 133 
HIS H    H N N 134 
HIS H2   H N N 135 
HIS HA   H N N 136 
HIS HB2  H N N 137 
HIS HB3  H N N 138 
HIS HD1  H N N 139 
HIS HD2  H N N 140 
HIS HE1  H N N 141 
HIS HE2  H N N 142 
HIS HXT  H N N 143 
ILE N    N N N 144 
ILE CA   C N S 145 
ILE C    C N N 146 
ILE O    O N N 147 
ILE CB   C N S 148 
ILE CG1  C N N 149 
ILE CG2  C N N 150 
ILE CD1  C N N 151 
ILE OXT  O N N 152 
ILE H    H N N 153 
ILE H2   H N N 154 
ILE HA   H N N 155 
ILE HB   H N N 156 
ILE HG12 H N N 157 
ILE HG13 H N N 158 
ILE HG21 H N N 159 
ILE HG22 H N N 160 
ILE HG23 H N N 161 
ILE HD11 H N N 162 
ILE HD12 H N N 163 
ILE HD13 H N N 164 
ILE HXT  H N N 165 
LEU N    N N N 166 
LEU CA   C N S 167 
LEU C    C N N 168 
LEU O    O N N 169 
LEU CB   C N N 170 
LEU CG   C N N 171 
LEU CD1  C N N 172 
LEU CD2  C N N 173 
LEU OXT  O N N 174 
LEU H    H N N 175 
LEU H2   H N N 176 
LEU HA   H N N 177 
LEU HB2  H N N 178 
LEU HB3  H N N 179 
LEU HG   H N N 180 
LEU HD11 H N N 181 
LEU HD12 H N N 182 
LEU HD13 H N N 183 
LEU HD21 H N N 184 
LEU HD22 H N N 185 
LEU HD23 H N N 186 
LEU HXT  H N N 187 
LYS N    N N N 188 
LYS CA   C N S 189 
LYS C    C N N 190 
LYS O    O N N 191 
LYS CB   C N N 192 
LYS CG   C N N 193 
LYS CD   C N N 194 
LYS CE   C N N 195 
LYS NZ   N N N 196 
LYS OXT  O N N 197 
LYS H    H N N 198 
LYS H2   H N N 199 
LYS HA   H N N 200 
LYS HB2  H N N 201 
LYS HB3  H N N 202 
LYS HG2  H N N 203 
LYS HG3  H N N 204 
LYS HD2  H N N 205 
LYS HD3  H N N 206 
LYS HE2  H N N 207 
LYS HE3  H N N 208 
LYS HZ1  H N N 209 
LYS HZ2  H N N 210 
LYS HZ3  H N N 211 
LYS HXT  H N N 212 
MET N    N N N 213 
MET CA   C N S 214 
MET C    C N N 215 
MET O    O N N 216 
MET CB   C N N 217 
MET CG   C N N 218 
MET SD   S N N 219 
MET CE   C N N 220 
MET OXT  O N N 221 
MET H    H N N 222 
MET H2   H N N 223 
MET HA   H N N 224 
MET HB2  H N N 225 
MET HB3  H N N 226 
MET HG2  H N N 227 
MET HG3  H N N 228 
MET HE1  H N N 229 
MET HE2  H N N 230 
MET HE3  H N N 231 
MET HXT  H N N 232 
PG4 O1   O N N 233 
PG4 C1   C N N 234 
PG4 C2   C N N 235 
PG4 O2   O N N 236 
PG4 C3   C N N 237 
PG4 C4   C N N 238 
PG4 O3   O N N 239 
PG4 C5   C N N 240 
PG4 C6   C N N 241 
PG4 O4   O N N 242 
PG4 C7   C N N 243 
PG4 C8   C N N 244 
PG4 O5   O N N 245 
PG4 HO1  H N N 246 
PG4 H11  H N N 247 
PG4 H12  H N N 248 
PG4 H21  H N N 249 
PG4 H22  H N N 250 
PG4 H31  H N N 251 
PG4 H32  H N N 252 
PG4 H41  H N N 253 
PG4 H42  H N N 254 
PG4 H51  H N N 255 
PG4 H52  H N N 256 
PG4 H61  H N N 257 
PG4 H62  H N N 258 
PG4 H71  H N N 259 
PG4 H72  H N N 260 
PG4 H81  H N N 261 
PG4 H82  H N N 262 
PG4 HO5  H N N 263 
PHE N    N N N 264 
PHE CA   C N S 265 
PHE C    C N N 266 
PHE O    O N N 267 
PHE CB   C N N 268 
PHE CG   C Y N 269 
PHE CD1  C Y N 270 
PHE CD2  C Y N 271 
PHE CE1  C Y N 272 
PHE CE2  C Y N 273 
PHE CZ   C Y N 274 
PHE OXT  O N N 275 
PHE H    H N N 276 
PHE H2   H N N 277 
PHE HA   H N N 278 
PHE HB2  H N N 279 
PHE HB3  H N N 280 
PHE HD1  H N N 281 
PHE HD2  H N N 282 
PHE HE1  H N N 283 
PHE HE2  H N N 284 
PHE HZ   H N N 285 
PHE HXT  H N N 286 
PRO N    N N N 287 
PRO CA   C N S 288 
PRO C    C N N 289 
PRO O    O N N 290 
PRO CB   C N N 291 
PRO CG   C N N 292 
PRO CD   C N N 293 
PRO OXT  O N N 294 
PRO H    H N N 295 
PRO HA   H N N 296 
PRO HB2  H N N 297 
PRO HB3  H N N 298 
PRO HG2  H N N 299 
PRO HG3  H N N 300 
PRO HD2  H N N 301 
PRO HD3  H N N 302 
PRO HXT  H N N 303 
SER N    N N N 304 
SER CA   C N S 305 
SER C    C N N 306 
SER O    O N N 307 
SER CB   C N N 308 
SER OG   O N N 309 
SER OXT  O N N 310 
SER H    H N N 311 
SER H2   H N N 312 
SER HA   H N N 313 
SER HB2  H N N 314 
SER HB3  H N N 315 
SER HG   H N N 316 
SER HXT  H N N 317 
THR N    N N N 318 
THR CA   C N S 319 
THR C    C N N 320 
THR O    O N N 321 
THR CB   C N R 322 
THR OG1  O N N 323 
THR CG2  C N N 324 
THR OXT  O N N 325 
THR H    H N N 326 
THR H2   H N N 327 
THR HA   H N N 328 
THR HB   H N N 329 
THR HG1  H N N 330 
THR HG21 H N N 331 
THR HG22 H N N 332 
THR HG23 H N N 333 
THR HXT  H N N 334 
TRP N    N N N 335 
TRP CA   C N S 336 
TRP C    C N N 337 
TRP O    O N N 338 
TRP CB   C N N 339 
TRP CG   C Y N 340 
TRP CD1  C Y N 341 
TRP CD2  C Y N 342 
TRP NE1  N Y N 343 
TRP CE2  C Y N 344 
TRP CE3  C Y N 345 
TRP CZ2  C Y N 346 
TRP CZ3  C Y N 347 
TRP CH2  C Y N 348 
TRP OXT  O N N 349 
TRP H    H N N 350 
TRP H2   H N N 351 
TRP HA   H N N 352 
TRP HB2  H N N 353 
TRP HB3  H N N 354 
TRP HD1  H N N 355 
TRP HE1  H N N 356 
TRP HE3  H N N 357 
TRP HZ2  H N N 358 
TRP HZ3  H N N 359 
TRP HH2  H N N 360 
TRP HXT  H N N 361 
TYR N    N N N 362 
TYR CA   C N S 363 
TYR C    C N N 364 
TYR O    O N N 365 
TYR CB   C N N 366 
TYR CG   C Y N 367 
TYR CD1  C Y N 368 
TYR CD2  C Y N 369 
TYR CE1  C Y N 370 
TYR CE2  C Y N 371 
TYR CZ   C Y N 372 
TYR OH   O N N 373 
TYR OXT  O N N 374 
TYR H    H N N 375 
TYR H2   H N N 376 
TYR HA   H N N 377 
TYR HB2  H N N 378 
TYR HB3  H N N 379 
TYR HD1  H N N 380 
TYR HD2  H N N 381 
TYR HE1  H N N 382 
TYR HE2  H N N 383 
TYR HH   H N N 384 
TYR HXT  H N N 385 
VAL N    N N N 386 
VAL CA   C N S 387 
VAL C    C N N 388 
VAL O    O N N 389 
VAL CB   C N N 390 
VAL CG1  C N N 391 
VAL CG2  C N N 392 
VAL OXT  O N N 393 
VAL H    H N N 394 
VAL H2   H N N 395 
VAL HA   H N N 396 
VAL HB   H N N 397 
VAL HG11 H N N 398 
VAL HG12 H N N 399 
VAL HG13 H N N 400 
VAL HG21 H N N 401 
VAL HG22 H N N 402 
VAL HG23 H N N 403 
VAL HXT  H N N 404 
# 
loop_
_chem_comp_bond.comp_id 
_chem_comp_bond.atom_id_1 
_chem_comp_bond.atom_id_2 
_chem_comp_bond.value_order 
_chem_comp_bond.pdbx_aromatic_flag 
_chem_comp_bond.pdbx_stereo_config 
_chem_comp_bond.pdbx_ordinal 
ALA N   CA   sing N N 1   
ALA N   H    sing N N 2   
ALA N   H2   sing N N 3   
ALA CA  C    sing N N 4   
ALA CA  CB   sing N N 5   
ALA CA  HA   sing N N 6   
ALA C   O    doub N N 7   
ALA C   OXT  sing N N 8   
ALA CB  HB1  sing N N 9   
ALA CB  HB2  sing N N 10  
ALA CB  HB3  sing N N 11  
ALA OXT HXT  sing N N 12  
ARG N   CA   sing N N 13  
ARG N   H    sing N N 14  
ARG N   H2   sing N N 15  
ARG CA  C    sing N N 16  
ARG CA  CB   sing N N 17  
ARG CA  HA   sing N N 18  
ARG C   O    doub N N 19  
ARG C   OXT  sing N N 20  
ARG CB  CG   sing N N 21  
ARG CB  HB2  sing N N 22  
ARG CB  HB3  sing N N 23  
ARG CG  CD   sing N N 24  
ARG CG  HG2  sing N N 25  
ARG CG  HG3  sing N N 26  
ARG CD  NE   sing N N 27  
ARG CD  HD2  sing N N 28  
ARG CD  HD3  sing N N 29  
ARG NE  CZ   sing N N 30  
ARG NE  HE   sing N N 31  
ARG CZ  NH1  sing N N 32  
ARG CZ  NH2  doub N N 33  
ARG NH1 HH11 sing N N 34  
ARG NH1 HH12 sing N N 35  
ARG NH2 HH21 sing N N 36  
ARG NH2 HH22 sing N N 37  
ARG OXT HXT  sing N N 38  
ASN N   CA   sing N N 39  
ASN N   H    sing N N 40  
ASN N   H2   sing N N 41  
ASN CA  C    sing N N 42  
ASN CA  CB   sing N N 43  
ASN CA  HA   sing N N 44  
ASN C   O    doub N N 45  
ASN C   OXT  sing N N 46  
ASN CB  CG   sing N N 47  
ASN CB  HB2  sing N N 48  
ASN CB  HB3  sing N N 49  
ASN CG  OD1  doub N N 50  
ASN CG  ND2  sing N N 51  
ASN ND2 HD21 sing N N 52  
ASN ND2 HD22 sing N N 53  
ASN OXT HXT  sing N N 54  
ASP N   CA   sing N N 55  
ASP N   H    sing N N 56  
ASP N   H2   sing N N 57  
ASP CA  C    sing N N 58  
ASP CA  CB   sing N N 59  
ASP CA  HA   sing N N 60  
ASP C   O    doub N N 61  
ASP C   OXT  sing N N 62  
ASP CB  CG   sing N N 63  
ASP CB  HB2  sing N N 64  
ASP CB  HB3  sing N N 65  
ASP CG  OD1  doub N N 66  
ASP CG  OD2  sing N N 67  
ASP OD2 HD2  sing N N 68  
ASP OXT HXT  sing N N 69  
GLN N   CA   sing N N 70  
GLN N   H    sing N N 71  
GLN N   H2   sing N N 72  
GLN CA  C    sing N N 73  
GLN CA  CB   sing N N 74  
GLN CA  HA   sing N N 75  
GLN C   O    doub N N 76  
GLN C   OXT  sing N N 77  
GLN CB  CG   sing N N 78  
GLN CB  HB2  sing N N 79  
GLN CB  HB3  sing N N 80  
GLN CG  CD   sing N N 81  
GLN CG  HG2  sing N N 82  
GLN CG  HG3  sing N N 83  
GLN CD  OE1  doub N N 84  
GLN CD  NE2  sing N N 85  
GLN NE2 HE21 sing N N 86  
GLN NE2 HE22 sing N N 87  
GLN OXT HXT  sing N N 88  
GLU N   CA   sing N N 89  
GLU N   H    sing N N 90  
GLU N   H2   sing N N 91  
GLU CA  C    sing N N 92  
GLU CA  CB   sing N N 93  
GLU CA  HA   sing N N 94  
GLU C   O    doub N N 95  
GLU C   OXT  sing N N 96  
GLU CB  CG   sing N N 97  
GLU CB  HB2  sing N N 98  
GLU CB  HB3  sing N N 99  
GLU CG  CD   sing N N 100 
GLU CG  HG2  sing N N 101 
GLU CG  HG3  sing N N 102 
GLU CD  OE1  doub N N 103 
GLU CD  OE2  sing N N 104 
GLU OE2 HE2  sing N N 105 
GLU OXT HXT  sing N N 106 
GLY N   CA   sing N N 107 
GLY N   H    sing N N 108 
GLY N   H2   sing N N 109 
GLY CA  C    sing N N 110 
GLY CA  HA2  sing N N 111 
GLY CA  HA3  sing N N 112 
GLY C   O    doub N N 113 
GLY C   OXT  sing N N 114 
GLY OXT HXT  sing N N 115 
HIS N   CA   sing N N 116 
HIS N   H    sing N N 117 
HIS N   H2   sing N N 118 
HIS CA  C    sing N N 119 
HIS CA  CB   sing N N 120 
HIS CA  HA   sing N N 121 
HIS C   O    doub N N 122 
HIS C   OXT  sing N N 123 
HIS CB  CG   sing N N 124 
HIS CB  HB2  sing N N 125 
HIS CB  HB3  sing N N 126 
HIS CG  ND1  sing Y N 127 
HIS CG  CD2  doub Y N 128 
HIS ND1 CE1  doub Y N 129 
HIS ND1 HD1  sing N N 130 
HIS CD2 NE2  sing Y N 131 
HIS CD2 HD2  sing N N 132 
HIS CE1 NE2  sing Y N 133 
HIS CE1 HE1  sing N N 134 
HIS NE2 HE2  sing N N 135 
HIS OXT HXT  sing N N 136 
ILE N   CA   sing N N 137 
ILE N   H    sing N N 138 
ILE N   H2   sing N N 139 
ILE CA  C    sing N N 140 
ILE CA  CB   sing N N 141 
ILE CA  HA   sing N N 142 
ILE C   O    doub N N 143 
ILE C   OXT  sing N N 144 
ILE CB  CG1  sing N N 145 
ILE CB  CG2  sing N N 146 
ILE CB  HB   sing N N 147 
ILE CG1 CD1  sing N N 148 
ILE CG1 HG12 sing N N 149 
ILE CG1 HG13 sing N N 150 
ILE CG2 HG21 sing N N 151 
ILE CG2 HG22 sing N N 152 
ILE CG2 HG23 sing N N 153 
ILE CD1 HD11 sing N N 154 
ILE CD1 HD12 sing N N 155 
ILE CD1 HD13 sing N N 156 
ILE OXT HXT  sing N N 157 
LEU N   CA   sing N N 158 
LEU N   H    sing N N 159 
LEU N   H2   sing N N 160 
LEU CA  C    sing N N 161 
LEU CA  CB   sing N N 162 
LEU CA  HA   sing N N 163 
LEU C   O    doub N N 164 
LEU C   OXT  sing N N 165 
LEU CB  CG   sing N N 166 
LEU CB  HB2  sing N N 167 
LEU CB  HB3  sing N N 168 
LEU CG  CD1  sing N N 169 
LEU CG  CD2  sing N N 170 
LEU CG  HG   sing N N 171 
LEU CD1 HD11 sing N N 172 
LEU CD1 HD12 sing N N 173 
LEU CD1 HD13 sing N N 174 
LEU CD2 HD21 sing N N 175 
LEU CD2 HD22 sing N N 176 
LEU CD2 HD23 sing N N 177 
LEU OXT HXT  sing N N 178 
LYS N   CA   sing N N 179 
LYS N   H    sing N N 180 
LYS N   H2   sing N N 181 
LYS CA  C    sing N N 182 
LYS CA  CB   sing N N 183 
LYS CA  HA   sing N N 184 
LYS C   O    doub N N 185 
LYS C   OXT  sing N N 186 
LYS CB  CG   sing N N 187 
LYS CB  HB2  sing N N 188 
LYS CB  HB3  sing N N 189 
LYS CG  CD   sing N N 190 
LYS CG  HG2  sing N N 191 
LYS CG  HG3  sing N N 192 
LYS CD  CE   sing N N 193 
LYS CD  HD2  sing N N 194 
LYS CD  HD3  sing N N 195 
LYS CE  NZ   sing N N 196 
LYS CE  HE2  sing N N 197 
LYS CE  HE3  sing N N 198 
LYS NZ  HZ1  sing N N 199 
LYS NZ  HZ2  sing N N 200 
LYS NZ  HZ3  sing N N 201 
LYS OXT HXT  sing N N 202 
MET N   CA   sing N N 203 
MET N   H    sing N N 204 
MET N   H2   sing N N 205 
MET CA  C    sing N N 206 
MET CA  CB   sing N N 207 
MET CA  HA   sing N N 208 
MET C   O    doub N N 209 
MET C   OXT  sing N N 210 
MET CB  CG   sing N N 211 
MET CB  HB2  sing N N 212 
MET CB  HB3  sing N N 213 
MET CG  SD   sing N N 214 
MET CG  HG2  sing N N 215 
MET CG  HG3  sing N N 216 
MET SD  CE   sing N N 217 
MET CE  HE1  sing N N 218 
MET CE  HE2  sing N N 219 
MET CE  HE3  sing N N 220 
MET OXT HXT  sing N N 221 
PG4 O1  C1   sing N N 222 
PG4 O1  HO1  sing N N 223 
PG4 C1  C2   sing N N 224 
PG4 C1  H11  sing N N 225 
PG4 C1  H12  sing N N 226 
PG4 C2  O2   sing N N 227 
PG4 C2  H21  sing N N 228 
PG4 C2  H22  sing N N 229 
PG4 O2  C3   sing N N 230 
PG4 C3  C4   sing N N 231 
PG4 C3  H31  sing N N 232 
PG4 C3  H32  sing N N 233 
PG4 C4  O3   sing N N 234 
PG4 C4  H41  sing N N 235 
PG4 C4  H42  sing N N 236 
PG4 O3  C5   sing N N 237 
PG4 C5  C6   sing N N 238 
PG4 C5  H51  sing N N 239 
PG4 C5  H52  sing N N 240 
PG4 C6  O4   sing N N 241 
PG4 C6  H61  sing N N 242 
PG4 C6  H62  sing N N 243 
PG4 O4  C7   sing N N 244 
PG4 C7  C8   sing N N 245 
PG4 C7  H71  sing N N 246 
PG4 C7  H72  sing N N 247 
PG4 C8  O5   sing N N 248 
PG4 C8  H81  sing N N 249 
PG4 C8  H82  sing N N 250 
PG4 O5  HO5  sing N N 251 
PHE N   CA   sing N N 252 
PHE N   H    sing N N 253 
PHE N   H2   sing N N 254 
PHE CA  C    sing N N 255 
PHE CA  CB   sing N N 256 
PHE CA  HA   sing N N 257 
PHE C   O    doub N N 258 
PHE C   OXT  sing N N 259 
PHE CB  CG   sing N N 260 
PHE CB  HB2  sing N N 261 
PHE CB  HB3  sing N N 262 
PHE CG  CD1  doub Y N 263 
PHE CG  CD2  sing Y N 264 
PHE CD1 CE1  sing Y N 265 
PHE CD1 HD1  sing N N 266 
PHE CD2 CE2  doub Y N 267 
PHE CD2 HD2  sing N N 268 
PHE CE1 CZ   doub Y N 269 
PHE CE1 HE1  sing N N 270 
PHE CE2 CZ   sing Y N 271 
PHE CE2 HE2  sing N N 272 
PHE CZ  HZ   sing N N 273 
PHE OXT HXT  sing N N 274 
PRO N   CA   sing N N 275 
PRO N   CD   sing N N 276 
PRO N   H    sing N N 277 
PRO CA  C    sing N N 278 
PRO CA  CB   sing N N 279 
PRO CA  HA   sing N N 280 
PRO C   O    doub N N 281 
PRO C   OXT  sing N N 282 
PRO CB  CG   sing N N 283 
PRO CB  HB2  sing N N 284 
PRO CB  HB3  sing N N 285 
PRO CG  CD   sing N N 286 
PRO CG  HG2  sing N N 287 
PRO CG  HG3  sing N N 288 
PRO CD  HD2  sing N N 289 
PRO CD  HD3  sing N N 290 
PRO OXT HXT  sing N N 291 
SER N   CA   sing N N 292 
SER N   H    sing N N 293 
SER N   H2   sing N N 294 
SER CA  C    sing N N 295 
SER CA  CB   sing N N 296 
SER CA  HA   sing N N 297 
SER C   O    doub N N 298 
SER C   OXT  sing N N 299 
SER CB  OG   sing N N 300 
SER CB  HB2  sing N N 301 
SER CB  HB3  sing N N 302 
SER OG  HG   sing N N 303 
SER OXT HXT  sing N N 304 
THR N   CA   sing N N 305 
THR N   H    sing N N 306 
THR N   H2   sing N N 307 
THR CA  C    sing N N 308 
THR CA  CB   sing N N 309 
THR CA  HA   sing N N 310 
THR C   O    doub N N 311 
THR C   OXT  sing N N 312 
THR CB  OG1  sing N N 313 
THR CB  CG2  sing N N 314 
THR CB  HB   sing N N 315 
THR OG1 HG1  sing N N 316 
THR CG2 HG21 sing N N 317 
THR CG2 HG22 sing N N 318 
THR CG2 HG23 sing N N 319 
THR OXT HXT  sing N N 320 
TRP N   CA   sing N N 321 
TRP N   H    sing N N 322 
TRP N   H2   sing N N 323 
TRP CA  C    sing N N 324 
TRP CA  CB   sing N N 325 
TRP CA  HA   sing N N 326 
TRP C   O    doub N N 327 
TRP C   OXT  sing N N 328 
TRP CB  CG   sing N N 329 
TRP CB  HB2  sing N N 330 
TRP CB  HB3  sing N N 331 
TRP CG  CD1  doub Y N 332 
TRP CG  CD2  sing Y N 333 
TRP CD1 NE1  sing Y N 334 
TRP CD1 HD1  sing N N 335 
TRP CD2 CE2  doub Y N 336 
TRP CD2 CE3  sing Y N 337 
TRP NE1 CE2  sing Y N 338 
TRP NE1 HE1  sing N N 339 
TRP CE2 CZ2  sing Y N 340 
TRP CE3 CZ3  doub Y N 341 
TRP CE3 HE3  sing N N 342 
TRP CZ2 CH2  doub Y N 343 
TRP CZ2 HZ2  sing N N 344 
TRP CZ3 CH2  sing Y N 345 
TRP CZ3 HZ3  sing N N 346 
TRP CH2 HH2  sing N N 347 
TRP OXT HXT  sing N N 348 
TYR N   CA   sing N N 349 
TYR N   H    sing N N 350 
TYR N   H2   sing N N 351 
TYR CA  C    sing N N 352 
TYR CA  CB   sing N N 353 
TYR CA  HA   sing N N 354 
TYR C   O    doub N N 355 
TYR C   OXT  sing N N 356 
TYR CB  CG   sing N N 357 
TYR CB  HB2  sing N N 358 
TYR CB  HB3  sing N N 359 
TYR CG  CD1  doub Y N 360 
TYR CG  CD2  sing Y N 361 
TYR CD1 CE1  sing Y N 362 
TYR CD1 HD1  sing N N 363 
TYR CD2 CE2  doub Y N 364 
TYR CD2 HD2  sing N N 365 
TYR CE1 CZ   doub Y N 366 
TYR CE1 HE1  sing N N 367 
TYR CE2 CZ   sing Y N 368 
TYR CE2 HE2  sing N N 369 
TYR CZ  OH   sing N N 370 
TYR OH  HH   sing N N 371 
TYR OXT HXT  sing N N 372 
VAL N   CA   sing N N 373 
VAL N   H    sing N N 374 
VAL N   H2   sing N N 375 
VAL CA  C    sing N N 376 
VAL CA  CB   sing N N 377 
VAL CA  HA   sing N N 378 
VAL C   O    doub N N 379 
VAL C   OXT  sing N N 380 
VAL CB  CG1  sing N N 381 
VAL CB  CG2  sing N N 382 
VAL CB  HB   sing N N 383 
VAL CG1 HG11 sing N N 384 
VAL CG1 HG12 sing N N 385 
VAL CG1 HG13 sing N N 386 
VAL CG2 HG21 sing N N 387 
VAL CG2 HG22 sing N N 388 
VAL CG2 HG23 sing N N 389 
VAL OXT HXT  sing N N 390 
# 
_pdbx_audit_support.funding_organization   'National Aeronautic Space Administration (NASA, United States)' 
_pdbx_audit_support.country                'United States' 
_pdbx_audit_support.grant_number           80NSSC19K0477 
_pdbx_audit_support.ordinal                1 
# 
_pdbx_entity_nonpoly.entity_id   2 
_pdbx_entity_nonpoly.name        'TETRAETHYLENE GLYCOL' 
_pdbx_entity_nonpoly.comp_id     PG4 
# 
_pdbx_struct_assembly_auth_evidence.id                     1 
_pdbx_struct_assembly_auth_evidence.assembly_id            1 
_pdbx_struct_assembly_auth_evidence.experimental_support   none 
_pdbx_struct_assembly_auth_evidence.details                . 
# 
_space_group.name_H-M_alt     'P 43 21 2' 
_space_group.name_Hall        'P 4nw 2abw' 
_space_group.IT_number        96 
_space_group.crystal_system   tetragonal 
_space_group.id               1 
# 
